data_2L2D
#
_entry.id   2L2D
#
_entity_poly.entity_id   1
_entity_poly.type   'polypeptide(L)'
_entity_poly.pdbx_seq_one_letter_code
;SAECWAALLHDPMTLDMDAVLSDFVRSTGAEPGLARDLLEGKNWDLTAALSDYEQLRQVHTANLPHVFNEGRG
;
_entity_poly.pdbx_strand_id   A
#
# COMPACT_ATOMS: atom_id res chain seq x y z
N SER A 1 29.42 -8.32 4.24
CA SER A 1 28.12 -8.53 4.90
C SER A 1 27.38 -7.18 5.07
N ALA A 2 26.46 -6.90 4.13
CA ALA A 2 25.63 -5.68 4.14
C ALA A 2 24.17 -6.04 3.85
N GLU A 3 23.22 -5.40 4.60
CA GLU A 3 21.75 -5.59 4.45
C GLU A 3 21.31 -7.06 4.73
N CYS A 4 22.21 -7.84 5.35
CA CYS A 4 21.98 -9.27 5.65
C CYS A 4 20.90 -9.45 6.74
N TRP A 5 20.87 -8.48 7.67
CA TRP A 5 20.01 -8.50 8.84
C TRP A 5 18.64 -7.88 8.47
N ALA A 6 18.63 -6.56 8.25
CA ALA A 6 17.40 -5.80 7.97
C ALA A 6 17.71 -4.58 7.08
N ALA A 7 18.54 -3.66 7.63
CA ALA A 7 18.83 -2.33 7.05
C ALA A 7 17.53 -1.50 6.95
N LEU A 8 17.25 -0.71 8.02
CA LEU A 8 15.99 0.05 8.16
C LEU A 8 15.96 1.18 7.11
N LEU A 9 15.32 0.90 5.97
CA LEU A 9 15.21 1.83 4.83
C LEU A 9 13.74 2.24 4.60
N HIS A 10 13.55 3.18 3.64
CA HIS A 10 12.22 3.59 3.11
C HIS A 10 11.40 4.43 4.13
N ASP A 11 12.01 4.75 5.28
CA ASP A 11 11.36 5.49 6.38
C ASP A 11 11.85 6.96 6.40
N PRO A 12 10.90 7.97 6.33
CA PRO A 12 11.26 9.42 6.39
C PRO A 12 11.87 9.84 7.74
N MET A 13 11.24 9.37 8.82
CA MET A 13 11.59 9.70 10.22
C MET A 13 10.70 8.86 11.15
N THR A 14 9.38 9.00 10.94
CA THR A 14 8.35 8.26 11.69
C THR A 14 7.13 8.02 10.78
N LEU A 15 6.60 9.12 10.18
CA LEU A 15 5.46 9.09 9.25
C LEU A 15 5.23 10.50 8.69
N ASP A 16 5.15 10.60 7.35
CA ASP A 16 4.75 11.83 6.64
C ASP A 16 3.60 11.44 5.71
N MET A 17 2.39 11.95 5.99
CA MET A 17 1.14 11.56 5.28
C MET A 17 1.25 11.68 3.75
N ASP A 18 1.90 12.76 3.28
CA ASP A 18 2.07 13.04 1.84
C ASP A 18 3.04 12.04 1.18
N ALA A 19 4.09 11.66 1.91
CA ALA A 19 5.10 10.66 1.44
C ALA A 19 4.48 9.25 1.38
N VAL A 20 3.70 8.93 2.42
CA VAL A 20 2.96 7.67 2.55
C VAL A 20 1.87 7.56 1.44
N LEU A 21 1.27 8.71 1.10
CA LEU A 21 0.24 8.84 0.06
C LEU A 21 0.85 8.55 -1.33
N SER A 22 1.93 9.28 -1.64
CA SER A 22 2.60 9.26 -2.94
C SER A 22 3.19 7.87 -3.25
N ASP A 23 3.85 7.27 -2.23
CA ASP A 23 4.48 5.95 -2.36
C ASP A 23 3.43 4.85 -2.56
N PHE A 24 2.29 4.95 -1.83
CA PHE A 24 1.18 3.98 -1.99
C PHE A 24 0.72 3.94 -3.46
N VAL A 25 0.41 5.12 -4.00
CA VAL A 25 -0.04 5.31 -5.40
C VAL A 25 1.02 4.77 -6.41
N ARG A 26 2.29 4.97 -6.06
CA ARG A 26 3.45 4.56 -6.86
C ARG A 26 3.67 3.02 -6.81
N SER A 27 3.33 2.41 -5.67
CA SER A 27 3.64 1.01 -5.36
C SER A 27 2.46 0.06 -5.72
N THR A 28 1.22 0.60 -5.71
CA THR A 28 0.00 -0.21 -5.94
C THR A 28 -0.66 0.11 -7.29
N GLY A 29 -0.46 1.35 -7.78
CA GLY A 29 -1.12 1.82 -9.01
C GLY A 29 -2.52 2.39 -8.76
N ALA A 30 -2.89 2.53 -7.47
CA ALA A 30 -4.21 3.08 -7.04
C ALA A 30 -4.24 4.60 -7.22
N GLU A 31 -5.46 5.20 -7.21
CA GLU A 31 -5.62 6.67 -7.34
C GLU A 31 -5.32 7.33 -5.97
N PRO A 32 -4.93 8.65 -5.94
CA PRO A 32 -4.58 9.37 -4.67
C PRO A 32 -5.76 9.48 -3.67
N GLY A 33 -6.99 9.59 -4.18
CA GLY A 33 -8.19 9.67 -3.33
C GLY A 33 -8.44 8.36 -2.57
N LEU A 34 -8.39 7.26 -3.34
CA LEU A 34 -8.52 5.88 -2.81
C LEU A 34 -7.38 5.57 -1.82
N ALA A 35 -6.18 6.07 -2.17
CA ALA A 35 -4.96 5.90 -1.37
C ALA A 35 -5.16 6.51 0.04
N ARG A 36 -5.51 7.81 0.05
CA ARG A 36 -5.78 8.58 1.28
C ARG A 36 -6.84 7.90 2.16
N ASP A 37 -7.92 7.41 1.51
CA ASP A 37 -9.07 6.79 2.21
C ASP A 37 -8.66 5.48 2.92
N LEU A 38 -7.95 4.59 2.18
CA LEU A 38 -7.41 3.32 2.73
C LEU A 38 -6.46 3.61 3.89
N LEU A 39 -5.55 4.57 3.66
CA LEU A 39 -4.50 4.98 4.62
C LEU A 39 -5.10 5.46 5.95
N GLU A 40 -6.18 6.26 5.91
CA GLU A 40 -6.88 6.72 7.14
C GLU A 40 -7.44 5.52 7.93
N GLY A 41 -7.91 4.50 7.18
CA GLY A 41 -8.44 3.26 7.76
C GLY A 41 -7.34 2.30 8.27
N LYS A 42 -6.06 2.56 7.89
CA LYS A 42 -4.89 1.76 8.35
C LYS A 42 -4.02 2.54 9.35
N ASN A 43 -4.47 3.75 9.77
CA ASN A 43 -3.72 4.67 10.68
C ASN A 43 -2.44 5.20 9.97
N TRP A 44 -2.46 5.18 8.63
CA TRP A 44 -1.42 5.69 7.71
C TRP A 44 -0.15 4.82 7.76
N ASP A 45 -0.32 3.59 8.27
CA ASP A 45 0.68 2.52 8.19
C ASP A 45 0.78 2.07 6.73
N LEU A 46 1.85 2.55 6.07
CA LEU A 46 2.10 2.38 4.63
C LEU A 46 2.02 0.91 4.20
N THR A 47 2.84 0.06 4.84
CA THR A 47 2.98 -1.37 4.48
C THR A 47 1.67 -2.14 4.70
N ALA A 48 0.91 -1.73 5.74
CA ALA A 48 -0.41 -2.34 6.07
C ALA A 48 -1.44 -2.06 4.96
N ALA A 49 -1.41 -0.83 4.43
CA ALA A 49 -2.29 -0.39 3.32
C ALA A 49 -1.91 -1.10 2.02
N LEU A 50 -0.58 -1.20 1.77
CA LEU A 50 -0.01 -1.89 0.58
C LEU A 50 -0.47 -3.36 0.56
N SER A 51 -0.35 -4.01 1.74
CA SER A 51 -0.68 -5.44 1.93
C SER A 51 -2.20 -5.70 1.85
N ASP A 52 -3.00 -4.71 2.31
CA ASP A 52 -4.48 -4.80 2.27
C ASP A 52 -4.98 -4.74 0.80
N TYR A 53 -4.50 -3.73 0.08
CA TYR A 53 -4.86 -3.48 -1.33
C TYR A 53 -4.48 -4.68 -2.20
N GLU A 54 -3.23 -5.16 -2.06
CA GLU A 54 -2.73 -6.27 -2.88
C GLU A 54 -3.46 -7.58 -2.51
N GLN A 55 -3.93 -7.70 -1.24
CA GLN A 55 -4.68 -8.89 -0.76
C GLN A 55 -6.03 -9.03 -1.49
N LEU A 56 -6.80 -7.93 -1.54
CA LEU A 56 -8.10 -7.89 -2.25
C LEU A 56 -7.88 -7.93 -3.79
N ARG A 57 -6.62 -7.71 -4.22
CA ARG A 57 -6.20 -7.89 -5.62
C ARG A 57 -5.73 -9.34 -5.92
N GLN A 58 -5.29 -10.09 -4.87
CA GLN A 58 -4.81 -11.50 -5.05
C GLN A 58 -5.99 -12.44 -5.36
N VAL A 59 -6.94 -12.50 -4.42
CA VAL A 59 -8.11 -13.42 -4.47
C VAL A 59 -7.62 -14.89 -4.51
N HIS A 60 -7.31 -15.46 -3.32
CA HIS A 60 -6.67 -16.79 -3.21
C HIS A 60 -7.74 -17.92 -3.23
N THR A 61 -8.09 -18.37 -4.48
CA THR A 61 -9.05 -19.47 -4.73
C THR A 61 -10.43 -19.19 -4.05
N ALA A 62 -10.79 -17.90 -4.03
CA ALA A 62 -12.02 -17.40 -3.38
C ALA A 62 -13.21 -17.40 -4.36
N ASN A 63 -12.93 -17.19 -5.65
CA ASN A 63 -13.95 -17.17 -6.72
C ASN A 63 -14.15 -18.59 -7.27
N LEU A 64 -13.06 -19.22 -7.68
CA LEU A 64 -13.08 -20.59 -8.26
C LEU A 64 -12.90 -21.65 -7.14
N PRO A 65 -13.60 -22.83 -7.24
CA PRO A 65 -13.51 -23.93 -6.24
C PRO A 65 -12.06 -24.41 -5.95
N HIS A 66 -11.28 -24.66 -7.03
CA HIS A 66 -9.92 -25.20 -6.92
C HIS A 66 -9.03 -24.69 -8.10
N VAL A 67 -8.23 -23.64 -7.81
CA VAL A 67 -7.28 -23.05 -8.78
C VAL A 67 -5.94 -23.79 -8.65
N PHE A 68 -5.65 -24.69 -9.61
CA PHE A 68 -4.39 -25.47 -9.62
C PHE A 68 -3.83 -25.53 -11.05
N ASN A 69 -2.95 -24.56 -11.35
CA ASN A 69 -2.10 -24.58 -12.56
C ASN A 69 -0.77 -25.29 -12.20
N GLU A 70 0.09 -25.56 -13.21
CA GLU A 70 1.47 -26.07 -12.98
C GLU A 70 2.29 -24.98 -12.24
N GLY A 71 2.24 -25.03 -10.89
CA GLY A 71 2.83 -24.00 -10.03
C GLY A 71 3.97 -24.54 -9.17
N ARG A 72 4.74 -23.64 -8.54
CA ARG A 72 5.93 -23.99 -7.73
C ARG A 72 5.67 -23.68 -6.24
N GLY A 73 6.06 -24.61 -5.36
CA GLY A 73 5.96 -24.41 -3.91
C GLY A 73 5.74 -25.72 -3.14
N SER A 1 6.88 24.59 -9.89
CA SER A 1 6.48 23.16 -9.81
C SER A 1 7.71 22.31 -9.40
N ALA A 2 7.89 22.16 -8.07
CA ALA A 2 9.01 21.38 -7.50
C ALA A 2 8.69 19.88 -7.57
N GLU A 3 7.44 19.55 -7.17
CA GLU A 3 6.92 18.16 -7.05
C GLU A 3 7.80 17.36 -6.07
N CYS A 4 7.37 17.31 -4.79
CA CYS A 4 8.14 16.67 -3.70
C CYS A 4 8.12 15.12 -3.82
N TRP A 5 8.93 14.63 -4.77
CA TRP A 5 9.20 13.21 -4.96
C TRP A 5 10.64 12.94 -4.52
N ALA A 6 10.89 13.24 -3.23
CA ALA A 6 12.20 13.05 -2.57
C ALA A 6 12.62 11.58 -2.66
N ALA A 7 11.66 10.69 -2.33
CA ALA A 7 11.78 9.22 -2.45
C ALA A 7 12.95 8.69 -1.60
N LEU A 8 12.65 8.37 -0.34
CA LEU A 8 13.62 7.85 0.62
C LEU A 8 13.11 6.51 1.19
N LEU A 9 14.04 5.65 1.61
CA LEU A 9 13.74 4.28 2.07
C LEU A 9 13.37 4.27 3.60
N HIS A 10 12.56 5.29 4.00
CA HIS A 10 11.99 5.38 5.34
C HIS A 10 10.99 6.57 5.39
N ASP A 11 11.40 7.73 5.99
CA ASP A 11 10.54 8.94 6.16
C ASP A 11 11.37 10.01 6.94
N PRO A 12 10.99 11.35 6.91
CA PRO A 12 11.68 12.41 7.69
C PRO A 12 11.82 12.14 9.22
N MET A 13 10.68 11.99 9.92
CA MET A 13 10.63 12.01 11.42
C MET A 13 10.10 10.68 11.99
N THR A 14 8.84 10.36 11.67
CA THR A 14 8.08 9.23 12.26
C THR A 14 7.01 8.74 11.27
N LEU A 15 6.41 9.70 10.53
CA LEU A 15 5.46 9.44 9.44
C LEU A 15 5.20 10.78 8.73
N ASP A 16 5.16 10.75 7.39
CA ASP A 16 4.85 11.94 6.56
C ASP A 16 3.72 11.55 5.60
N MET A 17 2.52 12.12 5.81
CA MET A 17 1.30 11.76 5.05
C MET A 17 1.47 11.90 3.53
N ASP A 18 2.21 12.95 3.10
CA ASP A 18 2.40 13.26 1.66
C ASP A 18 3.34 12.22 1.02
N ALA A 19 4.38 11.82 1.78
CA ALA A 19 5.38 10.83 1.32
C ALA A 19 4.76 9.42 1.26
N VAL A 20 3.95 9.10 2.28
CA VAL A 20 3.24 7.81 2.41
C VAL A 20 2.15 7.69 1.31
N LEU A 21 1.52 8.83 0.95
CA LEU A 21 0.52 8.89 -0.13
C LEU A 21 1.20 8.65 -1.48
N SER A 22 2.32 9.36 -1.71
CA SER A 22 3.10 9.30 -2.96
C SER A 22 3.63 7.88 -3.21
N ASP A 23 4.19 7.28 -2.14
CA ASP A 23 4.76 5.94 -2.17
C ASP A 23 3.65 4.91 -2.47
N PHE A 24 2.56 4.96 -1.66
CA PHE A 24 1.44 4.00 -1.74
C PHE A 24 0.86 3.91 -3.16
N VAL A 25 0.41 5.07 -3.68
CA VAL A 25 -0.22 5.18 -5.03
C VAL A 25 0.68 4.54 -6.12
N ARG A 26 1.98 4.85 -6.03
CA ARG A 26 2.98 4.35 -6.99
C ARG A 26 3.27 2.83 -6.77
N SER A 27 3.19 2.38 -5.49
CA SER A 27 3.56 0.99 -5.10
C SER A 27 2.40 0.00 -5.22
N THR A 28 1.16 0.50 -5.43
CA THR A 28 -0.05 -0.33 -5.51
C THR A 28 -0.75 -0.22 -6.87
N GLY A 29 -0.72 0.98 -7.45
CA GLY A 29 -1.52 1.30 -8.63
C GLY A 29 -2.94 1.76 -8.27
N ALA A 30 -3.09 2.23 -7.01
CA ALA A 30 -4.34 2.86 -6.52
C ALA A 30 -4.43 4.33 -6.99
N GLU A 31 -5.60 4.95 -6.84
CA GLU A 31 -5.79 6.38 -7.14
C GLU A 31 -5.65 7.19 -5.82
N PRO A 32 -5.30 8.52 -5.85
CA PRO A 32 -5.00 9.33 -4.61
C PRO A 32 -6.19 9.40 -3.61
N GLY A 33 -7.42 9.35 -4.14
CA GLY A 33 -8.63 9.35 -3.31
C GLY A 33 -8.79 8.06 -2.52
N LEU A 34 -8.74 6.94 -3.27
CA LEU A 34 -8.80 5.57 -2.70
C LEU A 34 -7.60 5.30 -1.78
N ALA A 35 -6.47 5.94 -2.12
CA ALA A 35 -5.21 5.81 -1.40
C ALA A 35 -5.33 6.42 0.00
N ARG A 36 -5.78 7.69 0.03
CA ARG A 36 -6.05 8.43 1.27
C ARG A 36 -7.04 7.66 2.18
N ASP A 37 -8.08 7.07 1.54
CA ASP A 37 -9.09 6.23 2.22
C ASP A 37 -8.44 5.04 2.97
N LEU A 38 -7.72 4.21 2.20
CA LEU A 38 -7.09 2.97 2.70
C LEU A 38 -6.03 3.30 3.78
N LEU A 39 -5.21 4.33 3.50
CA LEU A 39 -4.15 4.78 4.41
C LEU A 39 -4.74 5.19 5.78
N GLU A 40 -5.72 6.10 5.78
CA GLU A 40 -6.39 6.55 7.04
C GLU A 40 -7.09 5.37 7.76
N GLY A 41 -7.59 4.40 6.98
CA GLY A 41 -8.18 3.18 7.52
C GLY A 41 -7.16 2.26 8.21
N LYS A 42 -5.87 2.44 7.86
CA LYS A 42 -4.74 1.69 8.47
C LYS A 42 -3.88 2.60 9.39
N ASN A 43 -4.41 3.81 9.72
CA ASN A 43 -3.75 4.81 10.61
C ASN A 43 -2.49 5.41 9.92
N TRP A 44 -2.62 5.64 8.59
CA TRP A 44 -1.51 6.03 7.67
C TRP A 44 -0.30 5.06 7.69
N ASP A 45 -0.48 3.85 8.26
CA ASP A 45 0.56 2.81 8.25
C ASP A 45 0.68 2.27 6.82
N LEU A 46 1.76 2.70 6.15
CA LEU A 46 2.05 2.39 4.73
C LEU A 46 1.94 0.87 4.47
N THR A 47 2.63 0.09 5.31
CA THR A 47 2.78 -1.36 5.14
C THR A 47 1.42 -2.10 5.13
N ALA A 48 0.54 -1.74 6.08
CA ALA A 48 -0.78 -2.36 6.26
C ALA A 48 -1.71 -2.06 5.07
N ALA A 49 -1.60 -0.83 4.56
CA ALA A 49 -2.40 -0.36 3.43
C ALA A 49 -1.98 -1.06 2.12
N LEU A 50 -0.64 -1.19 1.93
CA LEU A 50 -0.04 -1.92 0.78
C LEU A 50 -0.58 -3.35 0.76
N SER A 51 -0.52 -3.99 1.95
CA SER A 51 -0.93 -5.39 2.16
C SER A 51 -2.44 -5.59 1.87
N ASP A 52 -3.24 -4.55 2.19
CA ASP A 52 -4.70 -4.58 2.00
C ASP A 52 -5.06 -4.48 0.50
N TYR A 53 -4.34 -3.62 -0.24
CA TYR A 53 -4.64 -3.38 -1.66
C TYR A 53 -4.17 -4.55 -2.53
N GLU A 54 -2.99 -5.10 -2.22
CA GLU A 54 -2.44 -6.28 -2.94
C GLU A 54 -3.30 -7.52 -2.63
N GLN A 55 -4.01 -7.52 -1.47
CA GLN A 55 -4.98 -8.57 -1.10
C GLN A 55 -6.20 -8.49 -2.06
N LEU A 56 -6.77 -7.27 -2.24
CA LEU A 56 -7.96 -7.07 -3.11
C LEU A 56 -7.60 -7.17 -4.61
N ARG A 57 -6.29 -7.17 -4.93
CA ARG A 57 -5.80 -7.44 -6.30
C ARG A 57 -5.82 -8.95 -6.59
N GLN A 58 -5.41 -9.75 -5.59
CA GLN A 58 -5.42 -11.23 -5.69
C GLN A 58 -6.84 -11.79 -5.46
N VAL A 59 -7.63 -11.02 -4.68
CA VAL A 59 -8.95 -11.42 -4.13
C VAL A 59 -8.89 -12.85 -3.55
N HIS A 60 -8.22 -12.97 -2.39
CA HIS A 60 -7.99 -14.28 -1.69
C HIS A 60 -9.32 -14.95 -1.30
N THR A 61 -10.33 -14.13 -1.01
CA THR A 61 -11.66 -14.57 -0.60
C THR A 61 -12.50 -15.13 -1.78
N ALA A 62 -11.98 -15.02 -3.02
CA ALA A 62 -12.64 -15.55 -4.24
C ALA A 62 -12.29 -17.03 -4.45
N ASN A 63 -13.22 -17.75 -5.09
CA ASN A 63 -13.02 -19.16 -5.49
C ASN A 63 -13.00 -19.25 -7.01
N LEU A 64 -11.79 -19.17 -7.59
CA LEU A 64 -11.57 -19.41 -9.03
C LEU A 64 -11.35 -20.93 -9.26
N PRO A 65 -11.90 -21.51 -10.38
CA PRO A 65 -11.51 -22.86 -10.87
C PRO A 65 -9.97 -23.01 -10.94
N HIS A 66 -9.30 -21.94 -11.42
CA HIS A 66 -7.83 -21.83 -11.38
C HIS A 66 -7.39 -21.56 -9.92
N VAL A 67 -7.00 -22.63 -9.23
CA VAL A 67 -6.57 -22.58 -7.83
C VAL A 67 -5.26 -21.78 -7.68
N PHE A 68 -5.42 -20.49 -7.34
CA PHE A 68 -4.32 -19.52 -7.18
C PHE A 68 -3.68 -19.65 -5.77
N ASN A 69 -3.08 -20.84 -5.52
CA ASN A 69 -2.53 -21.26 -4.21
C ASN A 69 -3.64 -21.35 -3.14
N GLU A 70 -4.20 -22.57 -2.98
CA GLU A 70 -5.24 -22.85 -1.97
C GLU A 70 -4.70 -22.62 -0.55
N GLY A 71 -5.25 -21.60 0.12
CA GLY A 71 -4.82 -21.22 1.45
C GLY A 71 -5.93 -20.50 2.21
N ARG A 72 -5.83 -20.59 3.54
CA ARG A 72 -6.77 -19.92 4.48
C ARG A 72 -6.11 -19.85 5.89
N GLY A 73 -4.79 -20.07 5.93
CA GLY A 73 -4.00 -20.05 7.17
C GLY A 73 -3.37 -18.68 7.45
N SER A 1 13.68 9.91 -18.25
CA SER A 1 15.13 10.12 -18.07
C SER A 1 15.61 9.42 -16.79
N ALA A 2 14.99 9.78 -15.66
CA ALA A 2 15.27 9.17 -14.34
C ALA A 2 13.96 9.09 -13.52
N GLU A 3 13.51 10.28 -13.02
CA GLU A 3 12.23 10.45 -12.27
C GLU A 3 12.09 9.52 -11.03
N CYS A 4 13.19 8.91 -10.57
CA CYS A 4 13.18 7.92 -9.47
C CYS A 4 14.41 8.13 -8.59
N TRP A 5 14.19 8.26 -7.27
CA TRP A 5 15.26 8.54 -6.30
C TRP A 5 15.12 7.61 -5.07
N ALA A 6 15.42 6.32 -5.28
CA ALA A 6 15.34 5.28 -4.24
C ALA A 6 16.60 5.29 -3.33
N ALA A 7 17.59 6.14 -3.70
CA ALA A 7 18.83 6.34 -2.93
C ALA A 7 18.57 7.09 -1.60
N LEU A 8 17.47 7.87 -1.56
CA LEU A 8 17.08 8.72 -0.42
C LEU A 8 16.35 7.90 0.67
N LEU A 9 16.01 8.55 1.79
CA LEU A 9 15.17 7.95 2.85
C LEU A 9 13.71 7.79 2.39
N HIS A 10 12.96 6.91 3.06
CA HIS A 10 11.59 6.53 2.65
C HIS A 10 10.55 7.45 3.30
N ASP A 11 10.88 7.99 4.49
CA ASP A 11 10.03 8.96 5.20
C ASP A 11 10.91 10.12 5.73
N PRO A 12 10.55 11.43 5.40
CA PRO A 12 11.36 12.63 5.78
C PRO A 12 11.63 12.82 7.30
N MET A 13 10.78 12.23 8.17
CA MET A 13 10.89 12.46 9.63
C MET A 13 10.34 11.27 10.44
N THR A 14 9.00 11.18 10.59
CA THR A 14 8.33 10.20 11.47
C THR A 14 7.02 9.71 10.83
N LEU A 15 6.32 10.64 10.16
CA LEU A 15 5.13 10.35 9.36
C LEU A 15 4.83 11.58 8.49
N ASP A 16 5.18 11.49 7.21
CA ASP A 16 4.79 12.49 6.21
C ASP A 16 3.71 11.88 5.33
N MET A 17 2.46 12.26 5.59
CA MET A 17 1.27 11.67 4.93
C MET A 17 1.28 11.88 3.40
N ASP A 18 1.96 12.93 2.93
CA ASP A 18 2.12 13.22 1.49
C ASP A 18 3.07 12.18 0.86
N ALA A 19 4.17 11.87 1.56
CA ALA A 19 5.17 10.88 1.13
C ALA A 19 4.61 9.45 1.17
N VAL A 20 3.82 9.17 2.23
CA VAL A 20 3.15 7.87 2.44
C VAL A 20 2.10 7.63 1.34
N LEU A 21 1.33 8.69 1.01
CA LEU A 21 0.31 8.65 -0.04
C LEU A 21 0.96 8.46 -1.42
N SER A 22 2.04 9.23 -1.66
CA SER A 22 2.77 9.24 -2.94
C SER A 22 3.39 7.87 -3.21
N ASP A 23 3.96 7.26 -2.15
CA ASP A 23 4.70 5.98 -2.25
C ASP A 23 3.74 4.82 -2.55
N PHE A 24 2.54 4.87 -1.92
CA PHE A 24 1.44 3.91 -2.17
C PHE A 24 1.06 3.94 -3.66
N VAL A 25 0.74 5.14 -4.15
CA VAL A 25 0.29 5.38 -5.54
C VAL A 25 1.42 5.08 -6.56
N ARG A 26 2.68 5.26 -6.12
CA ARG A 26 3.87 5.02 -6.95
C ARG A 26 4.15 3.52 -7.08
N SER A 27 3.82 2.77 -6.02
CA SER A 27 4.08 1.32 -5.93
C SER A 27 2.96 0.52 -6.65
N THR A 28 1.72 0.74 -6.19
CA THR A 28 0.55 -0.04 -6.63
C THR A 28 -0.06 0.52 -7.93
N GLY A 29 0.14 1.84 -8.17
CA GLY A 29 -0.49 2.54 -9.28
C GLY A 29 -1.96 2.84 -9.03
N ALA A 30 -2.38 2.81 -7.75
CA ALA A 30 -3.77 3.02 -7.34
C ALA A 30 -4.15 4.51 -7.31
N GLU A 31 -5.47 4.78 -7.24
CA GLU A 31 -6.02 6.13 -7.10
C GLU A 31 -5.54 6.77 -5.76
N PRO A 32 -5.11 8.08 -5.74
CA PRO A 32 -4.67 8.76 -4.48
C PRO A 32 -5.83 8.95 -3.46
N GLY A 33 -7.07 9.11 -3.97
CA GLY A 33 -8.26 9.19 -3.11
C GLY A 33 -8.56 7.86 -2.43
N LEU A 34 -8.43 6.78 -3.23
CA LEU A 34 -8.59 5.38 -2.75
C LEU A 34 -7.52 5.06 -1.70
N ALA A 35 -6.27 5.44 -2.06
CA ALA A 35 -5.06 5.17 -1.27
C ALA A 35 -5.16 5.80 0.12
N ARG A 36 -5.51 7.10 0.12
CA ARG A 36 -5.72 7.92 1.34
C ARG A 36 -6.77 7.29 2.26
N ASP A 37 -7.89 6.82 1.68
CA ASP A 37 -8.98 6.15 2.43
C ASP A 37 -8.47 4.87 3.14
N LEU A 38 -7.73 4.03 2.37
CA LEU A 38 -7.16 2.75 2.88
C LEU A 38 -6.11 3.03 3.97
N LEU A 39 -5.35 4.12 3.78
CA LEU A 39 -4.30 4.55 4.72
C LEU A 39 -4.92 4.96 6.06
N GLU A 40 -5.91 5.88 6.03
CA GLU A 40 -6.60 6.40 7.24
C GLU A 40 -7.16 5.26 8.11
N GLY A 41 -7.78 4.26 7.44
CA GLY A 41 -8.32 3.08 8.10
C GLY A 41 -7.25 2.23 8.79
N LYS A 42 -6.02 2.24 8.24
CA LYS A 42 -4.88 1.50 8.80
C LYS A 42 -3.96 2.41 9.67
N ASN A 43 -4.46 3.63 10.02
CA ASN A 43 -3.74 4.63 10.89
C ASN A 43 -2.51 5.23 10.17
N TRP A 44 -2.64 5.36 8.83
CA TRP A 44 -1.57 5.81 7.89
C TRP A 44 -0.34 4.88 7.90
N ASP A 45 -0.55 3.63 8.37
CA ASP A 45 0.41 2.55 8.22
C ASP A 45 0.46 2.13 6.75
N LEU A 46 1.49 2.65 6.05
CA LEU A 46 1.70 2.43 4.60
C LEU A 46 1.68 0.94 4.25
N THR A 47 2.50 0.16 4.96
CA THR A 47 2.71 -1.27 4.69
C THR A 47 1.42 -2.10 4.89
N ALA A 48 0.63 -1.71 5.91
CA ALA A 48 -0.67 -2.36 6.23
C ALA A 48 -1.74 -2.05 5.17
N ALA A 49 -1.69 -0.82 4.62
CA ALA A 49 -2.63 -0.38 3.56
C ALA A 49 -2.24 -0.98 2.20
N LEU A 50 -0.92 -1.15 1.97
CA LEU A 50 -0.37 -1.87 0.80
C LEU A 50 -0.86 -3.33 0.82
N SER A 51 -0.76 -3.95 2.03
CA SER A 51 -1.20 -5.34 2.28
C SER A 51 -2.72 -5.48 2.10
N ASP A 52 -3.46 -4.40 2.41
CA ASP A 52 -4.93 -4.36 2.29
C ASP A 52 -5.36 -4.26 0.82
N TYR A 53 -4.65 -3.41 0.06
CA TYR A 53 -4.92 -3.20 -1.37
C TYR A 53 -4.58 -4.46 -2.19
N GLU A 54 -3.39 -5.04 -1.90
CA GLU A 54 -2.92 -6.25 -2.62
C GLU A 54 -3.79 -7.46 -2.24
N GLN A 55 -4.41 -7.41 -1.03
CA GLN A 55 -5.39 -8.43 -0.55
C GLN A 55 -6.61 -8.49 -1.48
N LEU A 56 -7.24 -7.32 -1.72
CA LEU A 56 -8.45 -7.22 -2.56
C LEU A 56 -8.12 -7.38 -4.05
N ARG A 57 -6.85 -7.16 -4.41
CA ARG A 57 -6.33 -7.41 -5.79
C ARG A 57 -5.83 -8.85 -5.96
N GLN A 58 -5.58 -9.56 -4.84
CA GLN A 58 -5.06 -10.94 -4.85
C GLN A 58 -6.14 -11.90 -5.37
N VAL A 59 -7.35 -11.78 -4.75
CA VAL A 59 -8.57 -12.53 -5.15
C VAL A 59 -8.32 -14.06 -5.13
N HIS A 60 -8.47 -14.66 -3.94
CA HIS A 60 -8.29 -16.12 -3.73
C HIS A 60 -9.58 -16.76 -3.20
N THR A 61 -10.09 -16.31 -2.03
CA THR A 61 -11.35 -16.83 -1.47
C THR A 61 -12.57 -16.25 -2.24
N ALA A 62 -12.35 -15.09 -2.90
CA ALA A 62 -13.35 -14.44 -3.77
C ALA A 62 -13.19 -14.88 -5.24
N ASN A 63 -12.28 -15.85 -5.50
CA ASN A 63 -11.98 -16.34 -6.86
C ASN A 63 -12.80 -17.59 -7.18
N LEU A 64 -13.12 -17.75 -8.47
CA LEU A 64 -13.76 -18.97 -9.01
C LEU A 64 -12.67 -20.04 -9.36
N PRO A 65 -13.03 -21.37 -9.37
CA PRO A 65 -12.10 -22.46 -9.76
C PRO A 65 -11.71 -22.40 -11.26
N HIS A 66 -10.75 -21.50 -11.58
CA HIS A 66 -10.20 -21.33 -12.93
C HIS A 66 -8.72 -20.95 -12.82
N VAL A 67 -7.84 -21.96 -12.89
CA VAL A 67 -6.40 -21.76 -13.00
C VAL A 67 -6.07 -21.17 -14.39
N PHE A 68 -5.20 -20.16 -14.39
CA PHE A 68 -4.89 -19.38 -15.59
C PHE A 68 -3.84 -20.14 -16.44
N ASN A 69 -4.31 -21.20 -17.12
CA ASN A 69 -3.51 -22.02 -18.06
C ASN A 69 -3.75 -21.49 -19.47
N GLU A 70 -2.78 -20.73 -19.99
CA GLU A 70 -2.92 -19.99 -21.25
C GLU A 70 -2.82 -20.93 -22.46
N GLY A 71 -3.93 -21.04 -23.21
CA GLY A 71 -3.93 -21.72 -24.51
C GLY A 71 -3.22 -20.88 -25.56
N ARG A 72 -1.87 -20.93 -25.53
CA ARG A 72 -0.96 -20.09 -26.35
C ARG A 72 -1.05 -18.61 -25.94
N GLY A 73 -0.08 -18.19 -25.11
CA GLY A 73 -0.03 -16.80 -24.61
C GLY A 73 0.73 -15.86 -25.56
N SER A 1 14.34 3.02 1.83
CA SER A 1 13.57 4.23 1.56
C SER A 1 14.29 5.47 2.10
N ALA A 2 15.14 6.06 1.24
CA ALA A 2 15.70 7.41 1.43
C ALA A 2 14.98 8.42 0.52
N GLU A 3 14.10 7.88 -0.36
CA GLU A 3 13.33 8.62 -1.37
C GLU A 3 12.54 9.79 -0.74
N CYS A 4 11.61 9.43 0.15
CA CYS A 4 10.81 10.40 0.91
C CYS A 4 11.48 10.66 2.27
N TRP A 5 12.03 11.88 2.44
CA TRP A 5 12.63 12.32 3.71
C TRP A 5 11.53 12.41 4.79
N ALA A 6 11.36 11.27 5.48
CA ALA A 6 10.34 11.05 6.50
C ALA A 6 10.61 9.68 7.14
N ALA A 7 10.98 8.71 6.28
CA ALA A 7 11.47 7.38 6.70
C ALA A 7 12.76 7.52 7.55
N LEU A 8 13.02 6.52 8.41
CA LEU A 8 14.00 6.58 9.53
C LEU A 8 13.47 7.51 10.66
N LEU A 9 14.05 7.38 11.87
CA LEU A 9 13.61 8.10 13.08
C LEU A 9 13.78 9.62 12.90
N HIS A 10 12.64 10.32 12.68
CA HIS A 10 12.59 11.78 12.45
C HIS A 10 11.42 12.40 13.21
N ASP A 11 11.66 12.78 14.50
CA ASP A 11 10.68 13.50 15.36
C ASP A 11 9.45 12.60 15.72
N PRO A 12 8.50 13.03 16.65
CA PRO A 12 7.23 12.28 16.91
C PRO A 12 6.34 12.16 15.64
N MET A 13 6.59 13.04 14.65
CA MET A 13 5.96 13.00 13.33
C MET A 13 6.96 12.48 12.28
N THR A 14 7.34 11.19 12.43
CA THR A 14 8.19 10.48 11.45
C THR A 14 7.34 10.05 10.23
N LEU A 15 6.04 9.85 10.48
CA LEU A 15 5.04 9.60 9.44
C LEU A 15 4.72 10.95 8.79
N ASP A 16 4.70 10.97 7.46
CA ASP A 16 4.31 12.15 6.67
C ASP A 16 3.21 11.73 5.68
N MET A 17 1.98 12.25 5.86
CA MET A 17 0.80 11.84 5.06
C MET A 17 1.02 11.96 3.54
N ASP A 18 1.74 13.02 3.12
CA ASP A 18 2.05 13.30 1.70
C ASP A 18 3.03 12.24 1.14
N ALA A 19 4.02 11.87 1.96
CA ALA A 19 5.06 10.89 1.60
C ALA A 19 4.46 9.48 1.46
N VAL A 20 3.66 9.10 2.47
CA VAL A 20 3.02 7.77 2.55
C VAL A 20 2.00 7.59 1.40
N LEU A 21 1.28 8.68 1.09
CA LEU A 21 0.28 8.71 -0.01
C LEU A 21 0.97 8.50 -1.36
N SER A 22 2.03 9.28 -1.60
CA SER A 22 2.78 9.27 -2.87
C SER A 22 3.45 7.90 -3.09
N ASP A 23 4.03 7.35 -2.02
CA ASP A 23 4.80 6.10 -2.07
C ASP A 23 3.85 4.89 -2.18
N PHE A 24 2.64 5.03 -1.61
CA PHE A 24 1.57 4.01 -1.76
C PHE A 24 1.20 3.89 -3.25
N VAL A 25 0.77 5.00 -3.84
CA VAL A 25 0.33 5.10 -5.26
C VAL A 25 1.47 4.68 -6.23
N ARG A 26 2.70 4.95 -5.82
CA ARG A 26 3.94 4.55 -6.53
C ARG A 26 4.08 3.01 -6.56
N SER A 27 3.80 2.37 -5.42
CA SER A 27 4.00 0.91 -5.23
C SER A 27 2.80 0.07 -5.69
N THR A 28 1.59 0.67 -5.65
CA THR A 28 0.32 -0.06 -5.87
C THR A 28 -0.29 0.26 -7.25
N GLY A 29 -0.04 1.48 -7.75
CA GLY A 29 -0.72 1.99 -8.93
C GLY A 29 -2.17 2.39 -8.66
N ALA A 30 -2.46 2.73 -7.39
CA ALA A 30 -3.79 3.15 -6.92
C ALA A 30 -4.15 4.57 -7.40
N GLU A 31 -5.44 4.91 -7.31
CA GLU A 31 -5.90 6.29 -7.52
C GLU A 31 -5.73 7.06 -6.17
N PRO A 32 -5.57 8.42 -6.19
CA PRO A 32 -5.28 9.21 -4.95
C PRO A 32 -6.37 9.06 -3.86
N GLY A 33 -7.64 8.99 -4.29
CA GLY A 33 -8.78 8.87 -3.37
C GLY A 33 -8.81 7.55 -2.62
N LEU A 34 -8.69 6.45 -3.40
CA LEU A 34 -8.63 5.06 -2.87
C LEU A 34 -7.45 4.91 -1.90
N ALA A 35 -6.31 5.46 -2.33
CA ALA A 35 -5.04 5.39 -1.61
C ALA A 35 -5.15 5.97 -0.18
N ARG A 36 -5.57 7.25 -0.14
CA ARG A 36 -5.74 8.00 1.11
C ARG A 36 -6.79 7.35 2.03
N ASP A 37 -7.86 6.80 1.41
CA ASP A 37 -8.97 6.12 2.13
C ASP A 37 -8.44 4.87 2.89
N LEU A 38 -7.64 4.05 2.18
CA LEU A 38 -7.07 2.78 2.74
C LEU A 38 -6.06 3.10 3.84
N LEU A 39 -5.29 4.17 3.61
CA LEU A 39 -4.28 4.66 4.55
C LEU A 39 -4.95 5.09 5.87
N GLU A 40 -6.04 5.88 5.80
CA GLU A 40 -6.77 6.34 7.02
C GLU A 40 -7.27 5.15 7.87
N GLY A 41 -7.67 4.06 7.19
CA GLY A 41 -8.09 2.82 7.85
C GLY A 41 -6.94 2.11 8.56
N LYS A 42 -5.72 2.29 8.03
CA LYS A 42 -4.49 1.66 8.56
C LYS A 42 -3.66 2.64 9.43
N ASN A 43 -4.27 3.78 9.84
CA ASN A 43 -3.59 4.83 10.66
C ASN A 43 -2.37 5.43 9.93
N TRP A 44 -2.53 5.52 8.60
CA TRP A 44 -1.51 5.99 7.62
C TRP A 44 -0.22 5.15 7.65
N ASP A 45 -0.33 3.90 8.11
CA ASP A 45 0.76 2.91 8.03
C ASP A 45 0.82 2.36 6.61
N LEU A 46 1.96 2.61 5.94
CA LEU A 46 2.20 2.30 4.53
C LEU A 46 2.14 0.78 4.29
N THR A 47 2.98 0.05 5.02
CA THR A 47 3.20 -1.41 4.87
C THR A 47 1.87 -2.19 4.95
N ALA A 48 1.04 -1.81 5.93
CA ALA A 48 -0.29 -2.39 6.16
C ALA A 48 -1.20 -2.16 4.95
N ALA A 49 -1.29 -0.89 4.50
CA ALA A 49 -2.19 -0.49 3.42
C ALA A 49 -1.77 -1.11 2.07
N LEU A 50 -0.45 -1.28 1.86
CA LEU A 50 0.10 -1.94 0.64
C LEU A 50 -0.41 -3.39 0.54
N SER A 51 -0.33 -4.08 1.70
CA SER A 51 -0.76 -5.47 1.86
C SER A 51 -2.30 -5.58 1.74
N ASP A 52 -3.01 -4.52 2.16
CA ASP A 52 -4.48 -4.45 2.11
C ASP A 52 -4.96 -4.32 0.67
N TYR A 53 -4.32 -3.40 -0.07
CA TYR A 53 -4.63 -3.09 -1.49
C TYR A 53 -4.55 -4.34 -2.36
N GLU A 54 -3.40 -5.02 -2.27
CA GLU A 54 -3.13 -6.21 -3.11
C GLU A 54 -4.04 -7.38 -2.73
N GLN A 55 -4.42 -7.47 -1.43
CA GLN A 55 -5.35 -8.50 -0.95
C GLN A 55 -6.78 -8.26 -1.49
N LEU A 56 -7.26 -7.00 -1.44
CA LEU A 56 -8.64 -6.64 -1.85
C LEU A 56 -8.82 -6.68 -3.37
N ARG A 57 -7.71 -6.52 -4.12
CA ARG A 57 -7.74 -6.60 -5.59
C ARG A 57 -7.54 -8.04 -6.08
N GLN A 58 -6.81 -8.85 -5.31
CA GLN A 58 -6.61 -10.27 -5.60
C GLN A 58 -7.92 -11.03 -5.34
N VAL A 59 -8.28 -11.10 -4.04
CA VAL A 59 -9.35 -11.94 -3.48
C VAL A 59 -9.26 -13.38 -4.03
N HIS A 60 -8.73 -14.29 -3.18
CA HIS A 60 -8.25 -15.64 -3.56
C HIS A 60 -9.17 -16.41 -4.56
N THR A 61 -10.49 -16.23 -4.41
CA THR A 61 -11.49 -16.84 -5.32
C THR A 61 -12.69 -15.89 -5.56
N ALA A 62 -13.20 -15.27 -4.47
CA ALA A 62 -14.45 -14.47 -4.48
C ALA A 62 -15.67 -15.31 -4.92
N ASN A 63 -16.82 -14.64 -5.11
CA ASN A 63 -18.01 -15.23 -5.73
C ASN A 63 -18.16 -14.70 -7.18
N LEU A 64 -17.53 -13.54 -7.46
CA LEU A 64 -17.47 -12.94 -8.80
C LEU A 64 -16.59 -13.81 -9.73
N PRO A 65 -17.02 -14.04 -11.02
CA PRO A 65 -16.24 -14.84 -12.01
C PRO A 65 -14.78 -14.36 -12.21
N HIS A 66 -13.83 -15.28 -11.94
CA HIS A 66 -12.38 -15.06 -12.14
C HIS A 66 -11.82 -16.08 -13.15
N VAL A 67 -10.60 -15.84 -13.62
CA VAL A 67 -9.83 -16.82 -14.41
C VAL A 67 -9.39 -17.99 -13.50
N PHE A 68 -9.47 -19.23 -14.03
CA PHE A 68 -9.05 -20.45 -13.30
C PHE A 68 -7.53 -20.46 -13.12
N ASN A 69 -6.80 -20.21 -14.21
CA ASN A 69 -5.35 -20.04 -14.19
C ASN A 69 -5.03 -18.65 -13.63
N GLU A 70 -4.60 -18.62 -12.35
CA GLU A 70 -4.21 -17.40 -11.63
C GLU A 70 -3.12 -16.62 -12.41
N GLY A 71 -3.31 -15.30 -12.55
CA GLY A 71 -2.40 -14.45 -13.31
C GLY A 71 -2.68 -12.97 -13.13
N ARG A 72 -1.75 -12.12 -13.61
CA ARG A 72 -1.84 -10.65 -13.50
C ARG A 72 -0.87 -9.97 -14.49
N GLY A 73 0.27 -10.66 -14.78
CA GLY A 73 1.32 -10.13 -15.64
C GLY A 73 2.31 -9.26 -14.85
N SER A 1 8.80 17.52 -12.86
CA SER A 1 9.88 16.63 -12.41
C SER A 1 10.07 16.75 -10.89
N ALA A 2 9.39 15.85 -10.13
CA ALA A 2 9.43 15.81 -8.65
C ALA A 2 10.16 14.54 -8.16
N GLU A 3 10.16 14.35 -6.82
CA GLU A 3 10.74 13.18 -6.14
C GLU A 3 12.27 13.07 -6.37
N CYS A 4 13.04 13.65 -5.44
CA CYS A 4 14.53 13.60 -5.46
C CYS A 4 15.06 12.39 -4.65
N TRP A 5 14.17 11.44 -4.35
CA TRP A 5 14.46 10.31 -3.45
C TRP A 5 15.13 9.18 -4.22
N ALA A 6 16.45 9.02 -4.04
CA ALA A 6 17.17 7.84 -4.56
C ALA A 6 16.68 6.57 -3.83
N ALA A 7 16.47 6.73 -2.52
CA ALA A 7 15.93 5.68 -1.65
C ALA A 7 15.22 6.31 -0.43
N LEU A 8 13.88 6.44 -0.51
CA LEU A 8 13.03 6.77 0.65
C LEU A 8 12.39 5.46 1.14
N LEU A 9 12.71 5.07 2.39
CA LEU A 9 12.09 3.93 3.08
C LEU A 9 11.56 4.37 4.47
N HIS A 10 12.01 5.56 4.92
CA HIS A 10 11.50 6.23 6.13
C HIS A 10 11.29 7.71 5.79
N ASP A 11 10.23 8.31 6.33
CA ASP A 11 9.81 9.69 6.01
C ASP A 11 10.74 10.74 6.70
N PRO A 12 10.66 12.07 6.33
CA PRO A 12 11.46 13.17 6.97
C PRO A 12 11.40 13.24 8.53
N MET A 13 10.30 12.76 9.16
CA MET A 13 10.15 12.84 10.65
C MET A 13 9.68 11.49 11.26
N THR A 14 8.35 11.27 11.31
CA THR A 14 7.74 10.14 12.06
C THR A 14 6.55 9.56 11.26
N LEU A 15 5.76 10.47 10.67
CA LEU A 15 4.70 10.12 9.72
C LEU A 15 4.43 11.32 8.79
N ASP A 16 4.94 11.23 7.57
CA ASP A 16 4.65 12.20 6.52
C ASP A 16 3.51 11.63 5.66
N MET A 17 2.27 12.04 5.97
CA MET A 17 1.05 11.57 5.28
C MET A 17 1.18 11.69 3.75
N ASP A 18 1.84 12.78 3.30
CA ASP A 18 2.03 13.07 1.86
C ASP A 18 3.01 12.06 1.21
N ALA A 19 4.11 11.73 1.92
CA ALA A 19 5.13 10.78 1.42
C ALA A 19 4.59 9.32 1.39
N VAL A 20 3.76 8.99 2.39
CA VAL A 20 3.06 7.69 2.48
C VAL A 20 2.00 7.57 1.36
N LEU A 21 1.30 8.69 1.12
CA LEU A 21 0.31 8.81 0.04
C LEU A 21 0.98 8.65 -1.33
N SER A 22 2.18 9.26 -1.45
CA SER A 22 2.96 9.27 -2.70
C SER A 22 3.42 7.85 -3.05
N ASP A 23 4.07 7.20 -2.06
CA ASP A 23 4.68 5.86 -2.25
C ASP A 23 3.60 4.80 -2.52
N PHE A 24 2.44 4.91 -1.83
CA PHE A 24 1.31 3.97 -2.01
C PHE A 24 0.83 4.00 -3.49
N VAL A 25 0.49 5.20 -3.98
CA VAL A 25 0.03 5.43 -5.37
C VAL A 25 1.10 4.96 -6.40
N ARG A 26 2.35 5.19 -6.02
CA ARG A 26 3.55 4.84 -6.80
C ARG A 26 3.78 3.30 -6.85
N SER A 27 3.43 2.58 -5.76
CA SER A 27 3.66 1.13 -5.65
C SER A 27 2.49 0.31 -6.23
N THR A 28 1.27 0.61 -5.77
CA THR A 28 0.04 -0.15 -6.08
C THR A 28 -0.57 0.28 -7.43
N GLY A 29 -0.34 1.56 -7.80
CA GLY A 29 -0.96 2.12 -9.00
C GLY A 29 -2.36 2.66 -8.77
N ALA A 30 -2.78 2.72 -7.49
CA ALA A 30 -4.10 3.25 -7.08
C ALA A 30 -4.13 4.80 -7.20
N GLU A 31 -5.35 5.38 -7.14
CA GLU A 31 -5.53 6.84 -7.26
C GLU A 31 -5.27 7.51 -5.88
N PRO A 32 -4.91 8.84 -5.82
CA PRO A 32 -4.68 9.56 -4.53
C PRO A 32 -5.88 9.50 -3.55
N GLY A 33 -7.12 9.53 -4.10
CA GLY A 33 -8.34 9.45 -3.30
C GLY A 33 -8.51 8.10 -2.60
N LEU A 34 -8.38 7.02 -3.39
CA LEU A 34 -8.48 5.63 -2.91
C LEU A 34 -7.34 5.31 -1.92
N ALA A 35 -6.15 5.85 -2.26
CA ALA A 35 -4.94 5.71 -1.45
C ALA A 35 -5.16 6.28 -0.04
N ARG A 36 -5.59 7.54 -0.01
CA ARG A 36 -5.93 8.27 1.23
C ARG A 36 -7.01 7.51 2.03
N ASP A 37 -8.04 7.02 1.34
CA ASP A 37 -9.18 6.30 1.97
C ASP A 37 -8.70 5.08 2.77
N LEU A 38 -7.86 4.24 2.12
CA LEU A 38 -7.29 3.03 2.73
C LEU A 38 -6.35 3.42 3.88
N LEU A 39 -5.48 4.41 3.63
CA LEU A 39 -4.50 4.90 4.60
C LEU A 39 -5.17 5.51 5.85
N GLU A 40 -6.37 6.10 5.70
CA GLU A 40 -7.17 6.59 6.85
C GLU A 40 -7.61 5.41 7.74
N GLY A 41 -7.93 4.28 7.08
CA GLY A 41 -8.32 3.05 7.75
C GLY A 41 -7.15 2.30 8.39
N LYS A 42 -5.92 2.46 7.84
CA LYS A 42 -4.71 1.74 8.36
C LYS A 42 -3.90 2.64 9.32
N ASN A 43 -4.47 3.83 9.65
CA ASN A 43 -3.83 4.84 10.52
C ASN A 43 -2.51 5.36 9.87
N TRP A 44 -2.47 5.27 8.54
CA TRP A 44 -1.38 5.74 7.64
C TRP A 44 -0.13 4.85 7.73
N ASP A 45 -0.34 3.58 8.12
CA ASP A 45 0.69 2.54 8.01
C ASP A 45 0.78 2.16 6.52
N LEU A 46 1.88 2.59 5.90
CA LEU A 46 2.18 2.36 4.47
C LEU A 46 2.09 0.86 4.13
N THR A 47 2.87 0.06 4.88
CA THR A 47 3.05 -1.38 4.63
C THR A 47 1.72 -2.16 4.78
N ALA A 48 0.93 -1.79 5.79
CA ALA A 48 -0.37 -2.43 6.08
C ALA A 48 -1.38 -2.17 4.96
N ALA A 49 -1.31 -0.95 4.39
CA ALA A 49 -2.18 -0.53 3.28
C ALA A 49 -1.79 -1.24 1.97
N LEU A 50 -0.47 -1.39 1.75
CA LEU A 50 0.07 -2.12 0.58
C LEU A 50 -0.40 -3.58 0.61
N SER A 51 -0.30 -4.19 1.80
CA SER A 51 -0.68 -5.60 2.05
C SER A 51 -2.21 -5.79 1.95
N ASP A 52 -2.96 -4.76 2.39
CA ASP A 52 -4.43 -4.75 2.35
C ASP A 52 -4.93 -4.70 0.90
N TYR A 53 -4.37 -3.77 0.11
CA TYR A 53 -4.78 -3.54 -1.28
C TYR A 53 -4.47 -4.78 -2.16
N GLU A 54 -3.26 -5.36 -1.99
CA GLU A 54 -2.85 -6.54 -2.76
C GLU A 54 -3.67 -7.78 -2.34
N GLN A 55 -4.20 -7.76 -1.10
CA GLN A 55 -5.06 -8.85 -0.58
C GLN A 55 -6.45 -8.81 -1.23
N LEU A 56 -7.06 -7.62 -1.28
CA LEU A 56 -8.38 -7.43 -1.92
C LEU A 56 -8.28 -7.52 -3.46
N ARG A 57 -7.05 -7.39 -3.98
CA ARG A 57 -6.75 -7.62 -5.40
C ARG A 57 -6.46 -9.11 -5.69
N GLN A 58 -5.95 -9.83 -4.66
CA GLN A 58 -5.56 -11.25 -4.79
C GLN A 58 -6.76 -12.12 -5.23
N VAL A 59 -7.80 -12.13 -4.37
CA VAL A 59 -9.07 -12.84 -4.61
C VAL A 59 -8.85 -14.33 -5.01
N HIS A 60 -8.81 -15.20 -3.99
CA HIS A 60 -8.64 -16.66 -4.17
C HIS A 60 -9.84 -17.29 -4.91
N THR A 61 -10.99 -16.59 -4.86
CA THR A 61 -12.23 -16.98 -5.57
C THR A 61 -12.09 -16.79 -7.09
N ALA A 62 -11.32 -15.76 -7.51
CA ALA A 62 -11.07 -15.45 -8.93
C ALA A 62 -10.10 -16.47 -9.53
N ASN A 63 -8.85 -16.41 -9.08
CA ASN A 63 -7.76 -17.29 -9.53
C ASN A 63 -6.54 -17.06 -8.65
N LEU A 64 -5.86 -18.15 -8.29
CA LEU A 64 -4.60 -18.11 -7.52
C LEU A 64 -3.45 -17.57 -8.44
N PRO A 65 -2.40 -16.92 -7.87
CA PRO A 65 -1.21 -16.52 -8.65
C PRO A 65 -0.29 -17.74 -8.95
N HIS A 66 0.27 -17.78 -10.18
CA HIS A 66 1.22 -18.85 -10.60
C HIS A 66 2.62 -18.50 -10.07
N VAL A 67 2.74 -18.51 -8.73
CA VAL A 67 3.96 -18.16 -8.00
C VAL A 67 4.18 -19.21 -6.90
N PHE A 68 5.37 -19.78 -6.85
CA PHE A 68 5.75 -20.81 -5.86
C PHE A 68 5.86 -20.15 -4.46
N ASN A 69 6.65 -19.06 -4.38
CA ASN A 69 6.86 -18.26 -3.16
C ASN A 69 7.38 -19.16 -2.02
N GLU A 70 8.62 -19.65 -2.19
CA GLU A 70 9.26 -20.58 -1.25
C GLU A 70 10.02 -19.81 -0.17
N GLY A 71 9.46 -19.84 1.04
CA GLY A 71 10.01 -19.14 2.20
C GLY A 71 8.95 -18.98 3.27
N ARG A 72 7.90 -18.20 2.94
CA ARG A 72 6.72 -18.02 3.78
C ARG A 72 5.73 -19.17 3.53
N GLY A 73 5.62 -20.09 4.51
CA GLY A 73 4.69 -21.22 4.45
C GLY A 73 3.47 -20.97 5.34
N SER A 1 27.65 27.04 4.27
CA SER A 1 28.35 27.07 5.57
C SER A 1 28.84 25.66 5.99
N ALA A 2 28.59 24.65 5.12
CA ALA A 2 28.81 23.21 5.40
C ALA A 2 27.83 22.70 6.48
N GLU A 3 27.23 21.52 6.22
CA GLU A 3 26.32 20.86 7.18
C GLU A 3 27.12 20.28 8.35
N CYS A 4 26.98 20.94 9.53
CA CYS A 4 27.75 20.64 10.75
C CYS A 4 27.60 19.17 11.19
N TRP A 5 26.40 18.60 10.95
CA TRP A 5 26.10 17.19 11.26
C TRP A 5 26.82 16.27 10.25
N ALA A 6 26.32 16.28 8.99
CA ALA A 6 26.87 15.50 7.87
C ALA A 6 26.07 15.84 6.60
N ALA A 7 24.79 15.41 6.60
CA ALA A 7 23.83 15.69 5.51
C ALA A 7 22.42 15.47 6.06
N LEU A 8 21.72 16.58 6.32
CA LEU A 8 20.34 16.56 6.86
C LEU A 8 19.33 16.34 5.73
N LEU A 9 18.07 16.08 6.11
CA LEU A 9 16.93 15.94 5.16
C LEU A 9 15.70 16.69 5.68
N HIS A 10 15.85 17.33 6.86
CA HIS A 10 14.79 18.09 7.54
C HIS A 10 13.66 17.15 8.05
N ASP A 11 13.59 16.98 9.40
CA ASP A 11 12.62 16.11 10.12
C ASP A 11 13.05 14.61 10.10
N PRO A 12 12.59 13.79 11.12
CA PRO A 12 12.77 12.31 11.13
C PRO A 12 12.13 11.65 9.88
N MET A 13 10.96 12.19 9.48
CA MET A 13 10.22 11.80 8.25
C MET A 13 9.90 10.29 8.23
N THR A 14 9.74 9.69 9.43
CA THR A 14 9.41 8.26 9.58
C THR A 14 8.02 7.97 9.01
N LEU A 15 7.12 8.95 9.15
CA LEU A 15 5.77 8.90 8.58
C LEU A 15 5.34 10.34 8.32
N ASP A 16 4.85 10.57 7.09
CA ASP A 16 4.29 11.84 6.64
C ASP A 16 3.17 11.51 5.66
N MET A 17 1.96 12.02 5.91
CA MET A 17 0.75 11.66 5.13
C MET A 17 0.95 11.86 3.61
N ASP A 18 1.59 12.98 3.22
CA ASP A 18 1.85 13.31 1.80
C ASP A 18 2.85 12.34 1.18
N ALA A 19 3.90 12.00 1.94
CA ALA A 19 4.98 11.09 1.49
C ALA A 19 4.48 9.64 1.33
N VAL A 20 3.73 9.17 2.34
CA VAL A 20 3.16 7.81 2.39
C VAL A 20 2.08 7.64 1.30
N LEU A 21 1.33 8.74 1.04
CA LEU A 21 0.32 8.79 -0.03
C LEU A 21 0.99 8.59 -1.39
N SER A 22 2.06 9.38 -1.62
CA SER A 22 2.82 9.36 -2.88
C SER A 22 3.50 8.00 -3.11
N ASP A 23 4.00 7.42 -2.00
CA ASP A 23 4.72 6.12 -2.02
C ASP A 23 3.75 4.99 -2.41
N PHE A 24 2.58 4.99 -1.73
CA PHE A 24 1.54 3.98 -1.95
C PHE A 24 1.07 3.99 -3.41
N VAL A 25 0.66 5.18 -3.90
CA VAL A 25 0.17 5.39 -5.29
C VAL A 25 1.22 4.92 -6.34
N ARG A 26 2.50 5.14 -6.03
CA ARG A 26 3.62 4.74 -6.89
C ARG A 26 3.82 3.20 -6.88
N SER A 27 3.63 2.59 -5.70
CA SER A 27 3.90 1.16 -5.48
C SER A 27 2.73 0.26 -5.92
N THR A 28 1.50 0.82 -5.92
CA THR A 28 0.27 0.04 -6.18
C THR A 28 -0.40 0.44 -7.50
N GLY A 29 -0.30 1.73 -7.83
CA GLY A 29 -1.02 2.30 -8.98
C GLY A 29 -2.42 2.77 -8.63
N ALA A 30 -2.76 2.75 -7.32
CA ALA A 30 -4.06 3.25 -6.81
C ALA A 30 -4.10 4.77 -6.89
N GLU A 31 -5.29 5.35 -7.16
CA GLU A 31 -5.47 6.81 -7.28
C GLU A 31 -5.30 7.47 -5.88
N PRO A 32 -4.95 8.80 -5.79
CA PRO A 32 -4.72 9.50 -4.48
C PRO A 32 -5.93 9.42 -3.51
N GLY A 33 -7.15 9.39 -4.06
CA GLY A 33 -8.38 9.25 -3.26
C GLY A 33 -8.51 7.87 -2.62
N LEU A 34 -8.36 6.83 -3.46
CA LEU A 34 -8.43 5.41 -3.04
C LEU A 34 -7.33 5.11 -2.00
N ALA A 35 -6.15 5.66 -2.30
CA ALA A 35 -4.94 5.53 -1.49
C ALA A 35 -5.16 6.08 -0.07
N ARG A 36 -5.61 7.34 -0.02
CA ARG A 36 -5.92 8.06 1.23
C ARG A 36 -6.95 7.30 2.09
N ASP A 37 -7.94 6.69 1.43
CA ASP A 37 -9.02 5.94 2.11
C ASP A 37 -8.45 4.71 2.83
N LEU A 38 -7.65 3.91 2.09
CA LEU A 38 -7.02 2.68 2.63
C LEU A 38 -6.02 3.05 3.74
N LEU A 39 -5.26 4.13 3.50
CA LEU A 39 -4.23 4.64 4.44
C LEU A 39 -4.86 5.12 5.75
N GLU A 40 -5.91 5.94 5.70
CA GLU A 40 -6.61 6.43 6.93
C GLU A 40 -7.29 5.27 7.69
N GLY A 41 -7.65 4.20 6.95
CA GLY A 41 -8.15 2.97 7.55
C GLY A 41 -7.05 2.16 8.25
N LYS A 42 -5.79 2.39 7.84
CA LYS A 42 -4.59 1.71 8.41
C LYS A 42 -3.74 2.66 9.28
N ASN A 43 -4.32 3.82 9.68
CA ASN A 43 -3.66 4.83 10.56
C ASN A 43 -2.38 5.44 9.88
N TRP A 44 -2.39 5.38 8.54
CA TRP A 44 -1.34 5.89 7.63
C TRP A 44 -0.07 5.02 7.61
N ASP A 45 -0.18 3.80 8.15
CA ASP A 45 0.87 2.79 7.99
C ASP A 45 0.88 2.33 6.53
N LEU A 46 2.00 2.63 5.86
CA LEU A 46 2.23 2.28 4.46
C LEU A 46 2.07 0.76 4.23
N THR A 47 2.73 -0.04 5.09
CA THR A 47 2.83 -1.50 4.93
C THR A 47 1.45 -2.19 4.98
N ALA A 48 0.65 -1.82 5.99
CA ALA A 48 -0.70 -2.38 6.20
C ALA A 48 -1.63 -2.07 5.02
N ALA A 49 -1.46 -0.88 4.43
CA ALA A 49 -2.28 -0.43 3.29
C ALA A 49 -1.88 -1.15 2.00
N LEU A 50 -0.56 -1.38 1.82
CA LEU A 50 -0.01 -2.13 0.65
C LEU A 50 -0.56 -3.56 0.64
N SER A 51 -0.46 -4.21 1.81
CA SER A 51 -0.90 -5.59 2.03
C SER A 51 -2.44 -5.69 1.91
N ASP A 52 -3.14 -4.60 2.28
CA ASP A 52 -4.61 -4.49 2.15
C ASP A 52 -5.01 -4.45 0.67
N TYR A 53 -4.34 -3.57 -0.08
CA TYR A 53 -4.60 -3.34 -1.52
C TYR A 53 -4.42 -4.64 -2.32
N GLU A 54 -3.33 -5.37 -2.03
CA GLU A 54 -3.04 -6.64 -2.71
C GLU A 54 -3.95 -7.77 -2.20
N GLN A 55 -4.52 -7.62 -0.98
CA GLN A 55 -5.45 -8.60 -0.36
C GLN A 55 -6.83 -8.54 -1.03
N LEU A 56 -7.32 -7.31 -1.32
CA LEU A 56 -8.62 -7.11 -1.98
C LEU A 56 -8.53 -7.44 -3.48
N ARG A 57 -7.32 -7.25 -4.05
CA ARG A 57 -6.99 -7.68 -5.44
C ARG A 57 -6.46 -9.14 -5.50
N GLN A 58 -6.27 -9.79 -4.34
CA GLN A 58 -5.77 -11.18 -4.27
C GLN A 58 -6.82 -12.14 -4.84
N VAL A 59 -8.05 -12.01 -4.29
CA VAL A 59 -9.22 -12.84 -4.66
C VAL A 59 -8.94 -14.35 -4.32
N HIS A 60 -9.94 -15.23 -4.47
CA HIS A 60 -9.76 -16.70 -4.33
C HIS A 60 -9.93 -17.39 -5.71
N THR A 61 -10.65 -16.73 -6.63
CA THR A 61 -10.99 -17.29 -7.96
C THR A 61 -10.31 -16.47 -9.11
N ALA A 62 -9.38 -15.55 -8.76
CA ALA A 62 -8.67 -14.72 -9.76
C ALA A 62 -7.18 -14.57 -9.41
N ASN A 63 -6.38 -15.57 -9.83
CA ASN A 63 -4.91 -15.57 -9.67
C ASN A 63 -4.30 -16.79 -10.40
N LEU A 64 -3.10 -16.61 -10.97
CA LEU A 64 -2.31 -17.71 -11.55
C LEU A 64 -1.34 -18.27 -10.47
N PRO A 65 -1.47 -19.59 -10.06
CA PRO A 65 -0.52 -20.22 -9.11
C PRO A 65 0.88 -20.33 -9.74
N HIS A 66 0.91 -20.79 -11.00
CA HIS A 66 2.12 -20.79 -11.83
C HIS A 66 2.29 -19.39 -12.46
N VAL A 67 3.27 -18.64 -11.97
CA VAL A 67 3.54 -17.26 -12.40
C VAL A 67 5.06 -17.00 -12.41
N PHE A 68 5.64 -17.01 -13.64
CA PHE A 68 7.06 -16.71 -13.89
C PHE A 68 8.00 -17.65 -13.09
N ASN A 69 8.19 -18.88 -13.62
CA ASN A 69 9.19 -19.81 -13.05
C ASN A 69 10.55 -19.50 -13.66
N GLU A 70 11.55 -19.24 -12.80
CA GLU A 70 12.88 -18.84 -13.24
C GLU A 70 13.65 -20.03 -13.84
N GLY A 71 14.24 -20.87 -12.96
CA GLY A 71 15.06 -22.02 -13.38
C GLY A 71 16.39 -21.62 -14.04
N ARG A 72 16.66 -20.29 -14.15
CA ARG A 72 17.79 -19.71 -14.92
C ARG A 72 17.73 -20.12 -16.42
N GLY A 73 16.53 -20.48 -16.89
CA GLY A 73 16.34 -21.06 -18.24
C GLY A 73 16.17 -20.00 -19.32
N SER A 1 4.74 -11.93 2.96
CA SER A 1 5.77 -12.69 3.69
C SER A 1 5.83 -12.24 5.16
N ALA A 2 5.96 -13.22 6.09
CA ALA A 2 6.03 -13.00 7.55
C ALA A 2 4.72 -12.41 8.13
N GLU A 3 4.64 -12.36 9.47
CA GLU A 3 3.42 -11.92 10.18
C GLU A 3 3.33 -10.39 10.23
N CYS A 4 4.37 -9.75 10.81
CA CYS A 4 4.44 -8.27 10.94
C CYS A 4 5.90 -7.79 10.82
N TRP A 5 6.10 -6.66 10.13
CA TRP A 5 7.40 -5.99 10.01
C TRP A 5 7.36 -4.65 10.76
N ALA A 6 8.51 -4.23 11.32
CA ALA A 6 8.63 -2.93 12.01
C ALA A 6 8.70 -1.79 10.98
N ALA A 7 9.32 -2.09 9.81
CA ALA A 7 9.39 -1.17 8.64
C ALA A 7 10.12 0.16 8.96
N LEU A 8 10.95 0.15 10.03
CA LEU A 8 11.67 1.34 10.50
C LEU A 8 12.99 1.52 9.72
N LEU A 9 13.51 2.77 9.76
CA LEU A 9 14.65 3.24 8.92
C LEU A 9 14.24 3.35 7.42
N HIS A 10 12.92 3.27 7.14
CA HIS A 10 12.35 3.49 5.78
C HIS A 10 11.51 4.80 5.78
N ASP A 11 11.10 5.22 6.99
CA ASP A 11 10.28 6.43 7.22
C ASP A 11 11.20 7.66 7.45
N PRO A 12 10.74 8.91 7.07
CA PRO A 12 11.59 10.16 7.18
C PRO A 12 11.84 10.61 8.64
N MET A 13 10.87 10.35 9.52
CA MET A 13 10.86 10.83 10.92
C MET A 13 10.20 9.78 11.82
N THR A 14 8.96 9.48 11.48
CA THR A 14 8.11 8.50 12.16
C THR A 14 7.01 8.05 11.18
N LEU A 15 6.48 9.06 10.46
CA LEU A 15 5.39 8.92 9.49
C LEU A 15 5.25 10.30 8.80
N ASP A 16 4.89 10.29 7.52
CA ASP A 16 4.66 11.52 6.74
C ASP A 16 3.54 11.24 5.74
N MET A 17 2.36 11.88 5.94
CA MET A 17 1.15 11.66 5.11
C MET A 17 1.43 11.81 3.61
N ASP A 18 2.22 12.83 3.24
CA ASP A 18 2.55 13.11 1.84
C ASP A 18 3.40 11.98 1.22
N ALA A 19 4.38 11.51 2.01
CA ALA A 19 5.33 10.46 1.56
C ALA A 19 4.63 9.08 1.46
N VAL A 20 3.77 8.79 2.45
CA VAL A 20 3.04 7.51 2.54
C VAL A 20 1.96 7.42 1.43
N LEU A 21 1.26 8.55 1.18
CA LEU A 21 0.22 8.65 0.14
C LEU A 21 0.84 8.45 -1.25
N SER A 22 1.91 9.23 -1.53
CA SER A 22 2.59 9.23 -2.84
C SER A 22 3.25 7.86 -3.13
N ASP A 23 3.87 7.27 -2.08
CA ASP A 23 4.57 5.97 -2.20
C ASP A 23 3.56 4.87 -2.52
N PHE A 24 2.44 4.85 -1.78
CA PHE A 24 1.37 3.86 -1.95
C PHE A 24 0.85 3.86 -3.41
N VAL A 25 0.45 5.06 -3.87
CA VAL A 25 -0.08 5.27 -5.24
C VAL A 25 0.91 4.78 -6.32
N ARG A 26 2.20 5.01 -6.05
CA ARG A 26 3.32 4.65 -6.95
C ARG A 26 3.58 3.12 -6.91
N SER A 27 3.36 2.50 -5.73
CA SER A 27 3.63 1.07 -5.48
C SER A 27 2.49 0.15 -5.98
N THR A 28 1.23 0.65 -5.89
CA THR A 28 0.03 -0.18 -6.11
C THR A 28 -0.69 0.14 -7.43
N GLY A 29 -0.50 1.37 -7.93
CA GLY A 29 -1.23 1.85 -9.11
C GLY A 29 -2.65 2.31 -8.80
N ALA A 30 -2.94 2.51 -7.50
CA ALA A 30 -4.24 3.02 -7.03
C ALA A 30 -4.33 4.54 -7.25
N GLU A 31 -5.56 5.10 -7.24
CA GLU A 31 -5.77 6.56 -7.38
C GLU A 31 -5.49 7.25 -6.01
N PRO A 32 -5.17 8.58 -5.99
CA PRO A 32 -4.85 9.33 -4.73
C PRO A 32 -6.04 9.35 -3.71
N GLY A 33 -7.28 9.40 -4.24
CA GLY A 33 -8.49 9.42 -3.41
C GLY A 33 -8.68 8.12 -2.64
N LEU A 34 -8.68 7.01 -3.39
CA LEU A 34 -8.74 5.63 -2.86
C LEU A 34 -7.62 5.38 -1.83
N ALA A 35 -6.41 5.80 -2.22
CA ALA A 35 -5.19 5.60 -1.43
C ALA A 35 -5.29 6.23 -0.04
N ARG A 36 -5.62 7.54 -0.01
CA ARG A 36 -5.80 8.31 1.23
C ARG A 36 -6.91 7.69 2.11
N ASP A 37 -8.03 7.31 1.45
CA ASP A 37 -9.20 6.68 2.12
C ASP A 37 -8.77 5.43 2.90
N LEU A 38 -7.98 4.56 2.23
CA LEU A 38 -7.43 3.33 2.84
C LEU A 38 -6.55 3.69 4.06
N LEU A 39 -5.68 4.69 3.86
CA LEU A 39 -4.69 5.14 4.86
C LEU A 39 -5.36 5.79 6.10
N GLU A 40 -6.60 6.33 5.93
CA GLU A 40 -7.41 6.83 7.07
C GLU A 40 -7.78 5.66 8.01
N GLY A 41 -8.02 4.47 7.40
CA GLY A 41 -8.36 3.26 8.14
C GLY A 41 -7.15 2.36 8.44
N LYS A 42 -5.97 2.74 7.91
CA LYS A 42 -4.69 1.99 8.14
C LYS A 42 -3.76 2.74 9.09
N ASN A 43 -4.25 3.87 9.66
CA ASN A 43 -3.47 4.73 10.58
C ASN A 43 -2.24 5.36 9.86
N TRP A 44 -2.34 5.42 8.52
CA TRP A 44 -1.28 5.91 7.60
C TRP A 44 0.00 5.05 7.66
N ASP A 45 -0.17 3.79 8.12
CA ASP A 45 0.87 2.76 8.02
C ASP A 45 0.91 2.28 6.56
N LEU A 46 2.00 2.66 5.87
CA LEU A 46 2.24 2.33 4.46
C LEU A 46 2.13 0.81 4.21
N THR A 47 2.86 0.03 5.05
CA THR A 47 2.96 -1.43 4.93
C THR A 47 1.59 -2.13 5.10
N ALA A 48 0.76 -1.58 6.00
CA ALA A 48 -0.59 -2.11 6.30
C ALA A 48 -1.54 -1.91 5.11
N ALA A 49 -1.41 -0.73 4.46
CA ALA A 49 -2.22 -0.39 3.28
C ALA A 49 -1.79 -1.20 2.04
N LEU A 50 -0.47 -1.40 1.91
CA LEU A 50 0.12 -2.20 0.80
C LEU A 50 -0.37 -3.65 0.88
N SER A 51 -0.38 -4.20 2.12
CA SER A 51 -0.82 -5.59 2.39
C SER A 51 -2.33 -5.74 2.09
N ASP A 52 -3.09 -4.69 2.41
CA ASP A 52 -4.55 -4.63 2.21
C ASP A 52 -4.87 -4.64 0.70
N TYR A 53 -4.17 -3.78 -0.05
CA TYR A 53 -4.39 -3.61 -1.49
C TYR A 53 -4.03 -4.89 -2.27
N GLU A 54 -2.84 -5.46 -1.98
CA GLU A 54 -2.35 -6.67 -2.68
C GLU A 54 -3.26 -7.88 -2.36
N GLN A 55 -3.93 -7.84 -1.19
CA GLN A 55 -4.94 -8.83 -0.80
C GLN A 55 -6.21 -8.73 -1.68
N LEU A 56 -6.74 -7.49 -1.82
CA LEU A 56 -8.01 -7.25 -2.57
C LEU A 56 -7.80 -7.35 -4.10
N ARG A 57 -6.58 -7.02 -4.58
CA ARG A 57 -6.26 -7.01 -6.02
C ARG A 57 -5.78 -8.41 -6.47
N GLN A 58 -5.48 -9.28 -5.48
CA GLN A 58 -5.11 -10.69 -5.75
C GLN A 58 -6.26 -11.42 -6.46
N VAL A 59 -7.48 -11.29 -5.86
CA VAL A 59 -8.73 -11.90 -6.33
C VAL A 59 -8.59 -13.42 -6.49
N HIS A 60 -9.01 -14.18 -5.46
CA HIS A 60 -8.83 -15.67 -5.42
C HIS A 60 -9.64 -16.38 -6.54
N THR A 61 -10.67 -15.70 -7.06
CA THR A 61 -11.52 -16.21 -8.15
C THR A 61 -10.80 -16.10 -9.51
N ALA A 62 -10.01 -15.02 -9.68
CA ALA A 62 -9.30 -14.69 -10.94
C ALA A 62 -7.79 -14.57 -10.66
N ASN A 63 -7.06 -13.82 -11.51
CA ASN A 63 -5.65 -13.46 -11.26
C ASN A 63 -5.27 -12.25 -12.14
N LEU A 64 -4.75 -11.20 -11.48
CA LEU A 64 -4.29 -9.98 -12.13
C LEU A 64 -2.76 -10.09 -12.35
N PRO A 65 -2.28 -10.15 -13.65
CA PRO A 65 -0.85 -10.23 -13.98
C PRO A 65 -0.05 -8.98 -13.54
N HIS A 66 0.34 -8.97 -12.26
CA HIS A 66 1.13 -7.90 -11.64
C HIS A 66 2.19 -8.55 -10.74
N VAL A 67 3.44 -8.59 -11.24
CA VAL A 67 4.56 -9.37 -10.66
C VAL A 67 4.20 -10.87 -10.67
N PHE A 68 4.62 -11.56 -11.76
CA PHE A 68 4.30 -12.98 -12.01
C PHE A 68 4.95 -13.87 -10.95
N ASN A 69 6.20 -13.53 -10.61
CA ASN A 69 6.99 -14.23 -9.58
C ASN A 69 8.17 -13.34 -9.13
N GLU A 70 8.54 -13.45 -7.85
CA GLU A 70 9.76 -12.83 -7.31
C GLU A 70 10.39 -13.77 -6.26
N GLY A 71 11.48 -13.30 -5.63
CA GLY A 71 12.23 -14.11 -4.65
C GLY A 71 13.27 -14.98 -5.32
N ARG A 72 13.73 -16.01 -4.59
CA ARG A 72 14.74 -16.98 -5.03
C ARG A 72 16.05 -16.23 -5.40
N GLY A 73 16.62 -15.56 -4.38
CA GLY A 73 17.86 -14.79 -4.51
C GLY A 73 19.04 -15.51 -3.85
N SER A 1 1.12 -3.00 -11.92
CA SER A 1 -0.01 -3.78 -11.37
C SER A 1 0.50 -5.18 -10.90
N ALA A 2 0.83 -5.29 -9.59
CA ALA A 2 1.40 -6.51 -8.99
C ALA A 2 1.19 -6.49 -7.46
N GLU A 3 1.72 -7.53 -6.78
CA GLU A 3 1.70 -7.61 -5.31
C GLU A 3 2.64 -6.54 -4.70
N CYS A 4 2.32 -6.08 -3.48
CA CYS A 4 3.00 -4.93 -2.85
C CYS A 4 3.71 -5.35 -1.55
N TRP A 5 4.95 -5.88 -1.69
CA TRP A 5 5.85 -6.16 -0.56
C TRP A 5 6.48 -4.85 -0.08
N ALA A 6 5.95 -4.30 1.01
CA ALA A 6 6.51 -3.10 1.65
C ALA A 6 7.77 -3.48 2.45
N ALA A 7 7.66 -4.59 3.21
CA ALA A 7 8.73 -5.15 4.05
C ALA A 7 9.17 -4.14 5.15
N LEU A 8 8.20 -3.29 5.57
CA LEU A 8 8.41 -2.18 6.52
C LEU A 8 9.40 -1.12 5.95
N LEU A 9 8.86 0.01 5.45
CA LEU A 9 9.70 1.17 5.06
C LEU A 9 10.25 1.81 6.34
N HIS A 10 9.33 2.09 7.30
CA HIS A 10 9.64 2.68 8.62
C HIS A 10 10.31 4.08 8.45
N ASP A 11 9.48 5.14 8.46
CA ASP A 11 9.94 6.53 8.32
C ASP A 11 10.89 6.89 9.50
N PRO A 12 12.16 7.34 9.21
CA PRO A 12 13.21 7.55 10.25
C PRO A 12 12.81 8.60 11.33
N MET A 13 11.95 9.55 10.95
CA MET A 13 11.50 10.64 11.83
C MET A 13 10.38 10.12 12.75
N THR A 14 9.21 9.83 12.15
CA THR A 14 8.01 9.35 12.84
C THR A 14 7.03 8.81 11.76
N LEU A 15 6.65 9.73 10.85
CA LEU A 15 5.67 9.50 9.78
C LEU A 15 5.60 10.79 8.92
N ASP A 16 5.14 10.65 7.67
CA ASP A 16 4.85 11.79 6.78
C ASP A 16 3.75 11.35 5.81
N MET A 17 2.50 11.84 6.05
CA MET A 17 1.30 11.44 5.28
C MET A 17 1.48 11.62 3.76
N ASP A 18 2.17 12.71 3.38
CA ASP A 18 2.39 13.08 1.97
C ASP A 18 3.29 12.04 1.26
N ALA A 19 4.33 11.61 1.98
CA ALA A 19 5.29 10.60 1.50
C ALA A 19 4.63 9.20 1.41
N VAL A 20 3.81 8.88 2.43
CA VAL A 20 3.10 7.59 2.54
C VAL A 20 2.02 7.47 1.44
N LEU A 21 1.36 8.60 1.14
CA LEU A 21 0.32 8.70 0.10
C LEU A 21 0.96 8.46 -1.27
N SER A 22 2.04 9.20 -1.54
CA SER A 22 2.78 9.15 -2.81
C SER A 22 3.41 7.76 -3.06
N ASP A 23 3.98 7.17 -1.99
CA ASP A 23 4.66 5.85 -2.05
C ASP A 23 3.64 4.78 -2.44
N PHE A 24 2.48 4.83 -1.74
CA PHE A 24 1.36 3.92 -1.96
C PHE A 24 0.92 3.96 -3.44
N VAL A 25 0.51 5.16 -3.89
CA VAL A 25 -0.01 5.40 -5.26
C VAL A 25 0.98 4.93 -6.35
N ARG A 26 2.27 5.17 -6.10
CA ARG A 26 3.36 4.90 -7.06
C ARG A 26 3.60 3.38 -7.24
N SER A 27 3.37 2.60 -6.16
CA SER A 27 3.59 1.14 -6.18
C SER A 27 2.31 0.34 -6.54
N THR A 28 1.15 0.85 -6.09
CA THR A 28 -0.14 0.14 -6.21
C THR A 28 -0.85 0.45 -7.54
N GLY A 29 -0.67 1.68 -8.03
CA GLY A 29 -1.41 2.18 -9.18
C GLY A 29 -2.81 2.68 -8.82
N ALA A 30 -3.09 2.76 -7.50
CA ALA A 30 -4.37 3.28 -6.97
C ALA A 30 -4.35 4.81 -7.04
N GLU A 31 -5.52 5.43 -7.28
CA GLU A 31 -5.62 6.90 -7.37
C GLU A 31 -5.37 7.51 -5.96
N PRO A 32 -4.95 8.82 -5.85
CA PRO A 32 -4.70 9.49 -4.54
C PRO A 32 -5.93 9.49 -3.60
N GLY A 33 -7.15 9.52 -4.18
CA GLY A 33 -8.40 9.45 -3.41
C GLY A 33 -8.62 8.09 -2.76
N LEU A 34 -8.37 7.03 -3.55
CA LEU A 34 -8.51 5.61 -3.10
C LEU A 34 -7.42 5.29 -2.06
N ALA A 35 -6.23 5.82 -2.34
CA ALA A 35 -5.05 5.65 -1.50
C ALA A 35 -5.27 6.26 -0.11
N ARG A 36 -5.72 7.53 -0.11
CA ARG A 36 -6.02 8.28 1.13
C ARG A 36 -7.09 7.54 1.95
N ASP A 37 -8.16 7.07 1.27
CA ASP A 37 -9.28 6.33 1.91
C ASP A 37 -8.75 5.11 2.71
N LEU A 38 -7.90 4.33 2.07
CA LEU A 38 -7.28 3.13 2.68
C LEU A 38 -6.35 3.54 3.84
N LEU A 39 -5.49 4.53 3.59
CA LEU A 39 -4.49 5.02 4.55
C LEU A 39 -5.14 5.68 5.78
N GLU A 40 -6.36 6.19 5.63
CA GLU A 40 -7.17 6.71 6.77
C GLU A 40 -7.63 5.53 7.64
N GLY A 41 -8.04 4.44 6.97
CA GLY A 41 -8.51 3.23 7.63
C GLY A 41 -7.39 2.35 8.19
N LYS A 42 -6.13 2.59 7.75
CA LYS A 42 -4.95 1.80 8.19
C LYS A 42 -4.00 2.63 9.07
N ASN A 43 -4.47 3.82 9.54
CA ASN A 43 -3.73 4.70 10.48
C ASN A 43 -2.41 5.26 9.84
N TRP A 44 -2.40 5.28 8.49
CA TRP A 44 -1.27 5.73 7.64
C TRP A 44 -0.03 4.82 7.80
N ASP A 45 -0.28 3.61 8.31
CA ASP A 45 0.70 2.52 8.28
C ASP A 45 0.78 2.02 6.85
N LEU A 46 1.81 2.54 6.15
CA LEU A 46 2.07 2.28 4.73
C LEU A 46 2.04 0.77 4.41
N THR A 47 2.77 -0.01 5.23
CA THR A 47 2.93 -1.46 5.05
C THR A 47 1.58 -2.19 5.16
N ALA A 48 0.75 -1.75 6.13
CA ALA A 48 -0.58 -2.33 6.39
C ALA A 48 -1.54 -2.08 5.20
N ALA A 49 -1.45 -0.87 4.63
CA ALA A 49 -2.32 -0.43 3.52
C ALA A 49 -1.93 -1.10 2.19
N LEU A 50 -0.61 -1.18 1.93
CA LEU A 50 -0.05 -1.82 0.71
C LEU A 50 -0.44 -3.29 0.66
N SER A 51 -0.23 -3.98 1.79
CA SER A 51 -0.51 -5.42 1.91
C SER A 51 -2.03 -5.69 1.94
N ASP A 52 -2.84 -4.69 2.37
CA ASP A 52 -4.31 -4.80 2.37
C ASP A 52 -4.83 -4.70 0.94
N TYR A 53 -4.26 -3.75 0.19
CA TYR A 53 -4.63 -3.45 -1.19
C TYR A 53 -4.34 -4.65 -2.11
N GLU A 54 -3.09 -5.16 -2.05
CA GLU A 54 -2.67 -6.27 -2.90
C GLU A 54 -3.41 -7.56 -2.52
N GLN A 55 -3.72 -7.72 -1.22
CA GLN A 55 -4.48 -8.88 -0.71
C GLN A 55 -5.93 -8.90 -1.26
N LEU A 56 -6.62 -7.72 -1.25
CA LEU A 56 -8.01 -7.64 -1.76
C LEU A 56 -8.05 -7.80 -3.29
N ARG A 57 -6.88 -7.58 -3.95
CA ARG A 57 -6.74 -7.84 -5.41
C ARG A 57 -6.39 -9.32 -5.70
N GLN A 58 -5.56 -9.93 -4.82
CA GLN A 58 -5.15 -11.35 -4.96
C GLN A 58 -6.37 -12.27 -4.79
N VAL A 59 -7.14 -11.99 -3.72
CA VAL A 59 -8.36 -12.72 -3.35
C VAL A 59 -8.05 -14.20 -3.01
N HIS A 60 -8.23 -14.60 -1.73
CA HIS A 60 -8.00 -16.00 -1.29
C HIS A 60 -8.99 -16.99 -1.96
N THR A 61 -10.17 -16.47 -2.36
CA THR A 61 -11.21 -17.23 -3.09
C THR A 61 -10.79 -17.47 -4.56
N ALA A 62 -9.85 -16.63 -5.06
CA ALA A 62 -9.27 -16.76 -6.42
C ALA A 62 -8.25 -17.91 -6.46
N ASN A 63 -7.83 -18.27 -7.68
CA ASN A 63 -6.81 -19.32 -7.89
C ASN A 63 -5.40 -18.71 -7.84
N LEU A 64 -4.80 -18.68 -6.63
CA LEU A 64 -3.41 -18.24 -6.43
C LEU A 64 -2.45 -19.32 -6.98
N PRO A 65 -1.34 -18.92 -7.70
CA PRO A 65 -0.33 -19.88 -8.23
C PRO A 65 0.24 -20.81 -7.13
N HIS A 66 0.65 -20.19 -6.01
CA HIS A 66 1.11 -20.89 -4.79
C HIS A 66 0.74 -20.05 -3.55
N VAL A 67 0.73 -20.69 -2.37
CA VAL A 67 0.53 -19.98 -1.08
C VAL A 67 1.80 -19.20 -0.71
N PHE A 68 1.62 -17.96 -0.20
CA PHE A 68 2.74 -17.10 0.23
C PHE A 68 3.35 -17.66 1.54
N ASN A 69 2.52 -17.70 2.60
CA ASN A 69 2.93 -18.28 3.91
C ASN A 69 1.68 -18.60 4.76
N GLU A 70 1.84 -19.53 5.71
CA GLU A 70 0.78 -19.97 6.63
C GLU A 70 1.38 -20.16 8.04
N GLY A 71 0.51 -20.24 9.07
CA GLY A 71 0.93 -20.58 10.43
C GLY A 71 1.27 -22.07 10.55
N ARG A 72 2.48 -22.43 10.12
CA ARG A 72 2.96 -23.82 10.04
C ARG A 72 3.28 -24.40 11.43
N GLY A 73 3.21 -25.73 11.55
CA GLY A 73 3.53 -26.43 12.80
C GLY A 73 3.87 -27.90 12.55
N SER A 1 6.65 -13.17 0.47
CA SER A 1 7.73 -13.26 1.48
C SER A 1 8.97 -12.50 0.98
N ALA A 2 9.08 -11.23 1.41
CA ALA A 2 10.24 -10.37 1.16
C ALA A 2 10.66 -9.69 2.48
N GLU A 3 9.83 -8.69 2.92
CA GLU A 3 10.00 -7.96 4.20
C GLU A 3 11.45 -7.47 4.39
N CYS A 4 11.80 -6.39 3.67
CA CYS A 4 13.19 -5.89 3.58
C CYS A 4 13.68 -5.34 4.93
N TRP A 5 14.36 -6.23 5.71
CA TRP A 5 15.00 -5.89 7.01
C TRP A 5 13.96 -5.48 8.08
N ALA A 6 14.45 -4.93 9.20
CA ALA A 6 13.63 -4.47 10.32
C ALA A 6 13.95 -3.00 10.59
N ALA A 7 13.24 -2.10 9.88
CA ALA A 7 13.40 -0.63 10.00
C ALA A 7 13.10 -0.13 11.44
N LEU A 8 13.56 1.12 11.72
CA LEU A 8 13.46 1.76 13.04
C LEU A 8 11.99 1.83 13.53
N LEU A 9 11.70 1.08 14.61
CA LEU A 9 10.36 1.02 15.24
C LEU A 9 10.06 2.33 16.02
N HIS A 10 11.13 3.03 16.45
CA HIS A 10 11.03 4.35 17.08
C HIS A 10 10.67 5.42 16.04
N ASP A 11 10.22 6.57 16.55
CA ASP A 11 9.92 7.81 15.80
C ASP A 11 8.64 7.63 14.94
N PRO A 12 7.44 8.02 15.47
CA PRO A 12 6.18 8.08 14.68
C PRO A 12 6.06 9.38 13.83
N MET A 13 6.96 10.34 14.09
CA MET A 13 6.93 11.69 13.46
C MET A 13 7.42 11.65 12.00
N THR A 14 8.27 10.66 11.67
CA THR A 14 8.84 10.48 10.33
C THR A 14 7.76 10.11 9.28
N LEU A 15 6.58 9.65 9.76
CA LEU A 15 5.41 9.39 8.92
C LEU A 15 4.85 10.73 8.42
N ASP A 16 5.06 10.98 7.14
CA ASP A 16 4.51 12.15 6.44
C ASP A 16 3.36 11.69 5.55
N MET A 17 2.14 12.21 5.79
CA MET A 17 0.91 11.79 5.08
C MET A 17 1.06 11.89 3.55
N ASP A 18 1.64 13.00 3.07
CA ASP A 18 1.86 13.25 1.63
C ASP A 18 2.88 12.24 1.04
N ALA A 19 3.92 11.91 1.82
CA ALA A 19 4.97 10.96 1.40
C ALA A 19 4.44 9.52 1.33
N VAL A 20 3.67 9.12 2.36
CA VAL A 20 3.08 7.77 2.46
C VAL A 20 2.02 7.56 1.35
N LEU A 21 1.29 8.65 1.04
CA LEU A 21 0.28 8.68 -0.04
C LEU A 21 0.97 8.49 -1.40
N SER A 22 2.08 9.20 -1.59
CA SER A 22 2.84 9.22 -2.85
C SER A 22 3.51 7.84 -3.10
N ASP A 23 4.09 7.26 -2.03
CA ASP A 23 4.75 5.95 -2.06
C ASP A 23 3.73 4.82 -2.29
N PHE A 24 2.55 4.96 -1.68
CA PHE A 24 1.47 3.98 -1.83
C PHE A 24 1.04 3.92 -3.30
N VAL A 25 0.59 5.09 -3.83
CA VAL A 25 0.10 5.23 -5.22
C VAL A 25 1.14 4.75 -6.25
N ARG A 26 2.42 5.08 -5.99
CA ARG A 26 3.55 4.72 -6.87
C ARG A 26 3.76 3.19 -6.92
N SER A 27 3.67 2.54 -5.74
CA SER A 27 3.97 1.09 -5.59
C SER A 27 2.78 0.20 -6.03
N THR A 28 1.55 0.67 -5.77
CA THR A 28 0.31 -0.10 -5.99
C THR A 28 -0.31 0.21 -7.36
N GLY A 29 -0.02 1.42 -7.87
CA GLY A 29 -0.67 1.93 -9.08
C GLY A 29 -2.11 2.37 -8.81
N ALA A 30 -2.42 2.70 -7.53
CA ALA A 30 -3.76 3.11 -7.09
C ALA A 30 -4.06 4.57 -7.45
N GLU A 31 -5.32 4.98 -7.21
CA GLU A 31 -5.75 6.38 -7.39
C GLU A 31 -5.58 7.11 -6.03
N PRO A 32 -5.43 8.47 -6.01
CA PRO A 32 -5.16 9.26 -4.76
C PRO A 32 -6.31 9.14 -3.71
N GLY A 33 -7.57 9.03 -4.20
CA GLY A 33 -8.74 8.93 -3.32
C GLY A 33 -8.80 7.61 -2.59
N LEU A 34 -8.66 6.51 -3.35
CA LEU A 34 -8.61 5.12 -2.83
C LEU A 34 -7.43 4.95 -1.85
N ALA A 35 -6.28 5.50 -2.25
CA ALA A 35 -5.02 5.43 -1.50
C ALA A 35 -5.16 6.06 -0.12
N ARG A 36 -5.61 7.33 -0.12
CA ARG A 36 -5.85 8.13 1.10
C ARG A 36 -6.86 7.42 2.04
N ASP A 37 -7.93 6.88 1.43
CA ASP A 37 -9.00 6.14 2.15
C ASP A 37 -8.42 4.93 2.92
N LEU A 38 -7.65 4.10 2.19
CA LEU A 38 -7.06 2.85 2.73
C LEU A 38 -6.06 3.16 3.84
N LEU A 39 -5.24 4.19 3.59
CA LEU A 39 -4.20 4.65 4.54
C LEU A 39 -4.81 5.06 5.88
N GLU A 40 -5.87 5.88 5.86
CA GLU A 40 -6.57 6.35 7.10
C GLU A 40 -7.07 5.18 7.98
N GLY A 41 -7.55 4.11 7.31
CA GLY A 41 -8.02 2.89 7.99
C GLY A 41 -6.90 2.10 8.66
N LYS A 42 -5.64 2.34 8.20
CA LYS A 42 -4.42 1.67 8.73
C LYS A 42 -3.58 2.64 9.60
N ASN A 43 -4.16 3.80 9.99
CA ASN A 43 -3.46 4.84 10.79
C ASN A 43 -2.27 5.42 9.97
N TRP A 44 -2.52 5.57 8.65
CA TRP A 44 -1.55 6.01 7.62
C TRP A 44 -0.26 5.16 7.59
N ASP A 45 -0.35 3.92 8.07
CA ASP A 45 0.75 2.96 8.01
C ASP A 45 0.80 2.39 6.59
N LEU A 46 1.92 2.69 5.89
CA LEU A 46 2.14 2.28 4.49
C LEU A 46 2.01 0.76 4.33
N THR A 47 2.67 0.02 5.23
CA THR A 47 2.86 -1.44 5.13
C THR A 47 1.52 -2.23 5.18
N ALA A 48 0.66 -1.85 6.15
CA ALA A 48 -0.66 -2.47 6.36
C ALA A 48 -1.62 -2.15 5.20
N ALA A 49 -1.45 -0.96 4.62
CA ALA A 49 -2.26 -0.49 3.49
C ALA A 49 -1.87 -1.21 2.18
N LEU A 50 -0.55 -1.46 2.00
CA LEU A 50 -0.01 -2.22 0.83
C LEU A 50 -0.59 -3.64 0.83
N SER A 51 -0.54 -4.26 2.03
CA SER A 51 -1.06 -5.62 2.29
C SER A 51 -2.58 -5.69 2.05
N ASP A 52 -3.29 -4.60 2.38
CA ASP A 52 -4.76 -4.50 2.23
C ASP A 52 -5.14 -4.32 0.75
N TYR A 53 -4.31 -3.53 0.01
CA TYR A 53 -4.53 -3.26 -1.41
C TYR A 53 -4.34 -4.53 -2.24
N GLU A 54 -3.22 -5.25 -2.03
CA GLU A 54 -2.91 -6.50 -2.77
C GLU A 54 -3.94 -7.60 -2.44
N GLN A 55 -4.53 -7.50 -1.23
CA GLN A 55 -5.67 -8.35 -0.80
C GLN A 55 -6.89 -8.11 -1.72
N LEU A 56 -7.35 -6.85 -1.81
CA LEU A 56 -8.54 -6.46 -2.61
C LEU A 56 -8.22 -6.49 -4.13
N ARG A 57 -6.92 -6.50 -4.47
CA ARG A 57 -6.45 -6.59 -5.86
C ARG A 57 -6.52 -8.03 -6.35
N GLN A 58 -6.21 -8.97 -5.42
CA GLN A 58 -5.93 -10.39 -5.75
C GLN A 58 -7.05 -11.00 -6.60
N VAL A 59 -8.26 -11.15 -6.01
CA VAL A 59 -9.48 -11.67 -6.70
C VAL A 59 -9.17 -12.97 -7.50
N HIS A 60 -8.57 -13.96 -6.78
CA HIS A 60 -8.10 -15.26 -7.35
C HIS A 60 -7.07 -15.05 -8.49
N THR A 61 -6.21 -14.02 -8.31
CA THR A 61 -5.25 -13.52 -9.30
C THR A 61 -6.00 -13.12 -10.61
N ALA A 62 -6.73 -11.99 -10.51
CA ALA A 62 -7.49 -11.39 -11.61
C ALA A 62 -6.53 -10.97 -12.73
N ASN A 63 -6.66 -11.69 -13.87
CA ASN A 63 -5.77 -11.57 -15.04
C ASN A 63 -4.37 -12.11 -14.69
N LEU A 64 -4.14 -13.40 -14.97
CA LEU A 64 -2.81 -14.04 -14.85
C LEU A 64 -2.31 -14.50 -16.24
N PRO A 65 -0.97 -14.36 -16.55
CA PRO A 65 -0.37 -14.95 -17.78
C PRO A 65 -0.47 -16.50 -17.78
N HIS A 66 -0.12 -17.10 -16.63
CA HIS A 66 -0.25 -18.54 -16.37
C HIS A 66 -0.71 -18.76 -14.92
N VAL A 67 -1.26 -19.94 -14.61
CA VAL A 67 -1.68 -20.28 -13.23
C VAL A 67 -0.45 -20.66 -12.36
N PHE A 68 -0.51 -20.33 -11.06
CA PHE A 68 0.54 -20.70 -10.08
C PHE A 68 -0.15 -21.32 -8.86
N ASN A 69 0.21 -22.59 -8.57
CA ASN A 69 -0.36 -23.39 -7.49
C ASN A 69 0.52 -24.63 -7.29
N GLU A 70 1.53 -24.52 -6.42
CA GLU A 70 2.46 -25.62 -6.08
C GLU A 70 2.25 -26.09 -4.62
N GLY A 71 1.48 -25.31 -3.85
CA GLY A 71 1.18 -25.64 -2.45
C GLY A 71 0.94 -24.40 -1.61
N ARG A 72 1.87 -23.44 -1.71
CA ARG A 72 1.77 -22.14 -1.02
C ARG A 72 0.79 -21.25 -1.82
N GLY A 73 1.11 -21.03 -3.11
CA GLY A 73 0.26 -20.24 -4.03
C GLY A 73 0.37 -18.73 -3.78
N SER A 1 -2.70 14.75 9.81
CA SER A 1 -3.84 14.06 9.12
C SER A 1 -4.39 14.91 7.96
N ALA A 2 -4.05 16.21 7.95
CA ALA A 2 -4.47 17.15 6.89
C ALA A 2 -3.54 17.03 5.65
N GLU A 3 -3.96 17.67 4.55
CA GLU A 3 -3.21 17.70 3.28
C GLU A 3 -1.97 18.64 3.42
N CYS A 4 -0.77 18.03 3.50
CA CYS A 4 0.48 18.78 3.76
C CYS A 4 1.63 18.19 2.91
N TRP A 5 2.04 18.93 1.86
CA TRP A 5 3.16 18.54 0.98
C TRP A 5 4.50 18.75 1.71
N ALA A 6 5.43 17.81 1.52
CA ALA A 6 6.77 17.85 2.14
C ALA A 6 7.85 17.83 1.05
N ALA A 7 8.02 16.66 0.39
CA ALA A 7 9.13 16.43 -0.58
C ALA A 7 8.87 15.24 -1.51
N LEU A 8 7.83 14.43 -1.19
CA LEU A 8 7.48 13.19 -1.92
C LEU A 8 8.59 12.14 -1.75
N LEU A 9 8.24 11.03 -1.05
CA LEU A 9 9.15 9.91 -0.70
C LEU A 9 10.11 10.29 0.47
N HIS A 10 10.77 11.46 0.35
CA HIS A 10 11.61 12.02 1.43
C HIS A 10 10.70 12.46 2.59
N ASP A 11 10.64 11.63 3.65
CA ASP A 11 9.91 11.93 4.88
C ASP A 11 10.82 12.72 5.86
N PRO A 12 10.49 14.02 6.19
CA PRO A 12 11.24 14.81 7.18
C PRO A 12 10.73 14.63 8.64
N MET A 13 9.69 13.80 8.83
CA MET A 13 9.04 13.61 10.14
C MET A 13 9.43 12.24 10.73
N THR A 14 8.66 11.19 10.37
CA THR A 14 8.82 9.81 10.87
C THR A 14 7.86 8.91 10.08
N LEU A 15 6.59 9.36 10.02
CA LEU A 15 5.60 8.90 9.05
C LEU A 15 5.02 10.19 8.44
N ASP A 16 5.49 10.52 7.24
CA ASP A 16 5.09 11.73 6.53
C ASP A 16 3.99 11.38 5.54
N MET A 17 2.77 11.85 5.83
CA MET A 17 1.55 11.48 5.09
C MET A 17 1.57 11.89 3.61
N ASP A 18 2.40 12.88 3.25
CA ASP A 18 2.65 13.25 1.83
C ASP A 18 3.45 12.13 1.15
N ALA A 19 4.57 11.76 1.77
CA ALA A 19 5.49 10.73 1.25
C ALA A 19 4.85 9.32 1.23
N VAL A 20 3.97 9.06 2.22
CA VAL A 20 3.26 7.78 2.36
C VAL A 20 2.17 7.66 1.28
N LEU A 21 1.48 8.79 1.00
CA LEU A 21 0.47 8.88 -0.08
C LEU A 21 1.16 8.67 -1.43
N SER A 22 2.24 9.45 -1.65
CA SER A 22 3.10 9.40 -2.86
C SER A 22 3.56 7.98 -3.19
N ASP A 23 4.09 7.28 -2.16
CA ASP A 23 4.67 5.95 -2.32
C ASP A 23 3.57 4.90 -2.59
N PHE A 24 2.51 4.92 -1.78
CA PHE A 24 1.40 3.95 -1.88
C PHE A 24 0.77 3.99 -3.29
N VAL A 25 0.42 5.22 -3.75
CA VAL A 25 -0.19 5.45 -5.08
C VAL A 25 0.68 4.85 -6.21
N ARG A 26 1.99 5.12 -6.15
CA ARG A 26 2.94 4.65 -7.16
C ARG A 26 3.23 3.12 -7.03
N SER A 27 3.14 2.58 -5.80
CA SER A 27 3.49 1.17 -5.50
C SER A 27 2.39 0.21 -5.95
N THR A 28 1.16 0.48 -5.48
CA THR A 28 -0.01 -0.38 -5.72
C THR A 28 -0.70 -0.04 -7.05
N GLY A 29 -0.61 1.24 -7.45
CA GLY A 29 -1.30 1.75 -8.64
C GLY A 29 -2.70 2.28 -8.32
N ALA A 30 -2.98 2.47 -7.01
CA ALA A 30 -4.27 2.99 -6.53
C ALA A 30 -4.30 4.52 -6.63
N GLU A 31 -5.48 5.09 -6.95
CA GLU A 31 -5.64 6.54 -7.18
C GLU A 31 -5.50 7.29 -5.83
N PRO A 32 -5.16 8.62 -5.81
CA PRO A 32 -4.89 9.38 -4.54
C PRO A 32 -6.11 9.41 -3.57
N GLY A 33 -7.33 9.41 -4.13
CA GLY A 33 -8.56 9.36 -3.34
C GLY A 33 -8.73 8.02 -2.61
N LEU A 34 -8.63 6.94 -3.39
CA LEU A 34 -8.71 5.54 -2.88
C LEU A 34 -7.54 5.25 -1.93
N ALA A 35 -6.40 5.87 -2.22
CA ALA A 35 -5.15 5.70 -1.48
C ALA A 35 -5.28 6.26 -0.06
N ARG A 36 -5.63 7.56 -0.01
CA ARG A 36 -5.90 8.28 1.25
C ARG A 36 -6.95 7.55 2.10
N ASP A 37 -7.98 7.01 1.42
CA ASP A 37 -9.09 6.27 2.05
C ASP A 37 -8.57 5.00 2.79
N LEU A 38 -7.75 4.20 2.08
CA LEU A 38 -7.20 2.93 2.62
C LEU A 38 -6.13 3.21 3.70
N LEU A 39 -5.37 4.30 3.49
CA LEU A 39 -4.33 4.74 4.43
C LEU A 39 -4.95 5.13 5.77
N GLU A 40 -5.98 6.01 5.75
CA GLU A 40 -6.67 6.47 6.98
C GLU A 40 -7.41 5.31 7.68
N GLY A 41 -7.75 4.26 6.90
CA GLY A 41 -8.29 3.01 7.46
C GLY A 41 -7.25 2.22 8.26
N LYS A 42 -5.96 2.40 7.92
CA LYS A 42 -4.82 1.72 8.58
C LYS A 42 -4.01 2.67 9.51
N ASN A 43 -4.59 3.86 9.83
CA ASN A 43 -3.93 4.90 10.69
C ASN A 43 -2.70 5.51 9.96
N TRP A 44 -2.87 5.66 8.63
CA TRP A 44 -1.83 6.09 7.66
C TRP A 44 -0.58 5.17 7.61
N ASP A 45 -0.70 3.96 8.18
CA ASP A 45 0.40 2.97 8.15
C ASP A 45 0.53 2.40 6.73
N LEU A 46 1.64 2.77 6.08
CA LEU A 46 1.97 2.40 4.69
C LEU A 46 1.88 0.87 4.48
N THR A 47 2.53 0.12 5.40
CA THR A 47 2.75 -1.33 5.27
C THR A 47 1.42 -2.10 5.19
N ALA A 48 0.51 -1.78 6.12
CA ALA A 48 -0.79 -2.45 6.25
C ALA A 48 -1.71 -2.08 5.07
N ALA A 49 -1.57 -0.84 4.56
CA ALA A 49 -2.37 -0.36 3.43
C ALA A 49 -1.95 -1.05 2.13
N LEU A 50 -0.61 -1.18 1.92
CA LEU A 50 -0.02 -1.91 0.77
C LEU A 50 -0.53 -3.36 0.78
N SER A 51 -0.36 -4.00 1.95
CA SER A 51 -0.73 -5.42 2.20
C SER A 51 -2.23 -5.65 1.90
N ASP A 52 -3.04 -4.69 2.34
CA ASP A 52 -4.50 -4.70 2.17
C ASP A 52 -4.88 -4.71 0.67
N TYR A 53 -4.42 -3.69 -0.07
CA TYR A 53 -4.75 -3.50 -1.49
C TYR A 53 -4.26 -4.69 -2.32
N GLU A 54 -2.99 -5.10 -2.09
CA GLU A 54 -2.35 -6.16 -2.88
C GLU A 54 -2.99 -7.54 -2.59
N GLN A 55 -3.70 -7.66 -1.45
CA GLN A 55 -4.48 -8.86 -1.10
C GLN A 55 -5.80 -8.87 -1.90
N LEU A 56 -6.57 -7.77 -1.80
CA LEU A 56 -7.94 -7.70 -2.38
C LEU A 56 -7.93 -7.65 -3.92
N ARG A 57 -6.83 -7.15 -4.52
CA ARG A 57 -6.69 -7.07 -5.99
C ARG A 57 -6.45 -8.46 -6.60
N GLN A 58 -5.95 -9.40 -5.77
CA GLN A 58 -5.75 -10.81 -6.15
C GLN A 58 -7.09 -11.51 -6.38
N VAL A 59 -8.05 -11.24 -5.46
CA VAL A 59 -9.42 -11.79 -5.47
C VAL A 59 -9.43 -13.30 -5.07
N HIS A 60 -8.22 -13.92 -5.01
CA HIS A 60 -8.03 -15.32 -4.58
C HIS A 60 -8.26 -15.44 -3.05
N THR A 61 -9.55 -15.48 -2.72
CA THR A 61 -10.09 -15.59 -1.37
C THR A 61 -11.61 -15.48 -1.50
N ALA A 62 -12.04 -14.36 -2.13
CA ALA A 62 -13.45 -13.98 -2.33
C ALA A 62 -14.34 -14.20 -1.07
N ASN A 63 -13.69 -14.14 0.12
CA ASN A 63 -14.32 -14.41 1.41
C ASN A 63 -14.31 -13.13 2.25
N LEU A 64 -15.30 -12.30 1.98
CA LEU A 64 -15.53 -11.00 2.65
C LEU A 64 -16.96 -10.53 2.29
N PRO A 65 -17.58 -9.60 3.08
CA PRO A 65 -18.92 -9.04 2.75
C PRO A 65 -18.89 -8.32 1.38
N HIS A 66 -19.60 -8.90 0.40
CA HIS A 66 -19.62 -8.40 -1.00
C HIS A 66 -20.67 -7.28 -1.19
N VAL A 67 -20.67 -6.32 -0.24
CA VAL A 67 -21.44 -5.09 -0.33
C VAL A 67 -21.01 -4.28 -1.58
N PHE A 68 -21.98 -3.77 -2.36
CA PHE A 68 -21.71 -3.02 -3.60
C PHE A 68 -20.90 -1.77 -3.27
N ASN A 69 -21.42 -0.97 -2.32
CA ASN A 69 -20.74 0.17 -1.68
C ASN A 69 -20.46 1.34 -2.68
N GLU A 70 -20.31 2.56 -2.13
CA GLU A 70 -20.00 3.76 -2.91
C GLU A 70 -18.54 3.71 -3.41
N GLY A 71 -18.37 3.79 -4.73
CA GLY A 71 -17.05 3.77 -5.37
C GLY A 71 -17.11 4.34 -6.77
N ARG A 72 -17.04 3.46 -7.79
CA ARG A 72 -17.11 3.87 -9.20
C ARG A 72 -18.60 3.93 -9.61
N GLY A 73 -19.10 5.15 -9.83
CA GLY A 73 -20.48 5.38 -10.27
C GLY A 73 -20.86 6.85 -10.10
N SER A 1 31.92 -8.27 25.49
CA SER A 1 31.29 -7.00 25.10
C SER A 1 29.96 -7.31 24.36
N ALA A 2 28.88 -7.44 25.15
CA ALA A 2 27.54 -7.77 24.66
C ALA A 2 26.91 -6.58 23.93
N GLU A 3 26.93 -6.63 22.59
CA GLU A 3 26.35 -5.58 21.74
C GLU A 3 26.02 -6.14 20.34
N CYS A 4 25.19 -5.39 19.61
CA CYS A 4 24.83 -5.68 18.22
C CYS A 4 24.44 -4.36 17.52
N TRP A 5 23.54 -3.59 18.20
CA TRP A 5 23.02 -2.28 17.76
C TRP A 5 22.16 -2.40 16.48
N ALA A 6 21.53 -1.30 16.07
CA ALA A 6 20.68 -1.28 14.87
C ALA A 6 20.64 0.13 14.25
N ALA A 7 20.12 1.11 15.02
CA ALA A 7 19.91 2.51 14.55
C ALA A 7 18.97 2.56 13.32
N LEU A 8 18.07 1.56 13.22
CA LEU A 8 17.17 1.37 12.06
C LEU A 8 15.85 2.13 12.29
N LEU A 9 15.58 3.12 11.43
CA LEU A 9 14.33 3.91 11.44
C LEU A 9 13.65 3.76 10.08
N HIS A 10 12.52 3.04 10.06
CA HIS A 10 11.74 2.78 8.81
C HIS A 10 11.17 4.09 8.25
N ASP A 11 10.67 4.93 9.18
CA ASP A 11 10.08 6.25 8.89
C ASP A 11 11.16 7.36 9.08
N PRO A 12 11.03 8.53 8.37
CA PRO A 12 12.07 9.61 8.39
C PRO A 12 12.07 10.48 9.68
N MET A 13 11.03 10.33 10.51
CA MET A 13 10.85 11.12 11.75
C MET A 13 9.77 10.48 12.62
N THR A 14 8.55 10.36 12.08
CA THR A 14 7.40 9.72 12.75
C THR A 14 6.52 9.03 11.69
N LEU A 15 5.92 9.87 10.82
CA LEU A 15 5.07 9.47 9.70
C LEU A 15 4.75 10.73 8.89
N ASP A 16 5.03 10.70 7.58
CA ASP A 16 4.78 11.82 6.67
C ASP A 16 3.67 11.43 5.71
N MET A 17 2.45 11.94 5.96
CA MET A 17 1.23 11.62 5.18
C MET A 17 1.41 11.85 3.67
N ASP A 18 2.15 12.92 3.31
CA ASP A 18 2.42 13.28 1.91
C ASP A 18 3.34 12.24 1.23
N ALA A 19 4.40 11.81 1.95
CA ALA A 19 5.35 10.80 1.45
C ALA A 19 4.68 9.41 1.35
N VAL A 20 3.83 9.10 2.34
CA VAL A 20 3.12 7.81 2.47
C VAL A 20 2.03 7.69 1.37
N LEU A 21 1.35 8.82 1.06
CA LEU A 21 0.32 8.87 -0.01
C LEU A 21 0.99 8.66 -1.37
N SER A 22 2.06 9.44 -1.61
CA SER A 22 2.83 9.42 -2.87
C SER A 22 3.43 8.03 -3.12
N ASP A 23 3.95 7.41 -2.04
CA ASP A 23 4.63 6.10 -2.08
C ASP A 23 3.62 5.00 -2.43
N PHE A 24 2.45 5.03 -1.75
CA PHE A 24 1.37 4.06 -1.97
C PHE A 24 0.93 4.08 -3.45
N VAL A 25 0.55 5.27 -3.93
CA VAL A 25 0.07 5.50 -5.31
C VAL A 25 1.11 5.03 -6.35
N ARG A 26 2.39 5.28 -6.05
CA ARG A 26 3.51 4.99 -6.95
C ARG A 26 3.81 3.48 -7.00
N SER A 27 3.59 2.78 -5.87
CA SER A 27 3.84 1.33 -5.74
C SER A 27 2.68 0.51 -6.37
N THR A 28 1.46 0.83 -5.95
CA THR A 28 0.24 0.06 -6.31
C THR A 28 -0.29 0.48 -7.68
N GLY A 29 -0.16 1.77 -7.99
CA GLY A 29 -0.77 2.36 -9.19
C GLY A 29 -2.20 2.85 -8.95
N ALA A 30 -2.66 2.77 -7.68
CA ALA A 30 -4.03 3.17 -7.27
C ALA A 30 -4.17 4.71 -7.22
N GLU A 31 -5.42 5.22 -7.24
CA GLU A 31 -5.67 6.69 -7.28
C GLU A 31 -5.40 7.31 -5.87
N PRO A 32 -5.11 8.65 -5.77
CA PRO A 32 -4.79 9.33 -4.47
C PRO A 32 -5.98 9.32 -3.46
N GLY A 33 -7.22 9.33 -3.98
CA GLY A 33 -8.43 9.29 -3.13
C GLY A 33 -8.62 7.94 -2.46
N LEU A 34 -8.48 6.87 -3.26
CA LEU A 34 -8.52 5.47 -2.80
C LEU A 34 -7.36 5.20 -1.85
N ALA A 35 -6.19 5.75 -2.20
CA ALA A 35 -4.95 5.61 -1.44
C ALA A 35 -5.12 6.17 -0.02
N ARG A 36 -5.56 7.43 0.05
CA ARG A 36 -5.85 8.16 1.30
C ARG A 36 -6.91 7.42 2.15
N ASP A 37 -7.93 6.87 1.48
CA ASP A 37 -9.03 6.09 2.11
C ASP A 37 -8.48 4.85 2.83
N LEU A 38 -7.61 4.09 2.11
CA LEU A 38 -7.01 2.84 2.61
C LEU A 38 -6.01 3.14 3.73
N LEU A 39 -5.20 4.20 3.52
CA LEU A 39 -4.16 4.64 4.45
C LEU A 39 -4.79 5.04 5.79
N GLU A 40 -5.74 6.00 5.77
CA GLU A 40 -6.46 6.46 7.00
C GLU A 40 -7.23 5.32 7.69
N GLY A 41 -7.67 4.34 6.90
CA GLY A 41 -8.27 3.12 7.44
C GLY A 41 -7.28 2.29 8.26
N LYS A 42 -5.99 2.29 7.83
CA LYS A 42 -4.89 1.59 8.49
C LYS A 42 -4.03 2.54 9.38
N ASN A 43 -4.57 3.74 9.70
CA ASN A 43 -3.90 4.77 10.54
C ASN A 43 -2.60 5.27 9.84
N TRP A 44 -2.72 5.53 8.53
CA TRP A 44 -1.63 5.91 7.61
C TRP A 44 -0.43 4.94 7.60
N ASP A 45 -0.63 3.69 8.08
CA ASP A 45 0.41 2.66 8.02
C ASP A 45 0.55 2.20 6.57
N LEU A 46 1.62 2.71 5.93
CA LEU A 46 1.94 2.45 4.52
C LEU A 46 1.91 0.94 4.20
N THR A 47 2.61 0.16 5.04
CA THR A 47 2.80 -1.29 4.84
C THR A 47 1.47 -2.05 4.89
N ALA A 48 0.61 -1.69 5.86
CA ALA A 48 -0.69 -2.34 6.10
C ALA A 48 -1.68 -2.04 4.97
N ALA A 49 -1.61 -0.81 4.42
CA ALA A 49 -2.48 -0.38 3.31
C ALA A 49 -2.06 -1.05 1.99
N LEU A 50 -0.73 -1.20 1.79
CA LEU A 50 -0.15 -1.93 0.63
C LEU A 50 -0.62 -3.41 0.69
N SER A 51 -0.49 -4.00 1.89
CA SER A 51 -0.89 -5.40 2.18
C SER A 51 -2.40 -5.59 1.99
N ASP A 52 -3.18 -4.55 2.31
CA ASP A 52 -4.65 -4.54 2.16
C ASP A 52 -5.04 -4.57 0.68
N TYR A 53 -4.46 -3.63 -0.10
CA TYR A 53 -4.78 -3.44 -1.53
C TYR A 53 -4.51 -4.72 -2.34
N GLU A 54 -3.32 -5.32 -2.12
CA GLU A 54 -2.90 -6.56 -2.81
C GLU A 54 -3.80 -7.73 -2.37
N GLN A 55 -4.10 -7.82 -1.04
CA GLN A 55 -4.87 -8.94 -0.45
C GLN A 55 -6.29 -9.01 -1.03
N LEU A 56 -6.97 -7.86 -1.08
CA LEU A 56 -8.35 -7.77 -1.60
C LEU A 56 -8.37 -8.07 -3.10
N ARG A 57 -7.25 -7.74 -3.80
CA ARG A 57 -7.09 -8.02 -5.25
C ARG A 57 -6.59 -9.46 -5.53
N GLN A 58 -6.28 -10.26 -4.49
CA GLN A 58 -5.90 -11.69 -4.69
C GLN A 58 -7.14 -12.49 -5.09
N VAL A 59 -8.12 -12.52 -4.16
CA VAL A 59 -9.39 -13.27 -4.31
C VAL A 59 -9.11 -14.77 -4.56
N HIS A 60 -8.29 -15.37 -3.67
CA HIS A 60 -7.91 -16.81 -3.74
C HIS A 60 -9.03 -17.66 -3.13
N THR A 61 -9.50 -17.23 -1.95
CA THR A 61 -10.60 -17.89 -1.23
C THR A 61 -11.96 -17.33 -1.70
N ALA A 62 -11.96 -16.00 -2.00
CA ALA A 62 -13.16 -15.22 -2.41
C ALA A 62 -14.19 -15.06 -1.26
N ASN A 63 -13.81 -15.49 -0.04
CA ASN A 63 -14.67 -15.49 1.16
C ASN A 63 -14.08 -14.53 2.20
N LEU A 64 -14.76 -13.40 2.40
CA LEU A 64 -14.35 -12.36 3.37
C LEU A 64 -15.63 -11.70 3.95
N PRO A 65 -15.70 -11.48 5.30
CA PRO A 65 -16.89 -10.92 5.97
C PRO A 65 -17.11 -9.43 5.61
N HIS A 66 -18.05 -9.18 4.70
CA HIS A 66 -18.47 -7.81 4.32
C HIS A 66 -19.71 -7.41 5.14
N VAL A 67 -19.92 -6.09 5.26
CA VAL A 67 -21.12 -5.54 5.93
C VAL A 67 -22.35 -5.69 5.02
N PHE A 68 -23.55 -5.63 5.62
CA PHE A 68 -24.84 -5.74 4.91
C PHE A 68 -25.31 -4.34 4.40
N ASN A 69 -24.32 -3.42 4.17
CA ASN A 69 -24.56 -1.97 3.98
C ASN A 69 -25.05 -1.36 5.33
N GLU A 70 -25.21 -0.03 5.39
CA GLU A 70 -25.93 0.62 6.50
C GLU A 70 -27.42 0.19 6.44
N GLY A 71 -28.01 -0.10 7.63
CA GLY A 71 -29.41 -0.48 7.72
C GLY A 71 -30.36 0.70 7.47
N ARG A 72 -31.58 0.40 7.00
CA ARG A 72 -32.60 1.43 6.71
C ARG A 72 -33.04 2.15 8.00
N GLY A 73 -32.53 3.38 8.18
CA GLY A 73 -32.78 4.17 9.39
C GLY A 73 -31.88 5.42 9.42
N SER A 1 23.02 6.53 -16.36
CA SER A 1 23.78 7.55 -15.61
C SER A 1 23.29 7.60 -14.16
N ALA A 2 24.15 8.14 -13.27
CA ALA A 2 23.84 8.28 -11.83
C ALA A 2 23.16 9.63 -11.54
N GLU A 3 22.11 9.58 -10.73
CA GLU A 3 21.35 10.76 -10.24
C GLU A 3 20.64 10.39 -8.92
N CYS A 4 20.00 9.20 -8.94
CA CYS A 4 19.47 8.50 -7.75
C CYS A 4 18.44 9.34 -6.95
N TRP A 5 17.15 9.16 -7.26
CA TRP A 5 16.04 9.76 -6.52
C TRP A 5 15.57 8.77 -5.43
N ALA A 6 16.34 8.69 -4.33
CA ALA A 6 16.04 7.80 -3.21
C ALA A 6 16.84 8.27 -1.97
N ALA A 7 16.28 9.23 -1.22
CA ALA A 7 16.91 9.76 -0.01
C ALA A 7 15.86 9.94 1.10
N LEU A 8 15.77 8.95 1.99
CA LEU A 8 14.95 9.03 3.21
C LEU A 8 15.81 8.45 4.35
N LEU A 9 16.82 9.24 4.76
CA LEU A 9 17.71 8.92 5.88
C LEU A 9 17.39 9.87 7.03
N HIS A 10 17.09 9.26 8.21
CA HIS A 10 16.55 9.95 9.41
C HIS A 10 15.08 10.40 9.15
N ASP A 11 14.30 10.55 10.23
CA ASP A 11 12.88 10.97 10.13
C ASP A 11 12.76 12.51 10.02
N PRO A 12 12.18 13.05 8.91
CA PRO A 12 11.72 14.46 8.85
C PRO A 12 10.33 14.62 9.53
N MET A 13 9.70 13.46 9.76
CA MET A 13 8.39 13.29 10.40
C MET A 13 8.17 11.77 10.60
N THR A 14 7.78 11.35 11.81
CA THR A 14 7.67 9.92 12.19
C THR A 14 6.74 9.16 11.22
N LEU A 15 5.57 9.78 10.95
CA LEU A 15 4.67 9.38 9.88
C LEU A 15 4.45 10.62 9.01
N ASP A 16 5.13 10.64 7.87
CA ASP A 16 5.01 11.71 6.89
C ASP A 16 3.91 11.35 5.88
N MET A 17 2.70 11.90 6.09
CA MET A 17 1.50 11.56 5.30
C MET A 17 1.71 11.76 3.78
N ASP A 18 2.51 12.77 3.41
CA ASP A 18 2.83 13.07 2.00
C ASP A 18 3.63 11.91 1.38
N ALA A 19 4.66 11.44 2.12
CA ALA A 19 5.55 10.35 1.67
C ALA A 19 4.80 9.00 1.63
N VAL A 20 3.86 8.81 2.57
CA VAL A 20 3.04 7.59 2.68
C VAL A 20 2.05 7.50 1.49
N LEU A 21 1.37 8.63 1.19
CA LEU A 21 0.38 8.72 0.10
C LEU A 21 1.06 8.56 -1.28
N SER A 22 2.17 9.30 -1.47
CA SER A 22 2.93 9.32 -2.74
C SER A 22 3.51 7.93 -3.07
N ASP A 23 4.10 7.28 -2.06
CA ASP A 23 4.75 5.96 -2.18
C ASP A 23 3.70 4.90 -2.55
N PHE A 24 2.55 4.94 -1.84
CA PHE A 24 1.45 3.99 -2.03
C PHE A 24 0.93 4.03 -3.49
N VAL A 25 0.49 5.22 -3.93
CA VAL A 25 -0.06 5.46 -5.29
C VAL A 25 0.93 4.97 -6.39
N ARG A 26 2.21 5.26 -6.14
CA ARG A 26 3.33 4.95 -7.05
C ARG A 26 3.56 3.43 -7.18
N SER A 27 3.42 2.70 -6.07
CA SER A 27 3.73 1.25 -6.00
C SER A 27 2.52 0.37 -6.40
N THR A 28 1.32 0.74 -5.92
CA THR A 28 0.10 -0.07 -6.08
C THR A 28 -0.64 0.23 -7.39
N GLY A 29 -0.48 1.48 -7.87
CA GLY A 29 -1.21 1.96 -9.05
C GLY A 29 -2.63 2.43 -8.72
N ALA A 30 -2.90 2.64 -7.41
CA ALA A 30 -4.19 3.15 -6.92
C ALA A 30 -4.27 4.67 -7.09
N GLU A 31 -5.50 5.21 -7.20
CA GLU A 31 -5.73 6.67 -7.36
C GLU A 31 -5.50 7.36 -6.00
N PRO A 32 -5.24 8.72 -5.96
CA PRO A 32 -4.97 9.45 -4.67
C PRO A 32 -6.11 9.33 -3.63
N GLY A 33 -7.36 9.29 -4.13
CA GLY A 33 -8.56 9.21 -3.26
C GLY A 33 -8.71 7.84 -2.59
N LEU A 34 -8.60 6.78 -3.42
CA LEU A 34 -8.67 5.36 -2.96
C LEU A 34 -7.51 5.07 -1.99
N ALA A 35 -6.32 5.57 -2.38
CA ALA A 35 -5.09 5.45 -1.60
C ALA A 35 -5.26 5.99 -0.20
N ARG A 36 -5.66 7.27 -0.15
CA ARG A 36 -5.96 8.00 1.10
C ARG A 36 -6.99 7.26 1.96
N ASP A 37 -8.03 6.71 1.31
CA ASP A 37 -9.13 5.98 1.98
C ASP A 37 -8.61 4.72 2.71
N LEU A 38 -7.79 3.92 1.99
CA LEU A 38 -7.20 2.67 2.54
C LEU A 38 -6.20 3.00 3.67
N LEU A 39 -5.50 4.14 3.50
CA LEU A 39 -4.57 4.69 4.49
C LEU A 39 -5.32 5.08 5.78
N GLU A 40 -6.50 5.71 5.65
CA GLU A 40 -7.34 6.10 6.81
C GLU A 40 -7.76 4.87 7.64
N GLY A 41 -7.97 3.74 6.93
CA GLY A 41 -8.27 2.45 7.56
C GLY A 41 -7.08 1.85 8.32
N LYS A 42 -5.86 2.27 7.94
CA LYS A 42 -4.60 1.77 8.56
C LYS A 42 -3.90 2.83 9.44
N ASN A 43 -4.59 3.98 9.68
CA ASN A 43 -4.04 5.13 10.45
C ASN A 43 -2.74 5.66 9.77
N TRP A 44 -2.83 5.69 8.43
CA TRP A 44 -1.76 6.10 7.49
C TRP A 44 -0.48 5.26 7.58
N ASP A 45 -0.65 3.97 7.95
CA ASP A 45 0.43 2.99 7.91
C ASP A 45 0.65 2.55 6.45
N LEU A 46 1.84 2.83 5.93
CA LEU A 46 2.21 2.54 4.54
C LEU A 46 2.12 1.03 4.25
N THR A 47 2.89 0.24 5.02
CA THR A 47 3.07 -1.21 4.78
C THR A 47 1.74 -1.99 4.91
N ALA A 48 0.93 -1.62 5.92
CA ALA A 48 -0.38 -2.24 6.20
C ALA A 48 -1.37 -1.96 5.06
N ALA A 49 -1.29 -0.74 4.49
CA ALA A 49 -2.16 -0.34 3.37
C ALA A 49 -1.71 -1.00 2.06
N LEU A 50 -0.38 -1.16 1.87
CA LEU A 50 0.19 -1.89 0.70
C LEU A 50 -0.31 -3.34 0.71
N SER A 51 -0.31 -3.93 1.93
CA SER A 51 -0.78 -5.31 2.17
C SER A 51 -2.31 -5.41 2.04
N ASP A 52 -3.02 -4.30 2.33
CA ASP A 52 -4.49 -4.21 2.23
C ASP A 52 -4.93 -4.24 0.75
N TYR A 53 -4.30 -3.37 -0.06
CA TYR A 53 -4.60 -3.23 -1.49
C TYR A 53 -4.32 -4.55 -2.24
N GLU A 54 -3.13 -5.12 -2.00
CA GLU A 54 -2.73 -6.39 -2.65
C GLU A 54 -3.62 -7.56 -2.18
N GLN A 55 -4.20 -7.44 -0.96
CA GLN A 55 -5.12 -8.44 -0.40
C GLN A 55 -6.48 -8.41 -1.16
N LEU A 56 -7.08 -7.20 -1.27
CA LEU A 56 -8.39 -7.03 -1.93
C LEU A 56 -8.29 -7.32 -3.45
N ARG A 57 -7.07 -7.17 -4.00
CA ARG A 57 -6.77 -7.54 -5.39
C ARG A 57 -6.61 -9.07 -5.53
N GLN A 58 -5.87 -9.68 -4.57
CA GLN A 58 -5.57 -11.11 -4.54
C GLN A 58 -6.86 -11.96 -4.62
N VAL A 59 -7.72 -11.78 -3.59
CA VAL A 59 -8.98 -12.54 -3.39
C VAL A 59 -8.70 -14.05 -3.22
N HIS A 60 -8.33 -14.72 -4.34
CA HIS A 60 -7.89 -16.13 -4.42
C HIS A 60 -9.09 -17.10 -4.34
N THR A 61 -9.92 -16.98 -3.27
CA THR A 61 -11.12 -17.83 -3.09
C THR A 61 -12.37 -16.96 -2.76
N ALA A 62 -12.22 -16.09 -1.74
CA ALA A 62 -13.32 -15.31 -1.13
C ALA A 62 -14.36 -16.23 -0.48
N ASN A 63 -15.27 -16.79 -1.29
CA ASN A 63 -16.38 -17.64 -0.82
C ASN A 63 -16.80 -18.66 -1.90
N LEU A 64 -16.01 -18.77 -2.99
CA LEU A 64 -16.36 -19.62 -4.15
C LEU A 64 -15.10 -20.14 -4.88
N PRO A 65 -15.13 -21.41 -5.43
CA PRO A 65 -14.01 -21.99 -6.20
C PRO A 65 -13.82 -21.32 -7.58
N HIS A 66 -12.56 -21.00 -7.92
CA HIS A 66 -12.17 -20.41 -9.24
C HIS A 66 -10.63 -20.42 -9.40
N VAL A 67 -9.94 -21.26 -8.62
CA VAL A 67 -8.46 -21.32 -8.59
C VAL A 67 -8.01 -22.81 -8.57
N PHE A 68 -6.75 -23.08 -8.97
CA PHE A 68 -6.22 -24.46 -9.00
C PHE A 68 -5.69 -24.89 -7.61
N ASN A 69 -4.39 -24.64 -7.32
CA ASN A 69 -3.75 -25.14 -6.08
C ASN A 69 -2.39 -24.45 -5.84
N GLU A 70 -2.36 -23.54 -4.84
CA GLU A 70 -1.15 -22.88 -4.34
C GLU A 70 -0.76 -23.49 -2.97
N GLY A 71 0.47 -24.00 -2.86
CA GLY A 71 0.99 -24.52 -1.59
C GLY A 71 1.63 -23.43 -0.73
N ARG A 72 2.39 -22.54 -1.40
CA ARG A 72 2.99 -21.36 -0.76
C ARG A 72 3.11 -20.26 -1.83
N GLY A 73 3.98 -20.50 -2.82
CA GLY A 73 4.29 -19.51 -3.86
C GLY A 73 4.90 -20.16 -5.10
N SER A 1 23.44 -10.22 8.68
CA SER A 1 22.58 -9.54 7.69
C SER A 1 21.16 -9.33 8.26
N ALA A 2 20.34 -8.52 7.54
CA ALA A 2 18.95 -8.15 7.94
C ALA A 2 18.93 -7.37 9.29
N GLU A 3 20.09 -6.83 9.68
CA GLU A 3 20.33 -6.16 10.96
C GLU A 3 20.61 -4.65 10.70
N CYS A 4 19.72 -3.81 11.23
CA CYS A 4 19.75 -2.34 11.07
C CYS A 4 18.85 -1.71 12.14
N TRP A 5 18.48 -0.42 11.97
CA TRP A 5 17.51 0.26 12.85
C TRP A 5 16.11 -0.34 12.66
N ALA A 6 15.83 -1.40 13.43
CA ALA A 6 14.51 -2.04 13.52
C ALA A 6 14.16 -2.26 15.00
N ALA A 7 14.71 -1.36 15.84
CA ALA A 7 14.60 -1.40 17.29
C ALA A 7 13.32 -0.68 17.77
N LEU A 8 13.17 -0.59 19.11
CA LEU A 8 12.02 0.08 19.75
C LEU A 8 12.31 1.60 19.92
N LEU A 9 12.93 2.21 18.89
CA LEU A 9 13.20 3.64 18.84
C LEU A 9 11.92 4.39 18.39
N HIS A 10 11.15 4.90 19.37
CA HIS A 10 9.88 5.59 19.12
C HIS A 10 10.15 7.08 18.86
N ASP A 11 10.41 7.41 17.58
CA ASP A 11 10.52 8.79 17.09
C ASP A 11 9.13 9.48 17.20
N PRO A 12 9.06 10.81 17.61
CA PRO A 12 7.79 11.59 17.76
C PRO A 12 6.72 11.28 16.69
N MET A 13 7.10 11.35 15.39
CA MET A 13 6.16 11.13 14.29
C MET A 13 6.79 10.25 13.19
N THR A 14 7.77 10.83 12.44
CA THR A 14 8.40 10.22 11.21
C THR A 14 7.42 10.28 10.01
N LEU A 15 6.23 9.67 10.21
CA LEU A 15 5.16 9.53 9.22
C LEU A 15 4.70 10.89 8.67
N ASP A 16 4.85 11.07 7.35
CA ASP A 16 4.31 12.23 6.60
C ASP A 16 3.19 11.71 5.70
N MET A 17 1.97 12.26 5.88
CA MET A 17 0.76 11.80 5.15
C MET A 17 0.93 11.81 3.62
N ASP A 18 1.51 12.92 3.11
CA ASP A 18 1.70 13.13 1.66
C ASP A 18 2.79 12.19 1.10
N ALA A 19 3.81 11.89 1.92
CA ALA A 19 4.92 10.99 1.54
C ALA A 19 4.46 9.52 1.46
N VAL A 20 3.63 9.12 2.44
CA VAL A 20 3.07 7.75 2.50
C VAL A 20 2.06 7.54 1.34
N LEU A 21 1.26 8.59 1.09
CA LEU A 21 0.24 8.61 0.03
C LEU A 21 0.92 8.53 -1.34
N SER A 22 2.00 9.32 -1.52
CA SER A 22 2.75 9.39 -2.79
C SER A 22 3.42 8.05 -3.09
N ASP A 23 4.09 7.50 -2.06
CA ASP A 23 4.85 6.23 -2.16
C ASP A 23 3.91 5.06 -2.50
N PHE A 24 2.73 5.06 -1.86
CA PHE A 24 1.72 4.01 -2.04
C PHE A 24 1.20 3.99 -3.49
N VAL A 25 0.78 5.16 -3.99
CA VAL A 25 0.29 5.33 -5.38
C VAL A 25 1.42 5.04 -6.40
N ARG A 26 2.66 5.33 -5.99
CA ARG A 26 3.88 5.13 -6.80
C ARG A 26 4.26 3.64 -6.89
N SER A 27 3.92 2.86 -5.86
CA SER A 27 4.27 1.42 -5.76
C SER A 27 3.15 0.54 -6.34
N THR A 28 1.94 0.65 -5.76
CA THR A 28 0.77 -0.19 -6.12
C THR A 28 0.12 0.25 -7.45
N GLY A 29 0.27 1.55 -7.78
CA GLY A 29 -0.36 2.13 -8.97
C GLY A 29 -1.84 2.44 -8.74
N ALA A 30 -2.22 2.59 -7.44
CA ALA A 30 -3.60 2.90 -7.02
C ALA A 30 -4.00 4.34 -7.37
N GLU A 31 -5.30 4.66 -7.22
CA GLU A 31 -5.80 6.03 -7.44
C GLU A 31 -5.60 6.84 -6.11
N PRO A 32 -5.52 8.21 -6.16
CA PRO A 32 -5.26 9.05 -4.94
C PRO A 32 -6.33 8.89 -3.82
N GLY A 33 -7.60 8.79 -4.22
CA GLY A 33 -8.73 8.67 -3.29
C GLY A 33 -8.78 7.34 -2.55
N LEU A 34 -8.65 6.25 -3.33
CA LEU A 34 -8.58 4.86 -2.79
C LEU A 34 -7.40 4.71 -1.83
N ALA A 35 -6.25 5.25 -2.25
CA ALA A 35 -4.99 5.21 -1.49
C ALA A 35 -5.16 5.82 -0.09
N ARG A 36 -5.64 7.08 -0.06
CA ARG A 36 -5.94 7.83 1.19
C ARG A 36 -6.96 7.09 2.07
N ASP A 37 -7.94 6.45 1.40
CA ASP A 37 -9.01 5.67 2.07
C ASP A 37 -8.43 4.49 2.86
N LEU A 38 -7.48 3.77 2.23
CA LEU A 38 -6.83 2.59 2.84
C LEU A 38 -5.91 3.04 3.98
N LEU A 39 -5.22 4.17 3.74
CA LEU A 39 -4.27 4.76 4.70
C LEU A 39 -4.99 5.21 5.98
N GLU A 40 -6.14 5.90 5.86
CA GLU A 40 -6.93 6.30 7.05
C GLU A 40 -7.51 5.07 7.77
N GLY A 41 -7.69 3.97 7.03
CA GLY A 41 -8.11 2.68 7.60
C GLY A 41 -6.94 1.82 8.10
N LYS A 42 -5.70 2.37 8.02
CA LYS A 42 -4.45 1.67 8.47
C LYS A 42 -3.57 2.58 9.35
N ASN A 43 -4.12 3.73 9.82
CA ASN A 43 -3.40 4.71 10.70
C ASN A 43 -2.20 5.35 9.93
N TRP A 44 -2.34 5.35 8.60
CA TRP A 44 -1.39 5.89 7.61
C TRP A 44 -0.09 5.06 7.57
N ASP A 45 -0.21 3.79 7.99
CA ASP A 45 0.88 2.82 7.91
C ASP A 45 0.96 2.28 6.49
N LEU A 46 2.06 2.63 5.81
CA LEU A 46 2.33 2.24 4.42
C LEU A 46 2.25 0.72 4.23
N THR A 47 2.94 -0.02 5.11
CA THR A 47 3.14 -1.49 5.01
C THR A 47 1.78 -2.24 5.08
N ALA A 48 0.91 -1.78 5.99
CA ALA A 48 -0.43 -2.36 6.22
C ALA A 48 -1.40 -2.00 5.08
N ALA A 49 -1.19 -0.81 4.48
CA ALA A 49 -1.99 -0.34 3.33
C ALA A 49 -1.63 -1.12 2.05
N LEU A 50 -0.34 -1.48 1.91
CA LEU A 50 0.16 -2.34 0.81
C LEU A 50 -0.53 -3.72 0.87
N SER A 51 -0.59 -4.26 2.11
CA SER A 51 -1.27 -5.53 2.43
C SER A 51 -2.78 -5.44 2.14
N ASP A 52 -3.37 -4.27 2.46
CA ASP A 52 -4.81 -4.01 2.30
C ASP A 52 -5.20 -3.97 0.81
N TYR A 53 -4.34 -3.31 0.00
CA TYR A 53 -4.55 -3.14 -1.44
C TYR A 53 -4.48 -4.49 -2.16
N GLU A 54 -3.39 -5.25 -1.92
CA GLU A 54 -3.16 -6.56 -2.58
C GLU A 54 -4.26 -7.57 -2.18
N GLN A 55 -4.90 -7.31 -1.03
CA GLN A 55 -6.05 -8.08 -0.55
C GLN A 55 -7.34 -7.71 -1.33
N LEU A 56 -7.62 -6.40 -1.50
CA LEU A 56 -8.90 -5.94 -2.11
C LEU A 56 -8.92 -6.15 -3.64
N ARG A 57 -7.72 -6.18 -4.27
CA ARG A 57 -7.59 -6.41 -5.73
C ARG A 57 -7.57 -7.92 -6.03
N GLN A 58 -7.34 -8.74 -4.96
CA GLN A 58 -7.22 -10.22 -5.03
C GLN A 58 -8.56 -10.85 -5.51
N VAL A 59 -9.66 -10.06 -5.43
CA VAL A 59 -11.01 -10.48 -5.88
C VAL A 59 -11.04 -10.83 -7.40
N HIS A 60 -10.56 -12.04 -7.71
CA HIS A 60 -10.47 -12.59 -9.07
C HIS A 60 -11.85 -13.08 -9.55
N THR A 61 -12.73 -13.36 -8.57
CA THR A 61 -14.11 -13.81 -8.81
C THR A 61 -15.09 -12.60 -8.79
N ALA A 62 -14.65 -11.49 -8.17
CA ALA A 62 -15.43 -10.23 -8.09
C ALA A 62 -14.79 -9.18 -9.04
N ASN A 63 -14.84 -7.87 -8.68
CA ASN A 63 -14.30 -6.78 -9.53
C ASN A 63 -12.76 -6.81 -9.52
N LEU A 64 -12.19 -7.63 -10.41
CA LEU A 64 -10.73 -7.74 -10.62
C LEU A 64 -10.24 -6.58 -11.53
N PRO A 65 -9.01 -6.01 -11.29
CA PRO A 65 -8.43 -4.93 -12.12
C PRO A 65 -8.32 -5.31 -13.61
N HIS A 66 -8.68 -4.37 -14.51
CA HIS A 66 -8.60 -4.57 -15.96
C HIS A 66 -7.14 -4.40 -16.46
N VAL A 67 -6.79 -5.15 -17.52
CA VAL A 67 -5.43 -5.15 -18.10
C VAL A 67 -5.45 -4.63 -19.56
N PHE A 68 -4.51 -3.72 -19.89
CA PHE A 68 -4.38 -3.15 -21.24
C PHE A 68 -3.25 -3.88 -22.00
N ASN A 69 -3.64 -4.66 -23.02
CA ASN A 69 -2.69 -5.40 -23.87
C ASN A 69 -1.88 -4.45 -24.77
N GLU A 70 -0.72 -4.95 -25.22
CA GLU A 70 0.21 -4.19 -26.06
C GLU A 70 0.25 -4.83 -27.45
N GLY A 71 -0.07 -4.04 -28.49
CA GLY A 71 0.05 -4.49 -29.89
C GLY A 71 1.48 -4.91 -30.22
N ARG A 72 2.42 -3.99 -29.96
CA ARG A 72 3.86 -4.26 -29.99
C ARG A 72 4.31 -4.70 -28.59
N GLY A 73 4.19 -6.01 -28.32
CA GLY A 73 4.60 -6.59 -27.04
C GLY A 73 5.94 -7.30 -27.18
N SER A 1 6.01 9.77 -13.10
CA SER A 1 5.76 8.63 -14.01
C SER A 1 6.62 7.41 -13.60
N ALA A 2 7.95 7.58 -13.63
CA ALA A 2 8.92 6.53 -13.27
C ALA A 2 9.90 7.09 -12.22
N GLU A 3 10.81 7.98 -12.66
CA GLU A 3 11.86 8.64 -11.84
C GLU A 3 12.67 7.61 -11.00
N CYS A 4 13.90 7.28 -11.45
CA CYS A 4 14.75 6.27 -10.79
C CYS A 4 15.25 6.77 -9.40
N TRP A 5 14.33 6.72 -8.42
CA TRP A 5 14.54 7.16 -7.02
C TRP A 5 15.04 8.63 -6.93
N ALA A 6 15.52 9.02 -5.73
CA ALA A 6 16.15 10.34 -5.49
C ALA A 6 17.04 10.21 -4.24
N ALA A 7 16.41 9.73 -3.15
CA ALA A 7 17.06 9.47 -1.86
C ALA A 7 16.05 8.73 -0.98
N LEU A 8 16.42 7.51 -0.49
CA LEU A 8 15.57 6.73 0.41
C LEU A 8 15.48 7.45 1.77
N LEU A 9 14.39 8.22 1.94
CA LEU A 9 14.13 8.98 3.16
C LEU A 9 12.63 9.36 3.20
N HIS A 10 11.83 8.48 3.83
CA HIS A 10 10.41 8.71 4.10
C HIS A 10 10.25 9.01 5.61
N ASP A 11 11.37 9.44 6.24
CA ASP A 11 11.51 9.54 7.72
C ASP A 11 11.88 11.00 8.10
N PRO A 12 10.90 11.95 8.18
CA PRO A 12 11.15 13.30 8.75
C PRO A 12 11.20 13.27 10.29
N MET A 13 10.40 12.37 10.87
CA MET A 13 10.28 12.16 12.32
C MET A 13 10.16 10.65 12.55
N THR A 14 9.06 10.08 12.02
CA THR A 14 8.77 8.64 12.11
C THR A 14 7.95 8.22 10.87
N LEU A 15 6.92 9.04 10.58
CA LEU A 15 5.98 8.81 9.46
C LEU A 15 5.56 10.17 8.89
N ASP A 16 5.23 10.20 7.58
CA ASP A 16 4.78 11.43 6.89
C ASP A 16 3.61 11.06 5.95
N MET A 17 2.46 11.75 6.09
CA MET A 17 1.23 11.47 5.32
C MET A 17 1.45 11.61 3.80
N ASP A 18 2.19 12.66 3.39
CA ASP A 18 2.44 12.95 1.96
C ASP A 18 3.35 11.87 1.35
N ALA A 19 4.39 11.49 2.11
CA ALA A 19 5.37 10.47 1.70
C ALA A 19 4.69 9.10 1.53
N VAL A 20 3.79 8.76 2.48
CA VAL A 20 3.07 7.48 2.49
C VAL A 20 2.02 7.41 1.35
N LEU A 21 1.27 8.52 1.15
CA LEU A 21 0.23 8.60 0.10
C LEU A 21 0.84 8.44 -1.29
N SER A 22 1.90 9.24 -1.54
CA SER A 22 2.57 9.29 -2.84
C SER A 22 3.28 7.96 -3.16
N ASP A 23 3.94 7.37 -2.12
CA ASP A 23 4.73 6.12 -2.28
C ASP A 23 3.80 4.91 -2.43
N PHE A 24 2.60 4.99 -1.82
CA PHE A 24 1.55 3.96 -1.96
C PHE A 24 1.10 3.89 -3.43
N VAL A 25 0.70 5.06 -3.97
CA VAL A 25 0.25 5.22 -5.38
C VAL A 25 1.38 4.84 -6.38
N ARG A 26 2.61 5.17 -5.98
CA ARG A 26 3.86 4.87 -6.72
C ARG A 26 4.09 3.35 -6.83
N SER A 27 3.72 2.61 -5.78
CA SER A 27 3.91 1.14 -5.69
C SER A 27 2.75 0.38 -6.36
N THR A 28 1.51 0.78 -6.01
CA THR A 28 0.28 0.00 -6.30
C THR A 28 -0.38 0.42 -7.62
N GLY A 29 -0.28 1.72 -7.94
CA GLY A 29 -0.99 2.31 -9.08
C GLY A 29 -2.43 2.65 -8.76
N ALA A 30 -2.74 2.77 -7.45
CA ALA A 30 -4.08 3.18 -6.96
C ALA A 30 -4.32 4.67 -7.21
N GLU A 31 -5.60 5.09 -7.26
CA GLU A 31 -5.96 6.51 -7.44
C GLU A 31 -5.72 7.23 -6.07
N PRO A 32 -5.50 8.60 -6.06
CA PRO A 32 -5.26 9.38 -4.79
C PRO A 32 -6.40 9.24 -3.76
N GLY A 33 -7.67 9.23 -4.24
CA GLY A 33 -8.85 9.12 -3.39
C GLY A 33 -8.94 7.78 -2.66
N LEU A 34 -8.76 6.70 -3.43
CA LEU A 34 -8.76 5.30 -2.93
C LEU A 34 -7.59 5.06 -1.96
N ALA A 35 -6.42 5.60 -2.33
CA ALA A 35 -5.18 5.46 -1.58
C ALA A 35 -5.33 6.04 -0.16
N ARG A 36 -5.74 7.32 -0.11
CA ARG A 36 -5.99 8.07 1.14
C ARG A 36 -7.10 7.41 1.97
N ASP A 37 -8.14 6.90 1.29
CA ASP A 37 -9.27 6.17 1.91
C ASP A 37 -8.77 4.93 2.68
N LEU A 38 -7.86 4.18 2.05
CA LEU A 38 -7.25 2.97 2.64
C LEU A 38 -6.36 3.35 3.84
N LEU A 39 -5.61 4.45 3.66
CA LEU A 39 -4.63 4.93 4.67
C LEU A 39 -5.33 5.44 5.94
N GLU A 40 -6.54 6.04 5.83
CA GLU A 40 -7.31 6.47 7.01
C GLU A 40 -7.77 5.26 7.85
N GLY A 41 -7.96 4.10 7.17
CA GLY A 41 -8.30 2.85 7.83
C GLY A 41 -7.08 2.12 8.41
N LYS A 42 -5.86 2.54 8.01
CA LYS A 42 -4.59 1.89 8.41
C LYS A 42 -3.74 2.80 9.32
N ASN A 43 -4.31 3.96 9.73
CA ASN A 43 -3.63 4.96 10.61
C ASN A 43 -2.39 5.58 9.87
N TRP A 44 -2.46 5.56 8.53
CA TRP A 44 -1.46 6.10 7.58
C TRP A 44 -0.18 5.24 7.55
N ASP A 45 -0.28 3.98 8.03
CA ASP A 45 0.81 3.01 7.95
C ASP A 45 0.92 2.50 6.51
N LEU A 46 2.09 2.75 5.89
CA LEU A 46 2.36 2.39 4.48
C LEU A 46 2.22 0.89 4.26
N THR A 47 2.93 0.12 5.10
CA THR A 47 3.07 -1.35 4.98
C THR A 47 1.70 -2.06 5.09
N ALA A 48 0.86 -1.59 6.02
CA ALA A 48 -0.48 -2.16 6.29
C ALA A 48 -1.41 -1.95 5.09
N ALA A 49 -1.31 -0.77 4.46
CA ALA A 49 -2.13 -0.39 3.31
C ALA A 49 -1.70 -1.12 2.02
N LEU A 50 -0.36 -1.31 1.85
CA LEU A 50 0.22 -2.06 0.71
C LEU A 50 -0.30 -3.51 0.72
N SER A 51 -0.25 -4.11 1.94
CA SER A 51 -0.73 -5.47 2.20
C SER A 51 -2.26 -5.57 1.97
N ASP A 52 -2.97 -4.48 2.27
CA ASP A 52 -4.44 -4.41 2.14
C ASP A 52 -4.87 -4.32 0.65
N TYR A 53 -4.12 -3.53 -0.14
CA TYR A 53 -4.43 -3.32 -1.57
C TYR A 53 -4.26 -4.62 -2.36
N GLU A 54 -3.13 -5.31 -2.14
CA GLU A 54 -2.86 -6.61 -2.79
C GLU A 54 -3.83 -7.69 -2.26
N GLN A 55 -4.37 -7.48 -1.04
CA GLN A 55 -5.35 -8.39 -0.42
C GLN A 55 -6.73 -8.30 -1.12
N LEU A 56 -7.20 -7.06 -1.39
CA LEU A 56 -8.48 -6.83 -2.10
C LEU A 56 -8.33 -7.15 -3.61
N ARG A 57 -7.09 -7.03 -4.11
CA ARG A 57 -6.70 -7.45 -5.47
C ARG A 57 -6.60 -8.98 -5.57
N GLN A 58 -6.36 -9.66 -4.43
CA GLN A 58 -6.24 -11.13 -4.37
C GLN A 58 -7.62 -11.81 -4.53
N VAL A 59 -8.70 -11.05 -4.26
CA VAL A 59 -10.08 -11.58 -4.34
C VAL A 59 -10.50 -11.71 -5.83
N HIS A 60 -10.25 -12.89 -6.41
CA HIS A 60 -10.79 -13.29 -7.73
C HIS A 60 -11.44 -14.66 -7.57
N THR A 61 -12.71 -14.65 -7.11
CA THR A 61 -13.50 -15.88 -6.81
C THR A 61 -12.88 -16.67 -5.61
N ALA A 62 -11.98 -16.00 -4.85
CA ALA A 62 -11.32 -16.60 -3.66
C ALA A 62 -12.34 -16.79 -2.52
N ASN A 63 -13.24 -15.83 -2.41
CA ASN A 63 -14.44 -15.89 -1.57
C ASN A 63 -15.58 -15.26 -2.39
N LEU A 64 -16.45 -16.10 -2.99
CA LEU A 64 -17.55 -15.66 -3.90
C LEU A 64 -17.00 -15.04 -5.22
N PRO A 65 -17.65 -15.30 -6.40
CA PRO A 65 -17.26 -14.68 -7.68
C PRO A 65 -17.54 -13.16 -7.68
N HIS A 66 -16.51 -12.38 -7.31
CA HIS A 66 -16.55 -10.92 -7.32
C HIS A 66 -15.41 -10.40 -8.21
N VAL A 67 -15.77 -10.04 -9.45
CA VAL A 67 -14.81 -9.52 -10.44
C VAL A 67 -14.46 -8.07 -10.07
N PHE A 68 -13.34 -7.90 -9.37
CA PHE A 68 -12.79 -6.59 -9.03
C PHE A 68 -12.00 -6.06 -10.25
N ASN A 69 -12.70 -5.32 -11.14
CA ASN A 69 -12.11 -4.73 -12.35
C ASN A 69 -13.10 -3.72 -12.94
N GLU A 70 -12.77 -2.43 -12.81
CA GLU A 70 -13.49 -1.33 -13.46
C GLU A 70 -12.43 -0.49 -14.19
N GLY A 71 -12.49 -0.49 -15.53
CA GLY A 71 -11.55 0.27 -16.35
C GLY A 71 -11.58 -0.16 -17.81
N ARG A 72 -12.33 0.61 -18.63
CA ARG A 72 -12.35 0.43 -20.10
C ARG A 72 -11.03 0.91 -20.71
N GLY A 73 -10.54 0.21 -21.74
CA GLY A 73 -9.31 0.57 -22.43
C GLY A 73 -8.88 -0.45 -23.48
N SER A 1 16.04 -3.14 -12.62
CA SER A 1 16.62 -2.03 -13.38
C SER A 1 16.47 -0.71 -12.61
N ALA A 2 15.21 -0.24 -12.48
CA ALA A 2 14.90 1.04 -11.81
C ALA A 2 14.78 0.87 -10.29
N GLU A 3 15.96 0.73 -9.64
CA GLU A 3 16.10 0.51 -8.18
C GLU A 3 15.19 -0.62 -7.66
N CYS A 4 15.59 -1.86 -7.96
CA CYS A 4 14.96 -3.07 -7.42
C CYS A 4 15.18 -3.16 -5.89
N TRP A 5 16.24 -2.48 -5.41
CA TRP A 5 16.59 -2.39 -3.98
C TRP A 5 15.91 -1.16 -3.30
N ALA A 6 14.78 -0.69 -3.87
CA ALA A 6 13.97 0.37 -3.26
C ALA A 6 13.02 -0.21 -2.18
N ALA A 7 13.61 -1.00 -1.27
CA ALA A 7 12.91 -1.56 -0.10
C ALA A 7 13.00 -0.60 1.10
N LEU A 8 13.61 0.58 0.86
CA LEU A 8 13.77 1.66 1.85
C LEU A 8 12.52 2.56 1.92
N LEU A 9 12.56 3.53 2.87
CA LEU A 9 11.48 4.50 3.14
C LEU A 9 10.15 3.81 3.48
N HIS A 10 10.04 3.42 4.75
CA HIS A 10 8.76 2.99 5.36
C HIS A 10 8.15 4.20 6.10
N ASP A 11 9.03 5.02 6.71
CA ASP A 11 8.67 6.32 7.32
C ASP A 11 9.92 7.23 7.32
N PRO A 12 9.79 8.58 7.16
CA PRO A 12 10.94 9.51 7.13
C PRO A 12 11.52 9.83 8.53
N MET A 13 10.69 9.70 9.57
CA MET A 13 11.03 10.06 10.96
C MET A 13 10.00 9.42 11.91
N THR A 14 8.71 9.55 11.55
CA THR A 14 7.59 8.94 12.28
C THR A 14 6.42 8.68 11.30
N LEU A 15 5.88 9.77 10.73
CA LEU A 15 4.73 9.73 9.79
C LEU A 15 4.66 11.04 9.01
N ASP A 16 4.80 10.96 7.68
CA ASP A 16 4.49 12.05 6.76
C ASP A 16 3.41 11.55 5.81
N MET A 17 2.16 11.94 6.06
CA MET A 17 0.96 11.44 5.34
C MET A 17 1.06 11.67 3.82
N ASP A 18 1.71 12.78 3.43
CA ASP A 18 1.98 13.13 2.02
C ASP A 18 2.91 12.08 1.37
N ALA A 19 3.98 11.72 2.09
CA ALA A 19 4.99 10.75 1.61
C ALA A 19 4.41 9.34 1.52
N VAL A 20 3.65 8.95 2.56
CA VAL A 20 3.02 7.62 2.65
C VAL A 20 1.98 7.44 1.51
N LEU A 21 1.31 8.54 1.16
CA LEU A 21 0.35 8.62 0.04
C LEU A 21 1.07 8.46 -1.31
N SER A 22 2.12 9.27 -1.50
CA SER A 22 2.84 9.38 -2.79
C SER A 22 3.55 8.05 -3.13
N ASP A 23 4.23 7.47 -2.14
CA ASP A 23 4.93 6.19 -2.27
C ASP A 23 3.94 5.02 -2.45
N PHE A 24 2.76 5.10 -1.82
CA PHE A 24 1.69 4.08 -1.98
C PHE A 24 1.21 4.05 -3.44
N VAL A 25 0.74 5.20 -3.94
CA VAL A 25 0.20 5.36 -5.32
C VAL A 25 1.23 4.90 -6.38
N ARG A 26 2.48 5.31 -6.17
CA ARG A 26 3.60 5.00 -7.10
C ARG A 26 3.95 3.49 -7.09
N SER A 27 3.80 2.82 -5.92
CA SER A 27 4.16 1.40 -5.75
C SER A 27 3.04 0.47 -6.30
N THR A 28 1.81 0.74 -5.85
CA THR A 28 0.66 -0.17 -6.06
C THR A 28 -0.03 0.09 -7.40
N GLY A 29 0.01 1.35 -7.87
CA GLY A 29 -0.76 1.78 -9.03
C GLY A 29 -2.19 2.16 -8.69
N ALA A 30 -2.45 2.42 -7.39
CA ALA A 30 -3.78 2.83 -6.89
C ALA A 30 -4.06 4.32 -7.18
N GLU A 31 -5.34 4.69 -7.18
CA GLU A 31 -5.79 6.07 -7.48
C GLU A 31 -5.74 6.90 -6.17
N PRO A 32 -5.61 8.28 -6.25
CA PRO A 32 -5.42 9.15 -5.04
C PRO A 32 -6.51 8.98 -3.95
N GLY A 33 -7.78 8.87 -4.41
CA GLY A 33 -8.93 8.75 -3.50
C GLY A 33 -8.95 7.42 -2.76
N LEU A 34 -8.78 6.33 -3.52
CA LEU A 34 -8.70 4.95 -2.98
C LEU A 34 -7.52 4.83 -2.00
N ALA A 35 -6.38 5.36 -2.43
CA ALA A 35 -5.11 5.31 -1.69
C ALA A 35 -5.24 5.91 -0.30
N ARG A 36 -5.67 7.17 -0.26
CA ARG A 36 -5.83 7.97 0.96
C ARG A 36 -6.90 7.35 1.89
N ASP A 37 -7.99 6.86 1.28
CA ASP A 37 -9.14 6.26 2.01
C ASP A 37 -8.70 4.98 2.75
N LEU A 38 -7.85 4.18 2.08
CA LEU A 38 -7.27 2.96 2.66
C LEU A 38 -6.33 3.34 3.81
N LEU A 39 -5.47 4.34 3.53
CA LEU A 39 -4.42 4.81 4.44
C LEU A 39 -5.00 5.28 5.79
N GLU A 40 -6.13 6.02 5.77
CA GLU A 40 -6.81 6.45 7.01
C GLU A 40 -7.26 5.24 7.85
N GLY A 41 -7.75 4.20 7.16
CA GLY A 41 -8.15 2.94 7.80
C GLY A 41 -6.99 2.09 8.28
N LYS A 42 -5.79 2.32 7.69
CA LYS A 42 -4.56 1.57 8.01
C LYS A 42 -3.63 2.34 8.97
N ASN A 43 -4.20 3.36 9.67
CA ASN A 43 -3.47 4.19 10.68
C ASN A 43 -2.30 5.00 10.02
N TRP A 44 -2.43 5.18 8.70
CA TRP A 44 -1.41 5.79 7.78
C TRP A 44 -0.06 5.06 7.83
N ASP A 45 -0.13 3.75 8.14
CA ASP A 45 1.01 2.85 8.06
C ASP A 45 1.09 2.30 6.63
N LEU A 46 2.19 2.66 5.92
CA LEU A 46 2.42 2.31 4.50
C LEU A 46 2.30 0.80 4.27
N THR A 47 3.03 0.02 5.09
CA THR A 47 3.14 -1.44 4.95
C THR A 47 1.76 -2.13 5.12
N ALA A 48 0.95 -1.58 6.04
CA ALA A 48 -0.42 -2.06 6.30
C ALA A 48 -1.31 -1.83 5.07
N ALA A 49 -1.12 -0.67 4.42
CA ALA A 49 -1.90 -0.26 3.26
C ALA A 49 -1.53 -1.08 2.01
N LEU A 50 -0.23 -1.41 1.86
CA LEU A 50 0.28 -2.24 0.75
C LEU A 50 -0.37 -3.63 0.82
N SER A 51 -0.35 -4.21 2.03
CA SER A 51 -0.92 -5.54 2.34
C SER A 51 -2.45 -5.57 2.12
N ASP A 52 -3.13 -4.50 2.56
CA ASP A 52 -4.61 -4.42 2.51
C ASP A 52 -5.10 -4.24 1.07
N TYR A 53 -4.42 -3.33 0.34
CA TYR A 53 -4.73 -3.04 -1.08
C TYR A 53 -4.59 -4.30 -1.92
N GLU A 54 -3.41 -4.96 -1.79
CA GLU A 54 -3.09 -6.13 -2.61
C GLU A 54 -4.10 -7.26 -2.33
N GLN A 55 -4.61 -7.35 -1.09
CA GLN A 55 -5.62 -8.34 -0.68
C GLN A 55 -6.98 -8.09 -1.39
N LEU A 56 -7.44 -6.82 -1.44
CA LEU A 56 -8.77 -6.49 -2.02
C LEU A 56 -8.76 -6.51 -3.57
N ARG A 57 -7.58 -6.23 -4.19
CA ARG A 57 -7.44 -6.24 -5.66
C ARG A 57 -7.12 -7.67 -6.18
N GLN A 58 -6.62 -8.55 -5.28
CA GLN A 58 -6.41 -10.01 -5.54
C GLN A 58 -7.66 -10.66 -6.16
N VAL A 59 -8.78 -10.51 -5.41
CA VAL A 59 -10.05 -11.25 -5.66
C VAL A 59 -9.76 -12.78 -5.72
N HIS A 60 -8.80 -13.20 -4.83
CA HIS A 60 -8.28 -14.59 -4.71
C HIS A 60 -7.62 -15.06 -6.05
N THR A 61 -6.77 -14.17 -6.62
CA THR A 61 -6.03 -14.37 -7.89
C THR A 61 -7.01 -14.58 -9.09
N ALA A 62 -8.12 -13.82 -9.08
CA ALA A 62 -9.15 -13.89 -10.14
C ALA A 62 -8.65 -13.24 -11.44
N ASN A 63 -8.25 -11.96 -11.34
CA ASN A 63 -7.80 -11.17 -12.50
C ASN A 63 -6.63 -10.26 -12.07
N LEU A 64 -5.41 -10.75 -12.26
CA LEU A 64 -4.16 -10.04 -11.90
C LEU A 64 -3.12 -10.16 -13.03
N PRO A 65 -2.38 -9.04 -13.35
CA PRO A 65 -1.15 -9.12 -14.17
C PRO A 65 -0.10 -10.00 -13.47
N HIS A 66 0.26 -11.14 -14.09
CA HIS A 66 1.20 -12.09 -13.47
C HIS A 66 2.63 -11.50 -13.43
N VAL A 67 3.00 -11.02 -12.23
CA VAL A 67 4.34 -10.47 -11.91
C VAL A 67 5.09 -11.44 -10.97
N PHE A 68 4.76 -12.74 -11.09
CA PHE A 68 5.28 -13.83 -10.25
C PHE A 68 6.80 -14.05 -10.50
N ASN A 69 7.30 -13.58 -11.66
CA ASN A 69 8.74 -13.59 -12.00
C ASN A 69 9.55 -12.70 -11.03
N GLU A 70 8.91 -11.60 -10.58
CA GLU A 70 9.47 -10.62 -9.60
C GLU A 70 10.77 -9.95 -10.11
N GLY A 71 11.37 -9.09 -9.28
CA GLY A 71 12.65 -8.43 -9.58
C GLY A 71 12.50 -7.21 -10.49
N ARG A 72 12.04 -7.47 -11.72
CA ARG A 72 11.80 -6.45 -12.74
C ARG A 72 10.47 -6.77 -13.44
N GLY A 73 9.40 -6.11 -13.00
CA GLY A 73 8.09 -6.22 -13.64
C GLY A 73 7.94 -5.22 -14.80
N SER A 1 9.64 -5.05 27.50
CA SER A 1 10.92 -4.34 27.27
C SER A 1 11.44 -4.61 25.84
N ALA A 2 11.66 -5.90 25.53
CA ALA A 2 12.09 -6.34 24.19
C ALA A 2 10.93 -6.21 23.19
N GLU A 3 10.99 -5.13 22.38
CA GLU A 3 10.00 -4.82 21.34
C GLU A 3 9.86 -5.96 20.31
N CYS A 4 11.02 -6.56 19.93
CA CYS A 4 11.11 -7.70 19.01
C CYS A 4 10.48 -7.41 17.61
N TRP A 5 10.34 -8.49 16.80
CA TRP A 5 9.66 -8.47 15.46
C TRP A 5 10.47 -7.68 14.42
N ALA A 6 10.13 -7.89 13.14
CA ALA A 6 10.72 -7.17 12.00
C ALA A 6 9.79 -6.02 11.57
N ALA A 7 9.13 -5.39 12.56
CA ALA A 7 8.15 -4.32 12.36
C ALA A 7 8.86 -2.97 12.18
N LEU A 8 8.93 -2.50 10.93
CA LEU A 8 9.48 -1.17 10.58
C LEU A 8 8.97 -0.75 9.20
N LEU A 9 9.03 0.56 8.91
CA LEU A 9 8.63 1.14 7.62
C LEU A 9 9.72 2.10 7.12
N HIS A 10 9.66 2.45 5.83
CA HIS A 10 10.64 3.33 5.19
C HIS A 10 10.22 4.80 5.35
N ASP A 11 10.63 5.38 6.48
CA ASP A 11 10.37 6.79 6.84
C ASP A 11 11.44 7.24 7.84
N PRO A 12 12.02 8.49 7.73
CA PRO A 12 13.06 8.98 8.68
C PRO A 12 12.53 9.07 10.13
N MET A 13 11.29 9.58 10.29
CA MET A 13 10.68 9.82 11.61
C MET A 13 9.82 8.60 12.01
N THR A 14 8.58 8.54 11.49
CA THR A 14 7.59 7.47 11.79
C THR A 14 6.50 7.50 10.70
N LEU A 15 6.10 8.72 10.31
CA LEU A 15 5.04 8.94 9.31
C LEU A 15 5.18 10.33 8.65
N ASP A 16 5.13 10.34 7.32
CA ASP A 16 4.94 11.55 6.51
C ASP A 16 3.77 11.27 5.57
N MET A 17 2.55 11.70 5.96
CA MET A 17 1.29 11.37 5.24
C MET A 17 1.33 11.69 3.73
N ASP A 18 2.04 12.77 3.35
CA ASP A 18 2.16 13.20 1.95
C ASP A 18 3.04 12.21 1.17
N ALA A 19 4.18 11.83 1.79
CA ALA A 19 5.15 10.89 1.19
C ALA A 19 4.57 9.47 1.08
N VAL A 20 3.81 9.08 2.10
CA VAL A 20 3.18 7.75 2.21
C VAL A 20 2.03 7.62 1.19
N LEU A 21 1.28 8.72 1.00
CA LEU A 21 0.19 8.80 0.00
C LEU A 21 0.79 8.67 -1.42
N SER A 22 1.83 9.47 -1.68
CA SER A 22 2.48 9.55 -3.01
C SER A 22 3.19 8.23 -3.35
N ASP A 23 3.83 7.62 -2.33
CA ASP A 23 4.62 6.37 -2.48
C ASP A 23 3.69 5.19 -2.70
N PHE A 24 2.56 5.16 -1.95
CA PHE A 24 1.52 4.13 -2.11
C PHE A 24 1.01 4.13 -3.56
N VAL A 25 0.57 5.30 -4.03
CA VAL A 25 0.05 5.52 -5.40
C VAL A 25 1.10 5.12 -6.47
N ARG A 26 2.37 5.40 -6.17
CA ARG A 26 3.51 5.12 -7.06
C ARG A 26 3.85 3.61 -7.11
N SER A 27 3.67 2.92 -5.97
CA SER A 27 4.05 1.49 -5.83
C SER A 27 2.91 0.54 -6.28
N THR A 28 1.66 0.92 -5.99
CA THR A 28 0.47 0.07 -6.20
C THR A 28 -0.22 0.39 -7.53
N GLY A 29 -0.09 1.65 -7.98
CA GLY A 29 -0.80 2.15 -9.15
C GLY A 29 -2.23 2.57 -8.84
N ALA A 30 -2.59 2.58 -7.53
CA ALA A 30 -3.92 3.00 -7.07
C ALA A 30 -4.04 4.52 -7.13
N GLU A 31 -5.28 5.02 -7.26
CA GLU A 31 -5.55 6.47 -7.39
C GLU A 31 -5.39 7.15 -6.01
N PRO A 32 -5.16 8.52 -5.94
CA PRO A 32 -4.91 9.23 -4.65
C PRO A 32 -6.11 9.16 -3.66
N GLY A 33 -7.33 9.07 -4.21
CA GLY A 33 -8.56 8.97 -3.42
C GLY A 33 -8.71 7.62 -2.73
N LEU A 34 -8.50 6.55 -3.53
CA LEU A 34 -8.52 5.16 -3.04
C LEU A 34 -7.40 4.94 -2.02
N ALA A 35 -6.23 5.49 -2.35
CA ALA A 35 -5.00 5.38 -1.54
C ALA A 35 -5.20 5.95 -0.14
N ARG A 36 -5.61 7.23 -0.10
CA ARG A 36 -5.92 7.98 1.12
C ARG A 36 -6.98 7.25 1.97
N ASP A 37 -8.00 6.69 1.29
CA ASP A 37 -9.08 5.92 1.95
C ASP A 37 -8.52 4.72 2.74
N LEU A 38 -7.65 3.93 2.08
CA LEU A 38 -7.06 2.70 2.68
C LEU A 38 -6.10 3.05 3.81
N LEU A 39 -5.33 4.14 3.58
CA LEU A 39 -4.33 4.66 4.52
C LEU A 39 -4.99 5.08 5.83
N GLU A 40 -6.05 5.90 5.77
CA GLU A 40 -6.80 6.37 6.97
C GLU A 40 -7.37 5.19 7.78
N GLY A 41 -7.78 4.13 7.06
CA GLY A 41 -8.28 2.90 7.67
C GLY A 41 -7.18 2.07 8.36
N LYS A 42 -5.92 2.28 7.95
CA LYS A 42 -4.74 1.55 8.50
C LYS A 42 -3.86 2.44 9.41
N ASN A 43 -4.42 3.56 9.93
CA ASN A 43 -3.69 4.51 10.84
C ASN A 43 -2.50 5.17 10.07
N TRP A 44 -2.70 5.34 8.75
CA TRP A 44 -1.72 5.85 7.76
C TRP A 44 -0.43 5.02 7.69
N ASP A 45 -0.47 3.79 8.20
CA ASP A 45 0.65 2.87 8.14
C ASP A 45 0.76 2.31 6.72
N LEU A 46 1.84 2.69 6.03
CA LEU A 46 2.11 2.30 4.63
C LEU A 46 2.06 0.77 4.46
N THR A 47 2.73 0.05 5.39
CA THR A 47 2.95 -1.41 5.32
C THR A 47 1.61 -2.19 5.33
N ALA A 48 0.71 -1.78 6.23
CA ALA A 48 -0.61 -2.41 6.41
C ALA A 48 -1.55 -2.08 5.24
N ALA A 49 -1.37 -0.88 4.66
CA ALA A 49 -2.17 -0.40 3.51
C ALA A 49 -1.75 -1.11 2.21
N LEU A 50 -0.44 -1.42 2.07
CA LEU A 50 0.12 -2.18 0.92
C LEU A 50 -0.43 -3.62 0.94
N SER A 51 -0.50 -4.20 2.16
CA SER A 51 -1.00 -5.57 2.38
C SER A 51 -2.54 -5.61 2.24
N ASP A 52 -3.20 -4.49 2.53
CA ASP A 52 -4.66 -4.32 2.36
C ASP A 52 -5.00 -4.30 0.86
N TYR A 53 -4.20 -3.51 0.11
CA TYR A 53 -4.32 -3.37 -1.34
C TYR A 53 -4.18 -4.74 -2.04
N GLU A 54 -3.10 -5.49 -1.71
CA GLU A 54 -2.81 -6.81 -2.36
C GLU A 54 -3.95 -7.82 -2.06
N GLN A 55 -4.56 -7.67 -0.87
CA GLN A 55 -5.69 -8.51 -0.42
C GLN A 55 -6.95 -8.19 -1.24
N LEU A 56 -7.28 -6.88 -1.42
CA LEU A 56 -8.53 -6.47 -2.10
C LEU A 56 -8.44 -6.62 -3.63
N ARG A 57 -7.21 -6.48 -4.20
CA ARG A 57 -7.01 -6.64 -5.66
C ARG A 57 -6.75 -8.12 -6.03
N GLN A 58 -6.69 -8.98 -5.01
CA GLN A 58 -6.53 -10.43 -5.17
C GLN A 58 -7.79 -11.00 -5.88
N VAL A 59 -8.95 -10.85 -5.22
CA VAL A 59 -10.29 -11.26 -5.71
C VAL A 59 -10.31 -12.74 -6.18
N HIS A 60 -10.84 -13.62 -5.30
CA HIS A 60 -10.77 -15.09 -5.48
C HIS A 60 -11.72 -15.57 -6.60
N THR A 61 -12.74 -14.75 -6.93
CA THR A 61 -13.74 -15.07 -7.97
C THR A 61 -13.33 -14.51 -9.36
N ALA A 62 -12.14 -13.87 -9.43
CA ALA A 62 -11.58 -13.32 -10.69
C ALA A 62 -10.37 -14.15 -11.15
N ASN A 63 -9.98 -13.98 -12.42
CA ASN A 63 -8.79 -14.65 -13.02
C ASN A 63 -7.60 -13.66 -13.05
N LEU A 64 -7.45 -12.86 -11.98
CA LEU A 64 -6.37 -11.87 -11.83
C LEU A 64 -5.01 -12.58 -11.59
N PRO A 65 -3.88 -12.06 -12.18
CA PRO A 65 -2.52 -12.67 -12.02
C PRO A 65 -1.84 -12.24 -10.70
N HIS A 66 -2.58 -12.38 -9.58
CA HIS A 66 -2.10 -12.02 -8.22
C HIS A 66 -1.05 -13.05 -7.73
N VAL A 67 0.20 -12.86 -8.16
CA VAL A 67 1.34 -13.73 -7.80
C VAL A 67 2.21 -13.05 -6.73
N PHE A 68 2.89 -13.87 -5.91
CA PHE A 68 3.75 -13.39 -4.80
C PHE A 68 4.92 -14.37 -4.57
N ASN A 69 4.61 -15.67 -4.63
CA ASN A 69 5.60 -16.75 -4.48
C ASN A 69 6.48 -16.82 -5.74
N GLU A 70 7.70 -16.29 -5.62
CA GLU A 70 8.69 -16.19 -6.71
C GLU A 70 10.11 -16.07 -6.12
N GLY A 71 11.12 -16.00 -7.01
CA GLY A 71 12.50 -15.64 -6.63
C GLY A 71 13.39 -16.83 -6.27
N ARG A 72 12.79 -17.96 -5.90
CA ARG A 72 13.54 -19.18 -5.49
C ARG A 72 13.27 -20.32 -6.49
N GLY A 73 14.29 -21.14 -6.78
CA GLY A 73 14.16 -22.27 -7.69
C GLY A 73 15.33 -23.26 -7.55
N SER A 1 16.69 26.49 -11.48
CA SER A 1 16.41 27.38 -10.35
C SER A 1 15.94 26.56 -9.13
N ALA A 2 16.92 26.01 -8.38
CA ALA A 2 16.69 25.24 -7.14
C ALA A 2 17.80 25.58 -6.13
N GLU A 3 17.43 25.72 -4.85
CA GLU A 3 18.38 26.11 -3.79
C GLU A 3 17.99 25.40 -2.48
N CYS A 4 16.89 25.84 -1.86
CA CYS A 4 16.38 25.25 -0.60
C CYS A 4 15.40 24.11 -0.90
N TRP A 5 15.75 22.89 -0.46
CA TRP A 5 14.89 21.71 -0.58
C TRP A 5 13.75 21.78 0.46
N ALA A 6 14.14 22.00 1.73
CA ALA A 6 13.24 22.08 2.90
C ALA A 6 12.41 20.77 3.07
N ALA A 7 12.98 19.65 2.59
CA ALA A 7 12.31 18.33 2.53
C ALA A 7 12.91 17.35 3.57
N LEU A 8 13.36 17.90 4.70
CA LEU A 8 14.06 17.15 5.77
C LEU A 8 13.06 16.30 6.60
N LEU A 9 11.79 16.77 6.69
CA LEU A 9 10.68 16.10 7.44
C LEU A 9 10.91 16.16 8.97
N HIS A 10 10.17 17.06 9.66
CA HIS A 10 10.27 17.31 11.11
C HIS A 10 8.90 17.12 11.78
N ASP A 11 8.14 16.12 11.31
CA ASP A 11 6.79 15.81 11.82
C ASP A 11 6.88 15.20 13.26
N PRO A 12 5.75 15.12 14.06
CA PRO A 12 5.78 14.61 15.48
C PRO A 12 6.37 13.19 15.66
N MET A 13 6.28 12.33 14.61
CA MET A 13 6.75 10.93 14.68
C MET A 13 7.90 10.69 13.66
N THR A 14 7.54 10.26 12.44
CA THR A 14 8.52 9.84 11.39
C THR A 14 7.77 9.59 10.04
N LEU A 15 6.52 10.08 9.98
CA LEU A 15 5.56 9.72 8.94
C LEU A 15 4.94 11.00 8.37
N ASP A 16 5.36 11.38 7.17
CA ASP A 16 4.75 12.48 6.40
C ASP A 16 3.61 11.90 5.56
N MET A 17 2.37 12.36 5.82
CA MET A 17 1.15 11.87 5.14
C MET A 17 1.23 11.98 3.60
N ASP A 18 1.78 13.11 3.13
CA ASP A 18 1.96 13.40 1.69
C ASP A 18 2.97 12.43 1.05
N ALA A 19 4.06 12.14 1.78
CA ALA A 19 5.12 11.21 1.31
C ALA A 19 4.59 9.78 1.22
N VAL A 20 3.89 9.33 2.28
CA VAL A 20 3.31 7.97 2.38
C VAL A 20 2.20 7.75 1.34
N LEU A 21 1.47 8.84 1.03
CA LEU A 21 0.46 8.87 -0.04
C LEU A 21 1.12 8.57 -1.39
N SER A 22 2.27 9.25 -1.64
CA SER A 22 3.04 9.08 -2.87
C SER A 22 3.64 7.65 -2.95
N ASP A 23 4.13 7.12 -1.80
CA ASP A 23 4.73 5.77 -1.71
C ASP A 23 3.71 4.71 -2.13
N PHE A 24 2.48 4.85 -1.56
CA PHE A 24 1.38 3.92 -1.80
C PHE A 24 1.00 3.89 -3.30
N VAL A 25 0.62 5.06 -3.84
CA VAL A 25 0.18 5.22 -5.25
C VAL A 25 1.26 4.72 -6.24
N ARG A 26 2.53 4.94 -5.90
CA ARG A 26 3.68 4.59 -6.73
C ARG A 26 3.91 3.07 -6.76
N SER A 27 3.54 2.38 -5.66
CA SER A 27 3.70 0.92 -5.52
C SER A 27 2.45 0.14 -6.02
N THR A 28 1.26 0.72 -5.84
CA THR A 28 -0.03 0.02 -6.04
C THR A 28 -0.71 0.41 -7.35
N GLY A 29 -0.40 1.62 -7.85
CA GLY A 29 -1.08 2.19 -9.03
C GLY A 29 -2.51 2.64 -8.73
N ALA A 30 -2.84 2.79 -7.44
CA ALA A 30 -4.18 3.22 -6.98
C ALA A 30 -4.37 4.72 -7.21
N GLU A 31 -5.65 5.17 -7.19
CA GLU A 31 -5.98 6.60 -7.35
C GLU A 31 -5.68 7.35 -6.01
N PRO A 32 -5.48 8.71 -6.02
CA PRO A 32 -5.17 9.50 -4.79
C PRO A 32 -6.23 9.32 -3.67
N GLY A 33 -7.51 9.24 -4.06
CA GLY A 33 -8.62 9.08 -3.13
C GLY A 33 -8.62 7.73 -2.43
N LEU A 34 -8.51 6.65 -3.22
CA LEU A 34 -8.45 5.26 -2.73
C LEU A 34 -7.22 5.07 -1.82
N ALA A 35 -6.12 5.72 -2.22
CA ALA A 35 -4.84 5.69 -1.49
C ALA A 35 -5.01 6.23 -0.07
N ARG A 36 -5.51 7.47 0.00
CA ARG A 36 -5.79 8.16 1.28
C ARG A 36 -6.81 7.40 2.14
N ASP A 37 -7.82 6.80 1.48
CA ASP A 37 -8.90 6.04 2.16
C ASP A 37 -8.33 4.81 2.89
N LEU A 38 -7.52 4.02 2.16
CA LEU A 38 -6.91 2.77 2.67
C LEU A 38 -5.87 3.10 3.74
N LEU A 39 -5.08 4.16 3.51
CA LEU A 39 -4.05 4.63 4.45
C LEU A 39 -4.66 5.01 5.79
N GLU A 40 -5.64 5.93 5.78
CA GLU A 40 -6.36 6.39 7.01
C GLU A 40 -7.09 5.22 7.71
N GLY A 41 -7.57 4.26 6.90
CA GLY A 41 -8.18 3.04 7.42
C GLY A 41 -7.19 2.17 8.20
N LYS A 42 -5.90 2.29 7.87
CA LYS A 42 -4.80 1.54 8.53
C LYS A 42 -3.92 2.45 9.41
N ASN A 43 -4.46 3.63 9.85
CA ASN A 43 -3.75 4.56 10.77
C ASN A 43 -2.50 5.20 10.06
N TRP A 44 -2.65 5.42 8.74
CA TRP A 44 -1.58 5.91 7.81
C TRP A 44 -0.36 4.96 7.70
N ASP A 45 -0.48 3.73 8.23
CA ASP A 45 0.56 2.69 8.10
C ASP A 45 0.62 2.23 6.65
N LEU A 46 1.68 2.70 5.95
CA LEU A 46 1.95 2.40 4.54
C LEU A 46 1.88 0.89 4.26
N THR A 47 2.65 0.12 5.06
CA THR A 47 2.81 -1.34 4.87
C THR A 47 1.47 -2.09 4.97
N ALA A 48 0.64 -1.68 5.95
CA ALA A 48 -0.66 -2.31 6.24
C ALA A 48 -1.67 -2.03 5.10
N ALA A 49 -1.59 -0.81 4.53
CA ALA A 49 -2.45 -0.39 3.41
C ALA A 49 -2.04 -1.11 2.10
N LEU A 50 -0.71 -1.26 1.90
CA LEU A 50 -0.14 -2.02 0.76
C LEU A 50 -0.63 -3.48 0.77
N SER A 51 -0.58 -4.09 1.98
CA SER A 51 -0.99 -5.48 2.21
C SER A 51 -2.52 -5.67 1.98
N ASP A 52 -3.29 -4.64 2.37
CA ASP A 52 -4.75 -4.61 2.18
C ASP A 52 -5.10 -4.50 0.69
N TYR A 53 -4.30 -3.71 -0.04
CA TYR A 53 -4.52 -3.47 -1.47
C TYR A 53 -4.26 -4.74 -2.29
N GLU A 54 -3.16 -5.45 -1.99
CA GLU A 54 -2.79 -6.70 -2.69
C GLU A 54 -3.72 -7.85 -2.25
N GLN A 55 -4.40 -7.66 -1.11
CA GLN A 55 -5.44 -8.60 -0.63
C GLN A 55 -6.71 -8.48 -1.51
N LEU A 56 -7.16 -7.22 -1.76
CA LEU A 56 -8.38 -6.96 -2.57
C LEU A 56 -8.13 -7.22 -4.07
N ARG A 57 -6.86 -7.09 -4.50
CA ARG A 57 -6.44 -7.39 -5.88
C ARG A 57 -6.33 -8.90 -6.13
N GLN A 58 -6.11 -9.67 -5.04
CA GLN A 58 -5.86 -11.12 -5.10
C GLN A 58 -7.06 -11.89 -5.71
N VAL A 59 -8.22 -11.82 -5.05
CA VAL A 59 -9.51 -12.43 -5.51
C VAL A 59 -9.33 -13.99 -5.71
N HIS A 60 -8.57 -14.61 -4.81
CA HIS A 60 -8.24 -16.05 -4.87
C HIS A 60 -9.40 -16.87 -4.27
N THR A 61 -10.00 -17.77 -5.08
CA THR A 61 -11.11 -18.68 -4.68
C THR A 61 -12.40 -17.89 -4.33
N ALA A 62 -12.49 -16.65 -4.88
CA ALA A 62 -13.59 -15.71 -4.57
C ALA A 62 -14.06 -14.99 -5.85
N ASN A 63 -15.22 -14.32 -5.76
CA ASN A 63 -15.89 -13.64 -6.90
C ASN A 63 -15.97 -12.12 -6.63
N LEU A 64 -14.81 -11.46 -6.63
CA LEU A 64 -14.70 -9.99 -6.53
C LEU A 64 -14.35 -9.42 -7.92
N PRO A 65 -15.14 -8.43 -8.46
CA PRO A 65 -14.94 -7.84 -9.82
C PRO A 65 -13.75 -6.83 -9.91
N HIS A 66 -12.69 -7.03 -9.09
CA HIS A 66 -11.44 -6.23 -9.15
C HIS A 66 -10.61 -6.57 -10.41
N VAL A 67 -11.00 -7.66 -11.10
CA VAL A 67 -10.37 -8.13 -12.35
C VAL A 67 -10.61 -7.18 -13.54
N PHE A 68 -11.53 -6.20 -13.36
CA PHE A 68 -11.85 -5.19 -14.38
C PHE A 68 -10.60 -4.36 -14.74
N ASN A 69 -9.98 -4.71 -15.88
CA ASN A 69 -8.80 -4.01 -16.43
C ASN A 69 -8.56 -4.48 -17.87
N GLU A 70 -8.21 -3.53 -18.74
CA GLU A 70 -7.84 -3.79 -20.14
C GLU A 70 -6.81 -2.76 -20.60
N GLY A 71 -5.92 -3.17 -21.51
CA GLY A 71 -4.86 -2.30 -22.01
C GLY A 71 -3.79 -3.08 -22.76
N ARG A 72 -4.08 -3.40 -24.04
CA ARG A 72 -3.13 -4.09 -24.92
C ARG A 72 -2.21 -3.06 -25.63
N GLY A 73 -1.18 -2.62 -24.88
CA GLY A 73 -0.20 -1.65 -25.35
C GLY A 73 1.22 -2.18 -25.22
N SER A 1 21.54 -15.00 -9.83
CA SER A 1 20.69 -14.44 -8.77
C SER A 1 20.91 -12.92 -8.65
N ALA A 2 19.89 -12.13 -9.06
CA ALA A 2 19.88 -10.66 -8.88
C ALA A 2 19.32 -10.34 -7.49
N GLU A 3 20.12 -10.66 -6.46
CA GLU A 3 19.77 -10.48 -5.04
C GLU A 3 20.39 -9.18 -4.48
N CYS A 4 20.97 -8.36 -5.37
CA CYS A 4 21.56 -7.07 -5.03
C CYS A 4 20.46 -6.01 -4.85
N TRP A 5 19.91 -5.93 -3.62
CA TRP A 5 18.86 -4.96 -3.26
C TRP A 5 19.21 -4.24 -1.95
N ALA A 6 18.77 -2.98 -1.83
CA ALA A 6 19.01 -2.14 -0.65
C ALA A 6 17.77 -1.26 -0.39
N ALA A 7 16.66 -1.91 -0.02
CA ALA A 7 15.38 -1.25 0.28
C ALA A 7 15.40 -0.70 1.71
N LEU A 8 15.15 0.61 1.87
CA LEU A 8 15.07 1.28 3.18
C LEU A 8 13.63 1.76 3.41
N LEU A 9 12.90 1.01 4.24
CA LEU A 9 11.50 1.31 4.60
C LEU A 9 11.50 2.23 5.84
N HIS A 10 11.71 3.53 5.59
CA HIS A 10 11.71 4.57 6.64
C HIS A 10 11.26 5.90 6.04
N ASP A 11 10.27 6.54 6.69
CA ASP A 11 9.75 7.86 6.34
C ASP A 11 10.78 8.95 6.63
N PRO A 12 10.76 10.08 5.84
CA PRO A 12 11.65 11.26 6.08
C PRO A 12 11.59 11.78 7.54
N MET A 13 10.37 11.78 8.11
CA MET A 13 10.14 12.28 9.48
C MET A 13 10.09 11.09 10.47
N THR A 14 8.93 10.41 10.53
CA THR A 14 8.69 9.22 11.36
C THR A 14 7.55 8.43 10.68
N LEU A 15 6.45 9.15 10.43
CA LEU A 15 5.44 8.79 9.43
C LEU A 15 5.02 10.11 8.75
N ASP A 16 5.47 10.28 7.51
CA ASP A 16 5.18 11.47 6.71
C ASP A 16 4.02 11.14 5.76
N MET A 17 2.82 11.69 6.05
CA MET A 17 1.57 11.33 5.31
C MET A 17 1.65 11.67 3.80
N ASP A 18 2.46 12.68 3.43
CA ASP A 18 2.67 13.06 2.01
C ASP A 18 3.51 11.98 1.30
N ALA A 19 4.51 11.45 2.01
CA ALA A 19 5.36 10.36 1.51
C ALA A 19 4.58 9.04 1.45
N VAL A 20 3.77 8.79 2.47
CA VAL A 20 2.96 7.57 2.57
C VAL A 20 1.87 7.54 1.46
N LEU A 21 1.29 8.71 1.17
CA LEU A 21 0.26 8.85 0.11
C LEU A 21 0.90 8.65 -1.28
N SER A 22 2.00 9.39 -1.53
CA SER A 22 2.66 9.40 -2.84
C SER A 22 3.28 8.02 -3.18
N ASP A 23 4.01 7.44 -2.22
CA ASP A 23 4.71 6.14 -2.39
C ASP A 23 3.72 4.97 -2.47
N PHE A 24 2.56 5.09 -1.78
CA PHE A 24 1.46 4.11 -1.92
C PHE A 24 0.98 4.10 -3.38
N VAL A 25 0.59 5.29 -3.87
CA VAL A 25 0.10 5.50 -5.24
C VAL A 25 1.14 5.04 -6.31
N ARG A 26 2.42 5.31 -6.03
CA ARG A 26 3.54 5.01 -6.95
C ARG A 26 3.85 3.49 -6.98
N SER A 27 3.60 2.79 -5.85
CA SER A 27 3.92 1.36 -5.71
C SER A 27 2.73 0.47 -6.15
N THR A 28 1.50 0.93 -5.85
CA THR A 28 0.27 0.13 -6.01
C THR A 28 -0.43 0.42 -7.35
N GLY A 29 -0.34 1.69 -7.79
CA GLY A 29 -1.09 2.16 -8.96
C GLY A 29 -2.53 2.55 -8.61
N ALA A 30 -2.76 2.84 -7.31
CA ALA A 30 -4.06 3.32 -6.81
C ALA A 30 -4.20 4.83 -7.02
N GLU A 31 -5.44 5.31 -7.22
CA GLU A 31 -5.72 6.76 -7.39
C GLU A 31 -5.61 7.48 -6.02
N PRO A 32 -5.39 8.84 -5.98
CA PRO A 32 -5.21 9.60 -4.69
C PRO A 32 -6.38 9.45 -3.70
N GLY A 33 -7.62 9.40 -4.23
CA GLY A 33 -8.83 9.24 -3.40
C GLY A 33 -8.91 7.88 -2.74
N LEU A 34 -8.70 6.82 -3.54
CA LEU A 34 -8.68 5.41 -3.07
C LEU A 34 -7.54 5.21 -2.05
N ALA A 35 -6.39 5.83 -2.37
CA ALA A 35 -5.16 5.73 -1.57
C ALA A 35 -5.36 6.31 -0.17
N ARG A 36 -5.77 7.59 -0.14
CA ARG A 36 -6.07 8.34 1.10
C ARG A 36 -7.09 7.61 1.98
N ASP A 37 -8.13 7.05 1.33
CA ASP A 37 -9.22 6.34 2.02
C ASP A 37 -8.70 5.08 2.74
N LEU A 38 -7.92 4.25 1.99
CA LEU A 38 -7.30 3.02 2.53
C LEU A 38 -6.38 3.38 3.69
N LEU A 39 -5.49 4.35 3.43
CA LEU A 39 -4.47 4.81 4.39
C LEU A 39 -5.09 5.23 5.73
N GLU A 40 -6.07 6.15 5.71
CA GLU A 40 -6.77 6.61 6.94
C GLU A 40 -7.42 5.43 7.71
N GLY A 41 -7.90 4.42 6.94
CA GLY A 41 -8.45 3.21 7.51
C GLY A 41 -7.40 2.29 8.17
N LYS A 42 -6.14 2.36 7.67
CA LYS A 42 -5.01 1.54 8.20
C LYS A 42 -4.11 2.38 9.15
N ASN A 43 -4.62 3.55 9.60
CA ASN A 43 -3.91 4.50 10.53
C ASN A 43 -2.68 5.16 9.87
N TRP A 44 -2.71 5.23 8.53
CA TRP A 44 -1.65 5.79 7.65
C TRP A 44 -0.37 4.93 7.63
N ASP A 45 -0.48 3.69 8.13
CA ASP A 45 0.59 2.69 8.01
C ASP A 45 0.71 2.28 6.54
N LEU A 46 1.80 2.74 5.90
CA LEU A 46 2.10 2.48 4.48
C LEU A 46 2.05 0.97 4.18
N THR A 47 2.87 0.20 4.92
CA THR A 47 3.02 -1.25 4.73
C THR A 47 1.70 -2.02 4.92
N ALA A 48 0.89 -1.57 5.90
CA ALA A 48 -0.44 -2.17 6.19
C ALA A 48 -1.40 -1.97 5.01
N ALA A 49 -1.38 -0.76 4.44
CA ALA A 49 -2.23 -0.40 3.29
C ALA A 49 -1.77 -1.10 1.99
N LEU A 50 -0.43 -1.26 1.84
CA LEU A 50 0.18 -1.99 0.69
C LEU A 50 -0.33 -3.45 0.68
N SER A 51 -0.26 -4.06 1.88
CA SER A 51 -0.65 -5.46 2.10
C SER A 51 -2.17 -5.65 1.98
N ASP A 52 -2.94 -4.61 2.36
CA ASP A 52 -4.41 -4.61 2.26
C ASP A 52 -4.85 -4.56 0.80
N TYR A 53 -4.23 -3.63 0.05
CA TYR A 53 -4.53 -3.38 -1.37
C TYR A 53 -4.34 -4.66 -2.22
N GLU A 54 -3.19 -5.32 -2.03
CA GLU A 54 -2.87 -6.56 -2.76
C GLU A 54 -3.78 -7.71 -2.30
N GLN A 55 -4.13 -7.75 -0.98
CA GLN A 55 -4.95 -8.82 -0.37
C GLN A 55 -6.36 -8.85 -0.96
N LEU A 56 -6.97 -7.67 -1.11
CA LEU A 56 -8.33 -7.54 -1.69
C LEU A 56 -8.29 -7.84 -3.20
N ARG A 57 -7.11 -7.61 -3.82
CA ARG A 57 -6.87 -7.95 -5.24
C ARG A 57 -6.44 -9.43 -5.43
N GLN A 58 -6.07 -10.14 -4.32
CA GLN A 58 -5.77 -11.58 -4.37
C GLN A 58 -7.05 -12.38 -4.60
N VAL A 59 -8.03 -12.16 -3.70
CA VAL A 59 -9.31 -12.90 -3.66
C VAL A 59 -9.04 -14.41 -3.51
N HIS A 60 -9.17 -14.89 -2.26
CA HIS A 60 -8.78 -16.26 -1.86
C HIS A 60 -9.56 -17.33 -2.64
N THR A 61 -10.82 -17.02 -2.98
CA THR A 61 -11.69 -17.91 -3.74
C THR A 61 -11.29 -17.97 -5.22
N ALA A 62 -10.96 -16.79 -5.80
CA ALA A 62 -10.51 -16.67 -7.20
C ALA A 62 -9.00 -16.92 -7.30
N ASN A 63 -8.61 -18.18 -7.00
CA ASN A 63 -7.21 -18.66 -7.00
C ASN A 63 -6.33 -17.81 -6.06
N LEU A 64 -6.25 -18.23 -4.78
CA LEU A 64 -5.35 -17.62 -3.77
C LEU A 64 -3.87 -17.86 -4.16
N PRO A 65 -2.88 -17.06 -3.61
CA PRO A 65 -1.41 -17.29 -3.83
C PRO A 65 -0.98 -18.76 -3.60
N HIS A 66 -1.69 -19.46 -2.68
CA HIS A 66 -1.52 -20.90 -2.41
C HIS A 66 -0.08 -21.18 -1.93
N VAL A 67 0.33 -20.41 -0.91
CA VAL A 67 1.66 -20.51 -0.31
C VAL A 67 1.75 -21.77 0.59
N PHE A 68 2.71 -22.65 0.28
CA PHE A 68 2.95 -23.90 1.02
C PHE A 68 3.51 -23.55 2.41
N ASN A 69 2.65 -23.69 3.43
CA ASN A 69 2.94 -23.36 4.84
C ASN A 69 3.13 -21.83 5.02
N GLU A 70 4.34 -21.33 4.65
CA GLU A 70 4.76 -19.93 4.82
C GLU A 70 4.69 -19.51 6.31
N GLY A 71 5.74 -19.85 7.06
CA GLY A 71 5.83 -19.53 8.48
C GLY A 71 7.20 -19.85 9.07
N ARG A 72 7.74 -18.92 9.87
CA ARG A 72 9.05 -19.08 10.53
C ARG A 72 8.85 -19.33 12.04
N GLY A 73 8.38 -20.54 12.37
CA GLY A 73 8.18 -20.94 13.76
C GLY A 73 9.25 -21.92 14.25
N SER A 1 31.53 0.46 16.34
CA SER A 1 30.15 -0.08 16.32
C SER A 1 29.17 1.02 16.78
N ALA A 2 28.45 1.62 15.81
CA ALA A 2 27.35 2.56 16.09
C ALA A 2 26.07 1.78 16.43
N GLU A 3 26.06 1.21 17.65
CA GLU A 3 24.96 0.37 18.15
C GLU A 3 24.19 1.17 19.21
N CYS A 4 22.91 1.47 18.92
CA CYS A 4 22.05 2.33 19.75
C CYS A 4 20.61 1.79 19.81
N TRP A 5 19.86 2.21 20.84
CA TRP A 5 18.46 1.79 21.08
C TRP A 5 17.50 2.59 20.17
N ALA A 6 17.60 2.35 18.87
CA ALA A 6 16.78 3.03 17.84
C ALA A 6 16.97 2.33 16.49
N ALA A 7 18.26 2.21 16.09
CA ALA A 7 18.69 1.66 14.78
C ALA A 7 18.28 2.57 13.59
N LEU A 8 18.86 2.31 12.42
CA LEU A 8 18.59 3.10 11.19
C LEU A 8 17.35 2.54 10.48
N LEU A 9 16.37 3.42 10.27
CA LEU A 9 15.10 3.07 9.61
C LEU A 9 15.11 3.60 8.17
N HIS A 10 14.20 3.06 7.34
CA HIS A 10 14.06 3.45 5.91
C HIS A 10 13.06 4.61 5.75
N ASP A 11 12.53 5.11 6.89
CA ASP A 11 11.52 6.18 6.93
C ASP A 11 12.19 7.56 7.10
N PRO A 12 11.55 8.67 6.59
CA PRO A 12 12.09 10.06 6.75
C PRO A 12 12.21 10.48 8.23
N MET A 13 11.30 9.95 9.07
CA MET A 13 11.25 10.25 10.52
C MET A 13 10.57 9.07 11.25
N THR A 14 9.25 8.93 11.04
CA THR A 14 8.43 7.87 11.64
C THR A 14 7.27 7.55 10.67
N LEU A 15 6.46 8.58 10.39
CA LEU A 15 5.35 8.52 9.44
C LEU A 15 5.21 9.94 8.84
N ASP A 16 5.24 10.02 7.52
CA ASP A 16 5.03 11.28 6.79
C ASP A 16 3.88 11.06 5.81
N MET A 17 2.76 11.78 6.00
CA MET A 17 1.52 11.62 5.21
C MET A 17 1.78 11.73 3.69
N ASP A 18 2.63 12.70 3.30
CA ASP A 18 3.01 12.92 1.89
C ASP A 18 3.79 11.71 1.36
N ALA A 19 4.80 11.26 2.12
CA ALA A 19 5.69 10.16 1.72
C ALA A 19 4.92 8.82 1.61
N VAL A 20 3.96 8.62 2.52
CA VAL A 20 3.14 7.40 2.59
C VAL A 20 2.11 7.34 1.45
N LEU A 21 1.41 8.47 1.22
CA LEU A 21 0.38 8.59 0.16
C LEU A 21 1.03 8.48 -1.23
N SER A 22 2.16 9.18 -1.40
CA SER A 22 2.89 9.25 -2.69
C SER A 22 3.50 7.89 -3.04
N ASP A 23 4.06 7.21 -2.02
CA ASP A 23 4.69 5.88 -2.20
C ASP A 23 3.63 4.87 -2.63
N PHE A 24 2.47 4.90 -1.93
CA PHE A 24 1.36 3.98 -2.17
C PHE A 24 0.86 4.10 -3.62
N VAL A 25 0.39 5.32 -3.99
CA VAL A 25 -0.22 5.60 -5.31
C VAL A 25 0.74 5.23 -6.46
N ARG A 26 2.01 5.64 -6.31
CA ARG A 26 3.04 5.48 -7.35
C ARG A 26 3.44 4.00 -7.53
N SER A 27 3.51 3.25 -6.42
CA SER A 27 3.95 1.84 -6.42
C SER A 27 2.81 0.91 -6.90
N THR A 28 1.66 1.01 -6.23
CA THR A 28 0.50 0.11 -6.47
C THR A 28 -0.24 0.47 -7.77
N GLY A 29 -0.06 1.72 -8.23
CA GLY A 29 -0.79 2.23 -9.39
C GLY A 29 -2.25 2.53 -9.06
N ALA A 30 -2.50 2.88 -7.79
CA ALA A 30 -3.84 3.24 -7.29
C ALA A 30 -4.16 4.72 -7.61
N GLU A 31 -5.39 5.14 -7.28
CA GLU A 31 -5.79 6.56 -7.41
C GLU A 31 -5.62 7.26 -6.04
N PRO A 32 -5.50 8.64 -5.99
CA PRO A 32 -5.35 9.40 -4.71
C PRO A 32 -6.51 9.15 -3.72
N GLY A 33 -7.74 9.04 -4.26
CA GLY A 33 -8.94 8.84 -3.45
C GLY A 33 -8.96 7.50 -2.71
N LEU A 34 -8.71 6.42 -3.48
CA LEU A 34 -8.65 5.05 -2.96
C LEU A 34 -7.54 4.91 -1.91
N ALA A 35 -6.36 5.42 -2.29
CA ALA A 35 -5.13 5.33 -1.49
C ALA A 35 -5.32 5.95 -0.10
N ARG A 36 -5.70 7.24 -0.11
CA ARG A 36 -5.93 8.03 1.12
C ARG A 36 -7.03 7.41 1.99
N ASP A 37 -8.09 6.88 1.36
CA ASP A 37 -9.23 6.25 2.07
C ASP A 37 -8.79 4.98 2.82
N LEU A 38 -7.93 4.18 2.15
CA LEU A 38 -7.33 2.95 2.75
C LEU A 38 -6.40 3.35 3.91
N LEU A 39 -5.61 4.41 3.68
CA LEU A 39 -4.61 4.91 4.63
C LEU A 39 -5.28 5.38 5.94
N GLU A 40 -6.38 6.14 5.84
CA GLU A 40 -7.13 6.61 7.02
C GLU A 40 -7.63 5.41 7.87
N GLY A 41 -8.08 4.36 7.17
CA GLY A 41 -8.52 3.11 7.80
C GLY A 41 -7.37 2.28 8.37
N LYS A 42 -6.14 2.52 7.89
CA LYS A 42 -4.93 1.80 8.35
C LYS A 42 -4.00 2.69 9.20
N ASN A 43 -4.53 3.82 9.73
CA ASN A 43 -3.78 4.75 10.65
C ASN A 43 -2.54 5.36 9.93
N TRP A 44 -2.64 5.43 8.59
CA TRP A 44 -1.62 5.97 7.66
C TRP A 44 -0.33 5.14 7.67
N ASP A 45 -0.44 3.89 8.17
CA ASP A 45 0.65 2.90 8.12
C ASP A 45 0.72 2.36 6.69
N LEU A 46 1.77 2.82 6.00
CA LEU A 46 2.06 2.48 4.59
C LEU A 46 1.99 0.96 4.34
N THR A 47 2.79 0.20 5.13
CA THR A 47 2.92 -1.26 4.99
C THR A 47 1.57 -2.01 5.14
N ALA A 48 0.73 -1.54 6.08
CA ALA A 48 -0.59 -2.13 6.39
C ALA A 48 -1.57 -1.90 5.22
N ALA A 49 -1.49 -0.70 4.62
CA ALA A 49 -2.35 -0.32 3.49
C ALA A 49 -1.94 -1.06 2.19
N LEU A 50 -0.62 -1.25 2.02
CA LEU A 50 -0.05 -2.01 0.88
C LEU A 50 -0.52 -3.47 0.98
N SER A 51 -0.41 -4.04 2.19
CA SER A 51 -0.79 -5.43 2.50
C SER A 51 -2.31 -5.65 2.28
N ASP A 52 -3.09 -4.59 2.56
CA ASP A 52 -4.55 -4.59 2.36
C ASP A 52 -4.91 -4.46 0.87
N TYR A 53 -4.14 -3.65 0.14
CA TYR A 53 -4.36 -3.41 -1.30
C TYR A 53 -4.16 -4.72 -2.11
N GLU A 54 -3.01 -5.37 -1.91
CA GLU A 54 -2.67 -6.64 -2.58
C GLU A 54 -3.64 -7.77 -2.12
N GLN A 55 -4.13 -7.66 -0.87
CA GLN A 55 -5.16 -8.55 -0.31
C GLN A 55 -6.46 -8.45 -1.12
N LEU A 56 -6.95 -7.22 -1.35
CA LEU A 56 -8.24 -7.01 -2.06
C LEU A 56 -8.08 -7.26 -3.57
N ARG A 57 -6.84 -7.13 -4.08
CA ARG A 57 -6.51 -7.44 -5.50
C ARG A 57 -6.37 -8.96 -5.72
N GLN A 58 -6.08 -9.71 -4.63
CA GLN A 58 -5.87 -11.17 -4.68
C GLN A 58 -7.07 -11.89 -5.32
N VAL A 59 -8.26 -11.69 -4.71
CA VAL A 59 -9.54 -12.28 -5.14
C VAL A 59 -9.45 -13.83 -5.25
N HIS A 60 -9.89 -14.54 -4.19
CA HIS A 60 -9.84 -16.03 -4.14
C HIS A 60 -10.74 -16.68 -5.21
N THR A 61 -11.74 -15.91 -5.68
CA THR A 61 -12.68 -16.33 -6.74
C THR A 61 -11.96 -16.41 -8.10
N ALA A 62 -11.01 -15.49 -8.31
CA ALA A 62 -10.22 -15.41 -9.56
C ALA A 62 -9.02 -16.37 -9.48
N ASN A 63 -8.12 -16.10 -8.52
CA ASN A 63 -6.84 -16.84 -8.36
C ASN A 63 -7.03 -18.06 -7.45
N LEU A 64 -6.35 -19.15 -7.82
CA LEU A 64 -6.37 -20.43 -7.10
C LEU A 64 -5.40 -20.35 -5.89
N PRO A 65 -5.64 -21.16 -4.79
CA PRO A 65 -4.77 -21.18 -3.57
C PRO A 65 -3.25 -21.19 -3.88
N HIS A 66 -2.70 -22.37 -4.25
CA HIS A 66 -1.28 -22.51 -4.67
C HIS A 66 -0.98 -23.96 -5.10
N VAL A 67 -1.06 -24.22 -6.43
CA VAL A 67 -0.60 -25.49 -7.04
C VAL A 67 0.73 -25.24 -7.77
N PHE A 68 1.74 -26.09 -7.51
CA PHE A 68 3.10 -25.91 -8.04
C PHE A 68 3.74 -27.30 -8.28
N ASN A 69 2.88 -28.31 -8.46
CA ASN A 69 3.29 -29.72 -8.58
C ASN A 69 3.99 -29.94 -9.92
N GLU A 70 5.34 -29.93 -9.91
CA GLU A 70 6.20 -30.13 -11.10
C GLU A 70 7.29 -31.18 -10.78
N GLY A 71 8.04 -31.58 -11.83
CA GLY A 71 9.17 -32.51 -11.69
C GLY A 71 8.74 -33.93 -11.34
N ARG A 72 8.61 -34.21 -10.04
CA ARG A 72 8.10 -35.49 -9.52
C ARG A 72 7.39 -35.24 -8.18
N GLY A 73 6.32 -36.01 -7.92
CA GLY A 73 5.59 -35.92 -6.65
C GLY A 73 4.27 -36.68 -6.73
N SER A 1 30.24 17.67 3.05
CA SER A 1 29.36 17.14 4.10
C SER A 1 28.34 16.17 3.50
N ALA A 2 28.57 14.86 3.69
CA ALA A 2 27.68 13.77 3.23
C ALA A 2 27.82 12.59 4.19
N GLU A 3 26.92 12.51 5.17
CA GLU A 3 26.89 11.44 6.18
C GLU A 3 25.95 10.31 5.74
N CYS A 4 24.82 10.70 5.13
CA CYS A 4 23.70 9.80 4.78
C CYS A 4 23.90 9.15 3.39
N TRP A 5 25.10 8.56 3.16
CA TRP A 5 25.43 7.81 1.93
C TRP A 5 24.50 6.59 1.77
N ALA A 6 24.29 5.85 2.86
CA ALA A 6 23.40 4.67 2.90
C ALA A 6 21.93 5.12 2.76
N ALA A 7 21.59 6.21 3.49
CA ALA A 7 20.24 6.81 3.49
C ALA A 7 19.17 5.78 3.95
N LEU A 8 18.98 5.69 5.26
CA LEU A 8 18.08 4.70 5.88
C LEU A 8 16.59 5.08 5.63
N LEU A 9 15.72 4.05 5.55
CA LEU A 9 14.28 4.23 5.29
C LEU A 9 13.62 4.84 6.54
N HIS A 10 13.11 6.07 6.37
CA HIS A 10 12.36 6.79 7.42
C HIS A 10 11.56 7.95 6.80
N ASP A 11 10.61 8.50 7.55
CA ASP A 11 9.90 9.74 7.19
C ASP A 11 10.63 10.96 7.79
N PRO A 12 10.42 12.21 7.24
CA PRO A 12 10.99 13.49 7.76
C PRO A 12 10.87 13.72 9.31
N MET A 13 10.05 12.91 10.01
CA MET A 13 9.94 12.92 11.47
C MET A 13 9.61 11.50 11.97
N THR A 14 8.48 10.96 11.47
CA THR A 14 7.95 9.64 11.88
C THR A 14 6.87 9.17 10.87
N LEU A 15 6.00 10.11 10.48
CA LEU A 15 4.91 9.90 9.51
C LEU A 15 4.75 11.18 8.70
N ASP A 16 4.90 11.06 7.39
CA ASP A 16 4.63 12.15 6.45
C ASP A 16 3.50 11.68 5.54
N MET A 17 2.27 12.12 5.82
CA MET A 17 1.05 11.67 5.10
C MET A 17 1.14 11.91 3.57
N ASP A 18 1.84 12.98 3.15
CA ASP A 18 2.08 13.29 1.73
C ASP A 18 3.01 12.23 1.10
N ALA A 19 4.10 11.92 1.80
CA ALA A 19 5.14 10.96 1.33
C ALA A 19 4.58 9.53 1.25
N VAL A 20 3.82 9.14 2.27
CA VAL A 20 3.18 7.81 2.38
C VAL A 20 2.08 7.65 1.30
N LEU A 21 1.36 8.75 1.02
CA LEU A 21 0.30 8.79 -0.02
C LEU A 21 0.93 8.58 -1.40
N SER A 22 1.97 9.38 -1.69
CA SER A 22 2.68 9.36 -2.98
C SER A 22 3.38 8.00 -3.23
N ASP A 23 3.96 7.44 -2.16
CA ASP A 23 4.70 6.17 -2.22
C ASP A 23 3.74 5.01 -2.55
N PHE A 24 2.59 4.99 -1.85
CA PHE A 24 1.54 3.97 -2.04
C PHE A 24 1.05 3.99 -3.50
N VAL A 25 0.64 5.16 -3.97
CA VAL A 25 0.11 5.37 -5.35
C VAL A 25 1.14 4.94 -6.42
N ARG A 26 2.41 5.25 -6.16
CA ARG A 26 3.54 4.93 -7.06
C ARG A 26 3.79 3.42 -7.15
N SER A 27 3.60 2.72 -6.02
CA SER A 27 3.87 1.28 -5.89
C SER A 27 2.69 0.42 -6.41
N THR A 28 1.47 0.80 -6.03
CA THR A 28 0.25 -0.01 -6.22
C THR A 28 -0.49 0.37 -7.50
N GLY A 29 -0.33 1.64 -7.91
CA GLY A 29 -1.06 2.20 -9.06
C GLY A 29 -2.46 2.66 -8.69
N ALA A 30 -2.80 2.62 -7.38
CA ALA A 30 -4.10 3.10 -6.87
C ALA A 30 -4.13 4.62 -6.92
N GLU A 31 -5.31 5.21 -7.12
CA GLU A 31 -5.45 6.68 -7.24
C GLU A 31 -5.28 7.31 -5.84
N PRO A 32 -4.88 8.62 -5.72
CA PRO A 32 -4.65 9.31 -4.41
C PRO A 32 -5.89 9.27 -3.47
N GLY A 33 -7.10 9.30 -4.06
CA GLY A 33 -8.36 9.23 -3.30
C GLY A 33 -8.56 7.88 -2.62
N LEU A 34 -8.37 6.81 -3.41
CA LEU A 34 -8.49 5.41 -2.94
C LEU A 34 -7.38 5.11 -1.91
N ALA A 35 -6.18 5.65 -2.22
CA ALA A 35 -4.96 5.46 -1.44
C ALA A 35 -5.12 6.01 -0.01
N ARG A 36 -5.57 7.28 0.06
CA ARG A 36 -5.86 7.98 1.32
C ARG A 36 -6.92 7.25 2.13
N ASP A 37 -7.94 6.73 1.44
CA ASP A 37 -9.05 5.98 2.08
C ASP A 37 -8.52 4.70 2.79
N LEU A 38 -7.61 3.97 2.10
CA LEU A 38 -7.00 2.73 2.63
C LEU A 38 -6.01 3.05 3.76
N LEU A 39 -5.24 4.13 3.56
CA LEU A 39 -4.17 4.56 4.48
C LEU A 39 -4.74 5.03 5.83
N GLU A 40 -5.73 5.94 5.80
CA GLU A 40 -6.38 6.48 7.02
C GLU A 40 -6.99 5.36 7.90
N GLY A 41 -7.52 4.32 7.22
CA GLY A 41 -8.10 3.15 7.89
C GLY A 41 -7.07 2.26 8.58
N LYS A 42 -5.79 2.40 8.17
CA LYS A 42 -4.63 1.67 8.77
C LYS A 42 -3.77 2.61 9.65
N ASN A 43 -4.33 3.79 10.01
CA ASN A 43 -3.64 4.83 10.82
C ASN A 43 -2.39 5.36 10.07
N TRP A 44 -2.58 5.52 8.75
CA TRP A 44 -1.55 5.91 7.75
C TRP A 44 -0.31 4.98 7.73
N ASP A 45 -0.49 3.72 8.17
CA ASP A 45 0.56 2.71 8.06
C ASP A 45 0.62 2.25 6.60
N LEU A 46 1.73 2.64 5.93
CA LEU A 46 2.00 2.33 4.52
C LEU A 46 1.88 0.81 4.26
N THR A 47 2.59 0.02 5.09
CA THR A 47 2.76 -1.44 4.92
C THR A 47 1.41 -2.21 5.06
N ALA A 48 0.53 -1.70 5.94
CA ALA A 48 -0.79 -2.33 6.24
C ALA A 48 -1.81 -2.01 5.13
N ALA A 49 -1.69 -0.80 4.54
CA ALA A 49 -2.53 -0.40 3.40
C ALA A 49 -2.09 -1.13 2.12
N LEU A 50 -0.76 -1.35 1.99
CA LEU A 50 -0.16 -2.19 0.91
C LEU A 50 -0.71 -3.62 0.99
N SER A 51 -0.75 -4.15 2.25
CA SER A 51 -1.26 -5.50 2.56
C SER A 51 -2.76 -5.61 2.24
N ASP A 52 -3.50 -4.52 2.53
CA ASP A 52 -4.95 -4.44 2.27
C ASP A 52 -5.25 -4.41 0.75
N TYR A 53 -4.43 -3.63 0.01
CA TYR A 53 -4.57 -3.45 -1.44
C TYR A 53 -4.25 -4.75 -2.21
N GLU A 54 -3.14 -5.42 -1.84
CA GLU A 54 -2.72 -6.68 -2.51
C GLU A 54 -3.78 -7.78 -2.26
N GLN A 55 -4.43 -7.70 -1.07
CA GLN A 55 -5.49 -8.65 -0.67
C GLN A 55 -6.73 -8.54 -1.59
N LEU A 56 -7.20 -7.29 -1.82
CA LEU A 56 -8.39 -7.03 -2.69
C LEU A 56 -8.06 -7.32 -4.17
N ARG A 57 -6.75 -7.35 -4.49
CA ARG A 57 -6.25 -7.73 -5.83
C ARG A 57 -6.18 -9.26 -6.00
N GLN A 58 -5.96 -9.99 -4.89
CA GLN A 58 -5.89 -11.48 -4.92
C GLN A 58 -7.31 -12.08 -5.03
N VAL A 59 -8.25 -11.47 -4.29
CA VAL A 59 -9.68 -11.91 -4.21
C VAL A 59 -9.78 -13.39 -3.78
N HIS A 60 -9.72 -13.62 -2.47
CA HIS A 60 -9.78 -14.97 -1.88
C HIS A 60 -11.23 -15.34 -1.56
N THR A 61 -11.91 -14.45 -0.82
CA THR A 61 -13.32 -14.62 -0.42
C THR A 61 -14.20 -13.57 -1.14
N ALA A 62 -13.87 -12.28 -0.90
CA ALA A 62 -14.63 -11.11 -1.38
C ALA A 62 -16.08 -11.13 -0.83
N ASN A 63 -16.33 -10.32 0.22
CA ASN A 63 -17.65 -10.21 0.86
C ASN A 63 -18.68 -9.59 -0.12
N LEU A 64 -19.29 -10.47 -0.93
CA LEU A 64 -20.32 -10.10 -1.91
C LEU A 64 -21.68 -9.88 -1.18
N PRO A 65 -22.40 -8.75 -1.48
CA PRO A 65 -23.72 -8.45 -0.86
C PRO A 65 -24.81 -9.47 -1.27
N HIS A 66 -25.80 -9.64 -0.39
CA HIS A 66 -26.95 -10.56 -0.58
C HIS A 66 -28.16 -9.80 -1.17
N VAL A 67 -27.94 -8.54 -1.62
CA VAL A 67 -28.97 -7.73 -2.26
C VAL A 67 -29.10 -8.13 -3.76
N PHE A 68 -30.05 -9.03 -4.03
CA PHE A 68 -30.35 -9.49 -5.40
C PHE A 68 -31.26 -8.46 -6.08
N ASN A 69 -30.69 -7.71 -7.03
CA ASN A 69 -31.40 -6.67 -7.78
C ASN A 69 -30.94 -6.68 -9.24
N GLU A 70 -31.77 -6.08 -10.13
CA GLU A 70 -31.50 -5.95 -11.57
C GLU A 70 -31.48 -7.30 -12.33
N GLY A 71 -31.86 -8.39 -11.63
CA GLY A 71 -31.91 -9.73 -12.23
C GLY A 71 -33.30 -10.05 -12.75
N ARG A 72 -33.80 -9.17 -13.64
CA ARG A 72 -35.16 -9.25 -14.19
C ARG A 72 -35.19 -10.19 -15.41
N GLY A 73 -34.43 -9.81 -16.46
CA GLY A 73 -34.32 -10.62 -17.69
C GLY A 73 -35.58 -10.55 -18.56
#